data_7A65
#
_entry.id   7A65
#
_cell.length_a   1.00
_cell.length_b   1.00
_cell.length_c   1.00
_cell.angle_alpha   90.00
_cell.angle_beta   90.00
_cell.angle_gamma   90.00
#
_symmetry.space_group_name_H-M   'P 1'
#
loop_
_entity.id
_entity.type
_entity.pdbx_description
1 polymer 'Multidrug resistance protein 1'
2 polymer 'MRK16 Fab-fragment light chain'
3 polymer 'MRK16 Fab-fragment heavy chain'
4 non-polymer CHOLESTEROL
#
loop_
_entity_poly.entity_id
_entity_poly.type
_entity_poly.pdbx_seq_one_letter_code
_entity_poly.pdbx_strand_id
1 'polypeptide(L)'
;MDLEGDRNGGAKKKNFFKLNNKSEKDKKEKKPTVSVFSMFRYSNWLDKLYMVVGTLAAIIHGAGLPLMMLVFGEMTDIFA
NAGNLEDLMSNITNRSDINDTGFFMNLEEDMTRYAYYYSGIGAGVLVAAYIQVSFWCLAAGRQIHKIRKQFFHAIMRQEI
GWFDVHDVGELNTRLTDDVSKINEGIGDKIGMFFQSMATFFTGFIVGFTRGWKLTLVILAISPVLGLSAAVWAKILSSFT
DKELLAYAKAGAVAEEVLAAIRTVIAFGGQKKELERYNKNLEEAKRIGIKKAITANISIGAAFLLIYASYALAFWYGTTL
VLSGEYSIGQVLTVFFSVLIGAFSVGQASPSIEAFANARGAAYEIFKIIDNKPSIDSYSKSGHKPDNIKGNLEFRNVHFS
YPSRKEVKILKGLNLKVQSGQTVALVGNSGCGKSTTVQLMQRLYDPTEGMVSVDGQDIRTINVRFLREIIGVVSQEPVLF
ATTIAENIRYGRENVTMDEIEKAVKEANAYDFIMKLPHKFDTLVGERGAQLSGGQKQRIAIARALVRNPKILLLDEATSA
LDTESEAVVQVALDKARKGRTTIVIAHRLSTVRNADVIAGFDDGVIVEKGNHDELMKEKGIYFKLVTMQTAGNEVELENA
ADESKSEIDALEMSSNDSRSSLIRKRSTRRSVRGSQAQDRKLSTKEALDESIPPVSFWRIMKLNLTEWPYFVVGVFCAII
NGGLQPAFAIIFSKIIGVFTRIDDPETKRQNSNLFSLLFLALGIISFITFFLQGFTFGKAGEILTKRLRYMVFRSMLRQD
VSWFDDPKNTTGALTTRLANDAAQVKGAIGSRLAVITQNIANLGTGIIISFIYGWQLTLLLLAIVPIIAIAGVVEMKMLS
GQALKDKKELEGAGKIATEAIENFRTVVSLTQEQKFEHMYAQSLQVPYRNSLRKAHIFGITFSFTQAMMYFSYAGCFRFG
AYLVAHKLMSFEDVLLVFSAVVFGAMAVGQVSSFAPDYAKAKISAAHIIMIIEKTPLIDSYSTEGLMPNTLEGNVTFGEV
VFNYPTRPDIPVLQGLSLEVKKGQTLALVGSSGCGKSTVVQLLERFYDPLAGKVLLDGKEIKRLNVQWLRAHLGIVSQEP
ILFDCSIAENIAYGDNSRVVSQEEIVRAAKEANIHAFIESLPNKYSTKVGDKGTQLSGGQKQRIAIARALVRQPHILLLD
EATSALDTESEKVVQEALDKAREGRTCIVIAHRLSTIQNADLIVVFQNGRVKEHGTHQQLLAQKGIYFSMVSVQAGTKRQ
;
A
2 'polypeptide(L)'
;DVLMTQTPVSLSVSLGDQASISCRSSQSIVHSTGNTYLEWYLQKPGQSPKLLIYKISNRFSGVPDRFSGSGSGTDFTLKI
SRVEAEDLGVYYCFQASHAPRTFGGGTKLEIKRADAAPTVSIFPPSSEQLTSGGASVVCFLNNFYPKDINVKWKIDGSER
QNGVLNSWTDQDSKDSTYSMSSTLTLTKDEYERHNSYTCEATHKTSTSPIVKSFNRNEC
;
B
3 'polypeptide(L)'
;EVILVESGGGLVKPGGSLKLSCAASGFTFSSYTMSWVRQTPEKRLEWVATISSGGGNTYYPDSVKGRFTISRDNAKNNLY
LQMSSLRSEDTALYYCARYYRYEAWFASWGQGTLVTVSAAKTTAPSVYPLAPVCGDTTGSSVTLGCLVKGYFPEPVTLTW
NSGSLSSGVHTFPAVLQSDLYTLSSSVTVTSSTWPSQSITCNVAHPASSTKVDKKIEP
;
C
#
loop_
_chem_comp.id
_chem_comp.type
_chem_comp.name
_chem_comp.formula
CLR non-polymer CHOLESTEROL 'C27 H46 O'
#
# COMPACT_ATOMS: atom_id res chain seq x y z
N PRO A 32 -15.88 22.14 -18.61
CA PRO A 32 -16.61 21.63 -17.45
C PRO A 32 -16.59 20.11 -17.37
N THR A 33 -17.58 19.55 -16.69
CA THR A 33 -17.73 18.12 -16.51
C THR A 33 -19.17 17.73 -16.81
N VAL A 34 -19.38 16.46 -17.12
CA VAL A 34 -20.73 16.02 -17.45
C VAL A 34 -21.60 16.03 -16.20
N SER A 35 -22.88 15.85 -16.42
CA SER A 35 -23.79 15.61 -15.31
C SER A 35 -23.66 14.17 -14.84
N VAL A 36 -24.05 13.96 -13.58
CA VAL A 36 -24.03 12.60 -13.04
C VAL A 36 -25.02 11.72 -13.79
N PHE A 37 -26.18 12.28 -14.14
CA PHE A 37 -27.22 11.47 -14.78
C PHE A 37 -26.82 11.04 -16.18
N SER A 38 -26.09 11.88 -16.92
CA SER A 38 -25.67 11.50 -18.26
C SER A 38 -24.59 10.45 -18.25
N MET A 39 -23.87 10.29 -17.13
CA MET A 39 -22.87 9.23 -17.03
C MET A 39 -23.54 7.87 -17.13
N PHE A 40 -24.62 7.66 -16.38
CA PHE A 40 -25.36 6.42 -16.40
C PHE A 40 -26.50 6.43 -17.41
N ARG A 41 -26.35 7.21 -18.47
CA ARG A 41 -27.40 7.29 -19.48
C ARG A 41 -27.48 6.00 -20.29
N TYR A 42 -26.34 5.46 -20.69
CA TYR A 42 -26.32 4.26 -21.52
C TYR A 42 -26.69 3.02 -20.73
N SER A 43 -26.87 3.13 -19.42
CA SER A 43 -27.18 1.96 -18.61
C SER A 43 -28.64 1.57 -18.77
N ASN A 44 -28.89 0.31 -19.08
CA ASN A 44 -30.25 -0.22 -19.19
C ASN A 44 -30.84 -0.41 -17.81
N TRP A 45 -32.13 -0.78 -17.79
CA TRP A 45 -32.79 -1.08 -16.52
C TRP A 45 -32.16 -2.27 -15.83
N LEU A 46 -31.62 -3.20 -16.60
CA LEU A 46 -30.91 -4.34 -16.02
C LEU A 46 -29.68 -3.88 -15.27
N ASP A 47 -28.93 -2.95 -15.85
CA ASP A 47 -27.75 -2.45 -15.15
C ASP A 47 -28.13 -1.61 -13.96
N LYS A 48 -29.28 -0.93 -14.00
CA LYS A 48 -29.73 -0.21 -12.81
C LYS A 48 -30.10 -1.18 -11.70
N LEU A 49 -30.70 -2.32 -12.05
CA LEU A 49 -30.94 -3.33 -11.03
C LEU A 49 -29.62 -3.84 -10.45
N TYR A 50 -28.64 -4.06 -11.31
CA TYR A 50 -27.31 -4.44 -10.83
C TYR A 50 -26.79 -3.42 -9.82
N MET A 51 -26.93 -2.13 -10.13
CA MET A 51 -26.41 -1.11 -9.24
C MET A 51 -27.13 -1.11 -7.90
N VAL A 52 -28.45 -1.27 -7.90
CA VAL A 52 -29.18 -1.27 -6.63
C VAL A 52 -28.75 -2.44 -5.77
N VAL A 53 -28.71 -3.64 -6.36
CA VAL A 53 -28.32 -4.79 -5.55
C VAL A 53 -26.85 -4.71 -5.13
N GLY A 54 -25.99 -4.14 -5.98
CA GLY A 54 -24.59 -3.99 -5.61
C GLY A 54 -24.42 -3.02 -4.46
N THR A 55 -25.17 -1.93 -4.45
CA THR A 55 -25.16 -1.04 -3.30
C THR A 55 -25.56 -1.76 -2.03
N LEU A 56 -26.65 -2.53 -2.09
CA LEU A 56 -27.07 -3.22 -0.87
C LEU A 56 -26.04 -4.23 -0.42
N ALA A 57 -25.41 -4.93 -1.36
CA ALA A 57 -24.39 -5.90 -0.99
C ALA A 57 -23.20 -5.23 -0.34
N ALA A 58 -22.78 -4.09 -0.88
CA ALA A 58 -21.66 -3.37 -0.27
C ALA A 58 -22.02 -2.90 1.11
N ILE A 59 -23.27 -2.49 1.34
CA ILE A 59 -23.64 -2.03 2.67
C ILE A 59 -23.58 -3.17 3.69
N ILE A 60 -24.07 -4.35 3.31
CA ILE A 60 -23.95 -5.51 4.18
C ILE A 60 -22.47 -5.83 4.46
N HIS A 61 -21.71 -6.02 3.38
CA HIS A 61 -20.30 -6.36 3.50
C HIS A 61 -19.56 -5.35 4.36
N GLY A 62 -19.97 -4.09 4.32
CA GLY A 62 -19.32 -3.09 5.15
C GLY A 62 -19.71 -3.22 6.60
N ALA A 63 -20.99 -3.44 6.88
CA ALA A 63 -21.38 -3.64 8.27
C ALA A 63 -20.81 -4.92 8.86
N GLY A 64 -20.15 -5.73 8.05
CA GLY A 64 -19.63 -7.01 8.55
C GLY A 64 -18.54 -6.89 9.60
N LEU A 65 -17.62 -5.93 9.45
CA LEU A 65 -16.41 -5.94 10.26
C LEU A 65 -16.64 -5.46 11.70
N PRO A 66 -17.26 -4.30 11.95
CA PRO A 66 -17.47 -3.90 13.33
C PRO A 66 -18.26 -4.88 14.15
N LEU A 67 -19.18 -5.63 13.53
CA LEU A 67 -19.89 -6.66 14.27
C LEU A 67 -18.93 -7.73 14.74
N MET A 68 -17.95 -8.08 13.91
CA MET A 68 -16.95 -9.03 14.35
C MET A 68 -16.20 -8.50 15.56
N MET A 69 -15.87 -7.21 15.56
CA MET A 69 -15.16 -6.68 16.71
C MET A 69 -16.04 -6.69 17.96
N LEU A 70 -17.35 -6.54 17.79
CA LEU A 70 -18.27 -6.67 18.92
C LEU A 70 -18.25 -8.07 19.50
N VAL A 71 -18.36 -9.08 18.64
CA VAL A 71 -18.25 -10.46 19.08
C VAL A 71 -16.93 -10.69 19.78
N PHE A 72 -15.85 -10.07 19.28
CA PHE A 72 -14.54 -10.28 19.85
C PHE A 72 -14.44 -9.73 21.26
N GLY A 73 -14.96 -8.53 21.48
CA GLY A 73 -15.02 -8.01 22.83
C GLY A 73 -15.72 -8.97 23.77
N GLU A 74 -16.89 -9.46 23.36
CA GLU A 74 -17.62 -10.38 24.24
C GLU A 74 -16.84 -11.66 24.49
N MET A 75 -16.11 -12.13 23.47
CA MET A 75 -15.37 -13.38 23.62
C MET A 75 -14.20 -13.24 24.58
N THR A 76 -13.49 -12.11 24.53
CA THR A 76 -12.43 -11.93 25.53
C THR A 76 -13.01 -11.76 26.92
N ASP A 77 -14.20 -11.18 27.01
CA ASP A 77 -14.84 -11.11 28.32
C ASP A 77 -15.12 -12.49 28.88
N ILE A 78 -15.46 -13.45 28.02
CA ILE A 78 -15.67 -14.80 28.53
C ILE A 78 -14.33 -15.44 28.89
N PHE A 79 -13.35 -15.38 27.98
CA PHE A 79 -12.05 -15.99 28.24
C PHE A 79 -11.42 -15.48 29.53
N ALA A 80 -11.66 -14.22 29.89
CA ALA A 80 -11.01 -13.68 31.09
C ALA A 80 -11.62 -14.23 32.36
N ASN A 81 -12.85 -14.70 32.31
CA ASN A 81 -13.49 -15.30 33.47
C ASN A 81 -13.39 -16.80 33.48
N ALA A 82 -12.79 -17.40 32.45
CA ALA A 82 -12.75 -18.84 32.32
C ALA A 82 -12.12 -19.51 33.54
N GLY A 83 -11.02 -18.95 34.04
CA GLY A 83 -10.35 -19.56 35.17
C GLY A 83 -10.85 -19.01 36.49
N ASN A 84 -11.79 -19.72 37.11
CA ASN A 84 -12.37 -19.30 38.37
C ASN A 84 -11.82 -20.17 39.49
N LEU A 85 -11.72 -19.59 40.67
CA LEU A 85 -11.15 -20.31 41.80
C LEU A 85 -12.14 -21.31 42.38
N PHE A 104 -11.57 -25.27 34.74
CA PHE A 104 -12.26 -24.60 33.63
C PHE A 104 -13.55 -25.32 33.26
N MET A 105 -14.66 -24.64 33.49
CA MET A 105 -15.99 -25.20 33.27
C MET A 105 -16.68 -24.42 32.16
N ASN A 106 -17.26 -25.15 31.21
CA ASN A 106 -18.07 -24.60 30.13
C ASN A 106 -17.28 -23.66 29.24
N LEU A 107 -15.96 -23.73 29.27
CA LEU A 107 -15.18 -22.97 28.31
C LEU A 107 -15.45 -23.42 26.89
N GLU A 108 -15.29 -24.71 26.62
CA GLU A 108 -15.47 -25.22 25.27
C GLU A 108 -16.89 -24.98 24.76
N GLU A 109 -17.88 -25.01 25.64
CA GLU A 109 -19.26 -24.78 25.20
C GLU A 109 -19.47 -23.35 24.73
N ASP A 110 -19.09 -22.38 25.56
CA ASP A 110 -19.24 -20.99 25.18
C ASP A 110 -18.43 -20.68 23.92
N MET A 111 -17.24 -21.24 23.82
CA MET A 111 -16.47 -20.99 22.62
C MET A 111 -17.07 -21.66 21.40
N THR A 112 -17.80 -22.76 21.57
CA THR A 112 -18.57 -23.28 20.47
C THR A 112 -19.63 -22.28 20.01
N ARG A 113 -20.33 -21.68 20.97
CA ARG A 113 -21.34 -20.68 20.61
C ARG A 113 -20.72 -19.54 19.81
N TYR A 114 -19.62 -19.00 20.32
CA TYR A 114 -19.04 -17.85 19.63
C TYR A 114 -18.38 -18.25 18.32
N ALA A 115 -17.90 -19.49 18.21
CA ALA A 115 -17.39 -19.93 16.92
C ALA A 115 -18.51 -19.99 15.90
N TYR A 116 -19.71 -20.39 16.32
CA TYR A 116 -20.84 -20.34 15.41
C TYR A 116 -21.14 -18.91 14.98
N TYR A 117 -21.11 -17.97 15.94
CA TYR A 117 -21.35 -16.56 15.59
C TYR A 117 -20.33 -16.05 14.58
N TYR A 118 -19.04 -16.30 14.83
CA TYR A 118 -18.00 -15.89 13.91
C TYR A 118 -18.21 -16.50 12.53
N SER A 119 -18.54 -17.79 12.46
CA SER A 119 -18.67 -18.43 11.17
C SER A 119 -19.85 -17.87 10.39
N GLY A 120 -20.96 -17.56 11.08
CA GLY A 120 -22.09 -16.97 10.41
C GLY A 120 -21.79 -15.59 9.84
N ILE A 121 -21.13 -14.75 10.63
CA ILE A 121 -20.72 -13.44 10.11
C ILE A 121 -19.81 -13.61 8.90
N GLY A 122 -18.90 -14.58 8.95
CA GLY A 122 -18.00 -14.79 7.84
C GLY A 122 -18.71 -15.21 6.56
N ALA A 123 -19.65 -16.15 6.68
CA ALA A 123 -20.38 -16.60 5.49
C ALA A 123 -21.25 -15.50 4.91
N GLY A 124 -21.94 -14.75 5.77
CA GLY A 124 -22.65 -13.58 5.28
C GLY A 124 -21.75 -12.63 4.51
N VAL A 125 -20.55 -12.38 5.04
CA VAL A 125 -19.63 -11.49 4.35
C VAL A 125 -19.18 -12.08 3.03
N LEU A 126 -19.03 -13.40 2.96
CA LEU A 126 -18.67 -14.05 1.70
C LEU A 126 -19.71 -13.76 0.63
N VAL A 127 -20.98 -13.96 0.97
CA VAL A 127 -22.05 -13.72 0.00
C VAL A 127 -22.07 -12.25 -0.41
N ALA A 128 -22.03 -11.35 0.57
CA ALA A 128 -22.12 -9.93 0.26
C ALA A 128 -20.96 -9.48 -0.61
N ALA A 129 -19.75 -9.94 -0.30
CA ALA A 129 -18.59 -9.54 -1.09
C ALA A 129 -18.73 -9.98 -2.53
N TYR A 130 -19.09 -11.25 -2.75
CA TYR A 130 -19.23 -11.72 -4.12
C TYR A 130 -20.26 -10.91 -4.88
N ILE A 131 -21.43 -10.71 -4.28
CA ILE A 131 -22.48 -9.96 -4.97
C ILE A 131 -22.00 -8.56 -5.30
N GLN A 132 -21.39 -7.88 -4.33
CA GLN A 132 -21.02 -6.48 -4.51
C GLN A 132 -19.99 -6.30 -5.60
N VAL A 133 -19.00 -7.18 -5.66
CA VAL A 133 -18.00 -7.04 -6.70
C VAL A 133 -18.60 -7.36 -8.06
N SER A 134 -19.27 -8.51 -8.17
CA SER A 134 -19.72 -8.99 -9.47
C SER A 134 -20.67 -8.00 -10.13
N PHE A 135 -21.68 -7.54 -9.39
CA PHE A 135 -22.70 -6.74 -10.05
C PHE A 135 -22.13 -5.43 -10.57
N TRP A 136 -21.22 -4.81 -9.83
CA TRP A 136 -20.66 -3.55 -10.27
C TRP A 136 -19.72 -3.74 -11.44
N CYS A 137 -18.86 -4.76 -11.41
CA CYS A 137 -18.00 -4.98 -12.57
C CYS A 137 -18.83 -5.26 -13.82
N LEU A 138 -19.93 -6.01 -13.67
CA LEU A 138 -20.78 -6.32 -14.82
C LEU A 138 -21.42 -5.06 -15.38
N ALA A 139 -22.04 -4.26 -14.52
CA ALA A 139 -22.70 -3.04 -15.01
C ALA A 139 -21.70 -2.14 -15.71
N ALA A 140 -20.54 -1.93 -15.11
CA ALA A 140 -19.54 -1.07 -15.75
C ALA A 140 -19.10 -1.65 -17.08
N GLY A 141 -18.93 -2.96 -17.16
CA GLY A 141 -18.48 -3.55 -18.41
C GLY A 141 -19.48 -3.38 -19.53
N ARG A 142 -20.74 -3.69 -19.27
CA ARG A 142 -21.74 -3.53 -20.32
C ARG A 142 -21.83 -2.09 -20.77
N GLN A 143 -21.79 -1.15 -19.82
CA GLN A 143 -21.90 0.25 -20.19
C GLN A 143 -20.69 0.69 -21.02
N ILE A 144 -19.50 0.22 -20.67
CA ILE A 144 -18.32 0.61 -21.44
C ILE A 144 -18.34 0.01 -22.83
N HIS A 145 -18.91 -1.18 -22.99
CA HIS A 145 -19.07 -1.73 -24.33
C HIS A 145 -19.97 -0.84 -25.18
N LYS A 146 -21.12 -0.45 -24.61
CA LYS A 146 -22.00 0.46 -25.33
C LYS A 146 -21.30 1.77 -25.69
N ILE A 147 -20.50 2.29 -24.76
CA ILE A 147 -19.84 3.56 -25.00
C ILE A 147 -18.79 3.44 -26.08
N ARG A 148 -18.02 2.35 -26.09
CA ARG A 148 -17.03 2.20 -27.16
C ARG A 148 -17.71 2.11 -28.52
N LYS A 149 -18.80 1.35 -28.63
CA LYS A 149 -19.48 1.27 -29.91
C LYS A 149 -19.97 2.64 -30.35
N GLN A 150 -20.69 3.34 -29.46
CA GLN A 150 -21.20 4.66 -29.82
C GLN A 150 -20.09 5.62 -30.17
N PHE A 151 -18.95 5.54 -29.48
CA PHE A 151 -17.87 6.48 -29.73
C PHE A 151 -17.26 6.27 -31.10
N PHE A 152 -16.97 5.01 -31.43
CA PHE A 152 -16.37 4.70 -32.72
C PHE A 152 -17.29 5.04 -33.88
N HIS A 153 -18.59 4.96 -33.64
CA HIS A 153 -19.57 5.26 -34.68
C HIS A 153 -19.78 6.76 -34.82
N ALA A 154 -19.64 7.47 -33.71
CA ALA A 154 -19.81 8.93 -33.71
C ALA A 154 -18.65 9.61 -34.42
N ILE A 155 -17.47 9.00 -34.35
CA ILE A 155 -16.29 9.55 -34.98
C ILE A 155 -16.27 9.25 -36.48
N MET A 156 -17.04 8.25 -36.88
CA MET A 156 -17.10 7.88 -38.30
C MET A 156 -17.73 8.98 -39.14
N ARG A 157 -18.94 9.38 -38.79
CA ARG A 157 -19.62 10.44 -39.51
C ARG A 157 -18.79 11.71 -39.38
N GLN A 158 -18.64 12.15 -38.13
CA GLN A 158 -17.85 13.34 -37.81
C GLN A 158 -18.10 14.54 -38.72
N GLU A 159 -17.04 14.99 -39.37
CA GLU A 159 -17.12 16.14 -40.27
C GLU A 159 -15.91 16.16 -41.20
N ILE A 160 -16.12 16.61 -42.43
CA ILE A 160 -15.07 16.68 -43.44
C ILE A 160 -14.09 17.73 -42.93
N GLY A 161 -12.80 17.42 -42.94
CA GLY A 161 -11.83 18.35 -42.45
C GLY A 161 -11.78 18.49 -40.94
N TRP A 162 -12.81 18.01 -40.23
CA TRP A 162 -12.73 18.00 -38.78
C TRP A 162 -11.57 17.15 -38.31
N PHE A 163 -11.25 16.09 -39.06
CA PHE A 163 -10.15 15.21 -38.67
C PHE A 163 -8.82 15.92 -38.79
N ASP A 164 -8.67 16.78 -39.80
CA ASP A 164 -7.44 17.55 -39.94
C ASP A 164 -7.29 18.53 -38.79
N VAL A 165 -8.39 19.14 -38.36
CA VAL A 165 -8.35 20.05 -37.21
C VAL A 165 -7.94 19.29 -35.96
N HIS A 166 -8.73 18.28 -35.58
CA HIS A 166 -8.40 17.46 -34.44
C HIS A 166 -7.06 16.77 -34.65
N ASP A 167 -6.41 16.42 -33.55
CA ASP A 167 -5.10 15.79 -33.63
C ASP A 167 -5.26 14.31 -33.96
N VAL A 168 -4.33 13.78 -34.75
CA VAL A 168 -4.35 12.35 -35.05
C VAL A 168 -4.03 11.55 -33.79
N GLY A 169 -2.98 11.96 -33.08
CA GLY A 169 -2.61 11.32 -31.84
C GLY A 169 -3.70 11.43 -30.79
N GLU A 170 -4.42 12.55 -30.77
CA GLU A 170 -5.54 12.66 -29.85
C GLU A 170 -6.68 11.74 -30.25
N LEU A 171 -6.95 11.61 -31.54
CA LEU A 171 -8.03 10.74 -31.95
C LEU A 171 -7.73 9.28 -31.65
N ASN A 172 -6.46 8.88 -31.70
CA ASN A 172 -6.13 7.51 -31.36
C ASN A 172 -5.87 7.29 -29.87
N THR A 173 -5.52 8.35 -29.14
CA THR A 173 -5.10 8.28 -27.76
C THR A 173 -6.21 8.62 -26.78
N ARG A 174 -6.81 9.79 -26.98
CA ARG A 174 -8.04 10.19 -26.33
C ARG A 174 -9.02 9.03 -26.20
N LEU A 175 -9.19 8.26 -27.28
CA LEU A 175 -10.13 7.14 -27.25
C LEU A 175 -9.83 6.20 -26.09
N THR A 176 -8.67 5.54 -26.15
CA THR A 176 -8.34 4.51 -25.17
C THR A 176 -8.21 5.10 -23.78
N ASP A 177 -7.50 6.23 -23.65
CA ASP A 177 -7.29 6.83 -22.33
C ASP A 177 -8.61 7.22 -21.69
N ASP A 178 -9.41 8.05 -22.37
CA ASP A 178 -10.67 8.49 -21.80
C ASP A 178 -11.57 7.32 -21.46
N VAL A 179 -11.67 6.33 -22.34
CA VAL A 179 -12.63 5.26 -22.07
C VAL A 179 -12.17 4.41 -20.90
N SER A 180 -10.87 4.13 -20.82
CA SER A 180 -10.37 3.36 -19.69
C SER A 180 -10.48 4.14 -18.39
N LYS A 181 -10.46 5.47 -18.48
CA LYS A 181 -10.63 6.30 -17.29
C LYS A 181 -12.09 6.39 -16.87
N ILE A 182 -13.02 6.24 -17.80
CA ILE A 182 -14.43 6.21 -17.42
C ILE A 182 -14.76 4.89 -16.73
N ASN A 183 -14.20 3.80 -17.24
CA ASN A 183 -14.47 2.49 -16.67
C ASN A 183 -14.07 2.44 -15.20
N GLU A 184 -12.93 3.03 -14.86
CA GLU A 184 -12.45 2.99 -13.49
C GLU A 184 -13.37 3.77 -12.55
N GLY A 185 -14.00 4.82 -13.07
CA GLY A 185 -14.80 5.67 -12.20
C GLY A 185 -16.16 5.08 -11.90
N ILE A 186 -16.78 4.40 -12.87
CA ILE A 186 -18.08 3.79 -12.67
C ILE A 186 -17.96 2.31 -12.33
N GLY A 187 -16.74 1.80 -12.19
CA GLY A 187 -16.55 0.40 -11.88
C GLY A 187 -16.76 0.08 -10.41
N ASP A 188 -15.92 -0.80 -9.88
CA ASP A 188 -16.08 -1.20 -8.49
C ASP A 188 -15.76 -0.11 -7.49
N LYS A 189 -15.17 1.00 -7.95
CA LYS A 189 -14.79 2.05 -7.01
C LYS A 189 -16.01 2.62 -6.31
N ILE A 190 -17.12 2.75 -7.02
CA ILE A 190 -18.34 3.25 -6.39
C ILE A 190 -18.84 2.28 -5.35
N GLY A 191 -18.75 0.99 -5.65
CA GLY A 191 -19.14 -0.02 -4.68
C GLY A 191 -18.30 0.06 -3.41
N MET A 192 -16.99 0.19 -3.57
CA MET A 192 -16.13 0.30 -2.41
C MET A 192 -16.42 1.57 -1.62
N PHE A 193 -16.77 2.65 -2.31
CA PHE A 193 -17.11 3.87 -1.60
C PHE A 193 -18.34 3.66 -0.72
N PHE A 194 -19.35 3.00 -1.26
CA PHE A 194 -20.54 2.78 -0.43
C PHE A 194 -20.24 1.79 0.70
N GLN A 195 -19.37 0.82 0.45
CA GLN A 195 -18.96 -0.09 1.51
C GLN A 195 -18.31 0.67 2.65
N SER A 196 -17.43 1.60 2.32
CA SER A 196 -16.73 2.35 3.35
C SER A 196 -17.70 3.22 4.14
N MET A 197 -18.65 3.86 3.45
CA MET A 197 -19.65 4.65 4.16
C MET A 197 -20.41 3.78 5.16
N ALA A 198 -20.88 2.62 4.72
CA ALA A 198 -21.62 1.76 5.62
C ALA A 198 -20.77 1.30 6.79
N THR A 199 -19.48 1.01 6.54
CA THR A 199 -18.60 0.58 7.62
C THR A 199 -18.44 1.68 8.66
N PHE A 200 -18.25 2.91 8.21
CA PHE A 200 -18.14 4.04 9.12
C PHE A 200 -19.38 4.16 10.00
N PHE A 201 -20.56 4.15 9.39
CA PHE A 201 -21.77 4.33 10.18
C PHE A 201 -21.99 3.15 11.12
N THR A 202 -21.72 1.93 10.66
CA THR A 202 -21.94 0.77 11.50
C THR A 202 -20.98 0.75 12.68
N GLY A 203 -19.71 1.04 12.42
CA GLY A 203 -18.75 1.13 13.50
C GLY A 203 -19.16 2.13 14.56
N PHE A 204 -19.51 3.34 14.14
CA PHE A 204 -19.89 4.32 15.13
C PHE A 204 -21.13 3.91 15.90
N ILE A 205 -22.10 3.27 15.22
CA ILE A 205 -23.33 2.90 15.92
C ILE A 205 -23.06 1.82 16.95
N VAL A 206 -22.28 0.80 16.57
CA VAL A 206 -21.98 -0.27 17.51
C VAL A 206 -21.18 0.27 18.69
N GLY A 207 -20.23 1.15 18.41
CA GLY A 207 -19.48 1.77 19.49
C GLY A 207 -20.37 2.55 20.44
N PHE A 208 -21.21 3.44 19.90
CA PHE A 208 -22.09 4.22 20.73
C PHE A 208 -23.04 3.35 21.54
N THR A 209 -23.38 2.17 21.03
CA THR A 209 -24.30 1.33 21.77
C THR A 209 -23.61 0.64 22.94
N ARG A 210 -22.37 0.18 22.73
CA ARG A 210 -21.70 -0.50 23.84
C ARG A 210 -21.29 0.49 24.93
N GLY A 211 -20.53 1.52 24.59
CA GLY A 211 -20.16 2.51 25.57
C GLY A 211 -20.00 3.91 24.99
N TRP A 212 -20.67 4.90 25.57
CA TRP A 212 -20.64 6.22 24.98
C TRP A 212 -19.50 7.08 25.48
N LYS A 213 -19.04 6.87 26.71
CA LYS A 213 -17.95 7.68 27.24
C LYS A 213 -16.69 7.51 26.42
N LEU A 214 -16.33 6.28 26.08
CA LEU A 214 -15.09 6.06 25.35
C LEU A 214 -15.22 6.51 23.91
N THR A 215 -16.39 6.31 23.31
CA THR A 215 -16.54 6.72 21.93
C THR A 215 -16.57 8.23 21.80
N LEU A 216 -16.93 8.96 22.86
CA LEU A 216 -16.85 10.41 22.78
C LEU A 216 -15.40 10.87 22.63
N VAL A 217 -14.49 10.27 23.40
CA VAL A 217 -13.09 10.63 23.25
C VAL A 217 -12.55 10.21 21.89
N ILE A 218 -12.84 8.97 21.47
CA ILE A 218 -12.31 8.54 20.18
C ILE A 218 -12.92 9.37 19.05
N LEU A 219 -14.12 9.90 19.24
CA LEU A 219 -14.69 10.83 18.28
C LEU A 219 -13.96 12.16 18.31
N ALA A 220 -13.65 12.65 19.51
CA ALA A 220 -12.88 13.89 19.61
C ALA A 220 -11.60 13.80 18.81
N ILE A 221 -10.95 12.64 18.80
CA ILE A 221 -9.73 12.50 18.02
C ILE A 221 -9.98 11.92 16.64
N SER A 222 -11.23 11.60 16.30
CA SER A 222 -11.52 10.95 15.02
C SER A 222 -11.35 11.83 13.79
N PRO A 223 -11.53 13.16 13.83
CA PRO A 223 -11.23 13.94 12.62
C PRO A 223 -9.79 13.80 12.17
N VAL A 224 -8.86 13.96 13.09
CA VAL A 224 -7.45 13.87 12.72
C VAL A 224 -7.14 12.47 12.18
N LEU A 225 -7.74 11.44 12.77
CA LEU A 225 -7.55 10.08 12.28
C LEU A 225 -8.01 9.94 10.82
N GLY A 226 -9.17 10.49 10.51
CA GLY A 226 -9.68 10.41 9.14
C GLY A 226 -8.87 11.22 8.16
N LEU A 227 -8.51 12.45 8.52
CA LEU A 227 -7.66 13.25 7.66
C LEU A 227 -6.34 12.53 7.40
N SER A 228 -5.75 11.95 8.44
CA SER A 228 -4.48 11.28 8.28
C SER A 228 -4.62 10.06 7.39
N ALA A 229 -5.67 9.27 7.58
CA ALA A 229 -5.89 8.11 6.72
C ALA A 229 -6.05 8.53 5.27
N ALA A 230 -6.79 9.62 5.04
CA ALA A 230 -7.05 10.05 3.66
C ALA A 230 -5.78 10.56 2.99
N VAL A 231 -4.99 11.38 3.71
CA VAL A 231 -3.77 11.92 3.15
C VAL A 231 -2.74 10.82 2.95
N TRP A 232 -2.70 9.86 3.87
CA TRP A 232 -1.82 8.71 3.73
C TRP A 232 -2.18 7.91 2.49
N ALA A 233 -3.47 7.62 2.30
CA ALA A 233 -3.88 6.80 1.17
C ALA A 233 -3.67 7.51 -0.15
N LYS A 234 -4.01 8.80 -0.23
CA LYS A 234 -3.91 9.51 -1.50
C LYS A 234 -2.47 9.60 -1.98
N ILE A 235 -1.53 9.80 -1.06
CA ILE A 235 -0.12 9.76 -1.42
C ILE A 235 0.26 8.36 -1.89
N LEU A 236 -0.22 7.35 -1.18
CA LEU A 236 0.05 5.95 -1.43
C LEU A 236 -0.78 5.37 -2.57
N SER A 237 -1.74 6.14 -3.10
CA SER A 237 -2.66 5.67 -4.13
C SER A 237 -2.00 5.70 -5.50
N SER A 238 -0.93 4.91 -5.63
CA SER A 238 -0.23 4.69 -6.90
C SER A 238 0.18 6.01 -7.54
N PHE A 239 1.10 6.69 -6.87
CA PHE A 239 1.50 8.03 -7.25
C PHE A 239 2.59 8.02 -8.32
N THR A 240 2.30 7.36 -9.43
CA THR A 240 3.16 7.44 -10.60
C THR A 240 2.97 8.72 -11.40
N ASP A 241 1.88 9.45 -11.17
CA ASP A 241 1.64 10.68 -11.89
C ASP A 241 2.61 11.79 -11.50
N LYS A 242 3.27 11.68 -10.35
CA LYS A 242 4.22 12.70 -9.94
C LYS A 242 5.44 12.70 -10.85
N GLU A 243 5.89 11.52 -11.28
CA GLU A 243 7.06 11.45 -12.15
C GLU A 243 6.76 12.02 -13.54
N LEU A 244 5.63 11.66 -14.12
CA LEU A 244 5.25 12.21 -15.42
C LEU A 244 5.05 13.72 -15.34
N LEU A 245 4.61 14.22 -14.19
CA LEU A 245 4.54 15.67 -14.01
C LEU A 245 5.92 16.28 -13.94
N ALA A 246 6.82 15.67 -13.19
CA ALA A 246 8.17 16.22 -13.05
C ALA A 246 8.94 16.12 -14.35
N TYR A 247 8.90 14.97 -14.99
CA TYR A 247 9.62 14.76 -16.24
C TYR A 247 8.94 15.41 -17.43
N ALA A 248 7.76 16.02 -17.24
CA ALA A 248 7.01 16.57 -18.36
C ALA A 248 7.80 17.61 -19.11
N LYS A 249 8.39 18.56 -18.39
CA LYS A 249 9.26 19.54 -19.03
C LYS A 249 10.40 18.85 -19.77
N ALA A 250 11.23 18.11 -19.03
CA ALA A 250 12.41 17.48 -19.61
C ALA A 250 12.07 16.64 -20.81
N GLY A 251 11.06 15.77 -20.67
CA GLY A 251 10.67 14.91 -21.78
C GLY A 251 10.47 15.68 -23.07
N ALA A 252 9.82 16.84 -22.98
CA ALA A 252 9.59 17.64 -24.18
C ALA A 252 10.87 17.81 -24.96
N VAL A 253 11.93 18.30 -24.30
CA VAL A 253 13.19 18.53 -24.98
C VAL A 253 13.63 17.27 -25.70
N ALA A 254 13.55 16.12 -25.04
CA ALA A 254 13.86 14.85 -25.66
C ALA A 254 13.19 14.73 -27.02
N GLU A 255 11.86 14.80 -27.05
CA GLU A 255 11.16 14.57 -28.32
C GLU A 255 11.60 15.56 -29.38
N GLU A 256 11.87 16.81 -29.01
CA GLU A 256 12.39 17.75 -30.00
C GLU A 256 13.57 17.14 -30.72
N VAL A 257 14.61 16.76 -29.97
CA VAL A 257 15.72 16.02 -30.54
C VAL A 257 15.20 14.81 -31.30
N LEU A 258 14.42 13.97 -30.63
CA LEU A 258 13.92 12.76 -31.26
C LEU A 258 13.06 13.07 -32.47
N ALA A 259 12.52 14.28 -32.56
CA ALA A 259 11.78 14.64 -33.75
C ALA A 259 12.68 14.68 -34.97
N ALA A 260 13.84 15.34 -34.85
CA ALA A 260 14.75 15.51 -35.97
C ALA A 260 16.15 15.12 -35.52
N ILE A 261 16.44 13.83 -35.60
CA ILE A 261 17.77 13.36 -35.24
C ILE A 261 18.77 13.71 -36.33
N ARG A 262 18.36 13.57 -37.60
CA ARG A 262 19.28 13.84 -38.69
C ARG A 262 19.77 15.27 -38.69
N THR A 263 18.89 16.23 -38.37
CA THR A 263 19.31 17.62 -38.27
C THR A 263 20.27 17.83 -37.10
N VAL A 264 19.96 17.24 -35.95
CA VAL A 264 20.87 17.27 -34.82
C VAL A 264 22.20 16.64 -35.18
N ILE A 265 22.18 15.67 -36.10
CA ILE A 265 23.45 15.11 -36.57
C ILE A 265 24.15 16.10 -37.47
N ALA A 266 23.39 16.80 -38.31
CA ALA A 266 23.98 17.75 -39.26
C ALA A 266 24.77 18.82 -38.53
N PHE A 267 24.17 19.43 -37.52
CA PHE A 267 24.89 20.44 -36.77
C PHE A 267 25.40 19.86 -35.46
N GLY A 268 26.48 20.44 -34.95
CA GLY A 268 27.15 19.85 -33.81
C GLY A 268 26.41 20.05 -32.52
N GLY A 269 25.29 19.36 -32.36
CA GLY A 269 24.50 19.54 -31.17
C GLY A 269 24.22 18.32 -30.35
N GLN A 270 24.71 17.15 -30.78
CA GLN A 270 24.70 15.98 -29.93
C GLN A 270 25.21 16.30 -28.54
N LYS A 271 26.34 16.99 -28.44
CA LYS A 271 26.87 17.39 -27.14
C LYS A 271 26.14 18.58 -26.56
N LYS A 272 25.62 19.47 -27.40
CA LYS A 272 25.03 20.70 -26.88
C LYS A 272 23.62 20.46 -26.36
N GLU A 273 22.86 19.58 -27.02
CA GLU A 273 21.53 19.25 -26.53
C GLU A 273 21.59 18.49 -25.22
N LEU A 274 22.51 17.54 -25.12
CA LEU A 274 22.65 16.77 -23.90
C LEU A 274 22.72 17.67 -22.69
N GLU A 275 23.57 18.69 -22.73
CA GLU A 275 23.66 19.63 -21.62
C GLU A 275 22.33 20.33 -21.40
N ARG A 276 21.64 20.70 -22.47
CA ARG A 276 20.32 21.29 -22.31
C ARG A 276 19.34 20.30 -21.73
N TYR A 277 19.47 19.02 -22.10
CA TYR A 277 18.65 17.99 -21.51
C TYR A 277 19.02 17.76 -20.05
N ASN A 278 20.31 17.70 -19.76
CA ASN A 278 20.76 17.45 -18.40
C ASN A 278 20.30 18.56 -17.45
N LYS A 279 20.46 19.81 -17.86
CA LYS A 279 20.06 20.93 -17.00
C LYS A 279 18.57 20.90 -16.72
N ASN A 280 17.79 20.47 -17.70
CA ASN A 280 16.35 20.31 -17.49
C ASN A 280 16.08 19.19 -16.49
N LEU A 281 16.91 18.14 -16.52
CA LEU A 281 16.65 16.95 -15.72
C LEU A 281 16.87 17.21 -14.24
N GLU A 282 17.88 17.99 -13.90
CA GLU A 282 18.25 18.18 -12.50
C GLU A 282 17.13 18.85 -11.73
N GLU A 283 16.32 19.67 -12.40
CA GLU A 283 15.22 20.33 -11.73
C GLU A 283 14.16 19.33 -11.31
N ALA A 284 13.78 18.42 -12.22
CA ALA A 284 12.83 17.37 -11.87
C ALA A 284 13.40 16.47 -10.79
N LYS A 285 14.71 16.22 -10.84
CA LYS A 285 15.33 15.43 -9.78
C LYS A 285 15.14 16.10 -8.42
N ARG A 286 15.41 17.40 -8.34
CA ARG A 286 15.28 18.11 -7.06
C ARG A 286 13.83 18.11 -6.59
N ILE A 287 12.89 18.38 -7.51
CA ILE A 287 11.49 18.43 -7.13
C ILE A 287 11.04 17.06 -6.63
N GLY A 288 11.53 16.00 -7.26
CA GLY A 288 11.17 14.66 -6.80
C GLY A 288 11.71 14.36 -5.42
N ILE A 289 12.97 14.75 -5.16
CA ILE A 289 13.52 14.50 -3.84
C ILE A 289 12.70 15.24 -2.79
N LYS A 290 12.25 16.46 -3.10
CA LYS A 290 11.42 17.17 -2.15
C LYS A 290 10.08 16.46 -1.97
N LYS A 291 9.52 15.92 -3.05
CA LYS A 291 8.24 15.24 -2.94
C LYS A 291 8.33 13.99 -2.07
N ALA A 292 9.46 13.27 -2.15
CA ALA A 292 9.60 12.06 -1.35
C ALA A 292 9.71 12.38 0.13
N ILE A 293 10.32 13.51 0.48
CA ILE A 293 10.44 13.90 1.88
C ILE A 293 9.07 14.15 2.47
N THR A 294 8.22 14.87 1.74
CA THR A 294 6.90 15.22 2.27
C THR A 294 6.02 13.99 2.45
N ALA A 295 6.02 13.10 1.46
CA ALA A 295 5.19 11.90 1.54
C ALA A 295 5.53 11.09 2.78
N ASN A 296 6.81 10.85 3.01
CA ASN A 296 7.22 10.04 4.14
C ASN A 296 6.91 10.73 5.46
N ILE A 297 7.10 12.05 5.53
CA ILE A 297 6.72 12.78 6.73
C ILE A 297 5.25 12.54 7.06
N SER A 298 4.39 12.65 6.05
CA SER A 298 2.97 12.52 6.35
C SER A 298 2.61 11.09 6.73
N ILE A 299 3.24 10.10 6.09
CA ILE A 299 2.94 8.71 6.42
C ILE A 299 3.36 8.41 7.86
N GLY A 300 4.58 8.80 8.23
CA GLY A 300 5.03 8.61 9.58
C GLY A 300 4.18 9.34 10.60
N ALA A 301 3.69 10.53 10.25
CA ALA A 301 2.81 11.26 11.15
C ALA A 301 1.50 10.52 11.34
N ALA A 302 0.97 9.91 10.30
CA ALA A 302 -0.20 9.06 10.47
C ALA A 302 0.07 7.93 11.45
N PHE A 303 1.20 7.24 11.29
CA PHE A 303 1.49 6.12 12.19
C PHE A 303 1.60 6.58 13.63
N LEU A 304 2.32 7.67 13.86
CA LEU A 304 2.39 8.24 15.20
C LEU A 304 1.01 8.53 15.74
N LEU A 305 0.12 9.09 14.92
CA LEU A 305 -1.21 9.42 15.41
C LEU A 305 -2.00 8.16 15.79
N ILE A 306 -1.84 7.10 15.01
CA ILE A 306 -2.53 5.83 15.30
C ILE A 306 -2.10 5.29 16.65
N TYR A 307 -0.78 5.16 16.84
CA TYR A 307 -0.28 4.62 18.10
C TYR A 307 -0.60 5.53 19.28
N ALA A 308 -0.60 6.83 19.06
CA ALA A 308 -1.01 7.74 20.13
C ALA A 308 -2.47 7.52 20.49
N SER A 309 -3.31 7.21 19.52
CA SER A 309 -4.70 6.90 19.85
C SER A 309 -4.80 5.60 20.63
N TYR A 310 -3.99 4.60 20.27
CA TYR A 310 -3.91 3.40 21.09
C TYR A 310 -3.60 3.75 22.54
N ALA A 311 -2.57 4.57 22.74
CA ALA A 311 -2.15 4.92 24.09
C ALA A 311 -3.23 5.67 24.85
N LEU A 312 -3.87 6.64 24.21
CA LEU A 312 -4.92 7.40 24.87
C LEU A 312 -6.10 6.51 25.22
N ALA A 313 -6.52 5.67 24.28
CA ALA A 313 -7.66 4.81 24.53
C ALA A 313 -7.36 3.85 25.66
N PHE A 314 -6.17 3.30 25.72
CA PHE A 314 -5.87 2.34 26.78
C PHE A 314 -5.72 3.03 28.12
N TRP A 315 -5.13 4.22 28.16
CA TRP A 315 -5.07 4.96 29.42
C TRP A 315 -6.46 5.23 29.97
N TYR A 316 -7.32 5.87 29.16
CA TYR A 316 -8.64 6.20 29.65
C TYR A 316 -9.47 4.95 29.90
N GLY A 317 -9.32 3.92 29.07
CA GLY A 317 -10.08 2.71 29.26
C GLY A 317 -9.71 1.96 30.52
N THR A 318 -8.41 1.92 30.86
CA THR A 318 -8.04 1.35 32.14
C THR A 318 -8.58 2.17 33.28
N THR A 319 -8.59 3.49 33.14
CA THR A 319 -9.22 4.31 34.17
C THR A 319 -10.68 3.95 34.35
N LEU A 320 -11.35 3.59 33.26
CA LEU A 320 -12.75 3.23 33.37
C LEU A 320 -12.94 1.84 33.96
N VAL A 321 -12.10 0.88 33.57
CA VAL A 321 -12.24 -0.49 34.03
C VAL A 321 -11.96 -0.58 35.52
N LEU A 322 -10.89 0.07 35.99
CA LEU A 322 -10.56 0.02 37.40
C LEU A 322 -11.66 0.64 38.26
N SER A 323 -12.45 1.54 37.69
CA SER A 323 -13.50 2.17 38.47
C SER A 323 -14.79 1.38 38.49
N GLY A 324 -14.88 0.30 37.72
CA GLY A 324 -16.10 -0.48 37.62
C GLY A 324 -17.14 0.07 36.67
N GLU A 325 -16.78 1.05 35.85
CA GLU A 325 -17.75 1.64 34.93
C GLU A 325 -18.00 0.74 33.73
N TYR A 326 -16.94 0.24 33.12
CA TYR A 326 -17.03 -0.65 31.98
C TYR A 326 -16.18 -1.88 32.25
N SER A 327 -16.42 -2.94 31.51
CA SER A 327 -15.56 -4.11 31.60
C SER A 327 -14.45 -4.00 30.57
N ILE A 328 -13.68 -5.07 30.40
CA ILE A 328 -12.54 -5.02 29.50
C ILE A 328 -12.98 -5.26 28.06
N GLY A 329 -13.78 -6.28 27.84
CA GLY A 329 -14.26 -6.53 26.49
C GLY A 329 -15.07 -5.38 25.94
N GLN A 330 -15.86 -4.74 26.78
CA GLN A 330 -16.58 -3.54 26.39
C GLN A 330 -15.64 -2.48 25.84
N VAL A 331 -14.54 -2.23 26.53
CA VAL A 331 -13.57 -1.24 26.07
C VAL A 331 -12.97 -1.66 24.75
N LEU A 332 -12.62 -2.94 24.60
CA LEU A 332 -12.02 -3.38 23.35
C LEU A 332 -12.99 -3.21 22.19
N THR A 333 -14.27 -3.54 22.42
CA THR A 333 -15.28 -3.41 21.37
C THR A 333 -15.43 -1.96 20.94
N VAL A 334 -15.68 -1.07 21.90
CA VAL A 334 -15.86 0.33 21.59
C VAL A 334 -14.66 0.87 20.82
N PHE A 335 -13.46 0.61 21.33
CA PHE A 335 -12.27 1.18 20.72
C PHE A 335 -12.09 0.68 19.30
N PHE A 336 -12.07 -0.64 19.10
CA PHE A 336 -11.78 -1.12 17.75
C PHE A 336 -12.85 -0.75 16.75
N SER A 337 -14.13 -0.73 17.17
CA SER A 337 -15.17 -0.34 16.24
C SER A 337 -14.99 1.10 15.79
N VAL A 338 -14.81 2.03 16.74
CA VAL A 338 -14.74 3.42 16.33
C VAL A 338 -13.47 3.68 15.53
N LEU A 339 -12.36 3.02 15.88
CA LEU A 339 -11.14 3.18 15.10
C LEU A 339 -11.32 2.70 13.67
N ILE A 340 -11.94 1.53 13.48
CA ILE A 340 -12.11 0.99 12.14
C ILE A 340 -13.01 1.90 11.30
N GLY A 341 -14.07 2.43 11.89
CA GLY A 341 -14.91 3.34 11.13
C GLY A 341 -14.17 4.58 10.69
N ALA A 342 -13.50 5.24 11.64
CA ALA A 342 -12.76 6.44 11.31
C ALA A 342 -11.63 6.15 10.32
N PHE A 343 -11.16 4.92 10.27
CA PHE A 343 -10.10 4.61 9.33
C PHE A 343 -10.64 4.19 7.97
N SER A 344 -11.91 3.80 7.90
CA SER A 344 -12.49 3.51 6.58
C SER A 344 -12.96 4.78 5.88
N VAL A 345 -13.31 5.81 6.64
CA VAL A 345 -13.55 7.11 6.03
C VAL A 345 -12.37 7.51 5.15
N GLY A 346 -11.16 7.17 5.56
CA GLY A 346 -10.00 7.45 4.74
C GLY A 346 -9.95 6.63 3.48
N GLN A 347 -10.31 5.35 3.56
CA GLN A 347 -10.35 4.52 2.37
C GLN A 347 -11.34 5.04 1.34
N ALA A 348 -12.37 5.76 1.80
CA ALA A 348 -13.39 6.25 0.89
C ALA A 348 -12.89 7.27 -0.14
N SER A 349 -11.77 7.95 0.14
CA SER A 349 -11.42 9.15 -0.63
C SER A 349 -10.88 8.89 -2.03
N PRO A 350 -9.92 7.97 -2.26
CA PRO A 350 -9.40 7.81 -3.62
C PRO A 350 -10.50 7.53 -4.63
N SER A 351 -11.56 6.87 -4.21
CA SER A 351 -12.66 6.59 -5.13
C SER A 351 -13.38 7.86 -5.52
N ILE A 352 -13.51 8.81 -4.59
CA ILE A 352 -14.10 10.10 -4.94
C ILE A 352 -13.26 10.79 -6.00
N GLU A 353 -11.95 10.79 -5.82
CA GLU A 353 -11.10 11.41 -6.84
C GLU A 353 -11.23 10.70 -8.18
N ALA A 354 -11.25 9.36 -8.17
CA ALA A 354 -11.36 8.61 -9.41
C ALA A 354 -12.67 8.90 -10.13
N PHE A 355 -13.76 9.05 -9.37
CA PHE A 355 -15.04 9.38 -9.98
C PHE A 355 -15.00 10.74 -10.65
N ALA A 356 -14.41 11.73 -9.98
CA ALA A 356 -14.31 13.05 -10.60
C ALA A 356 -13.49 12.98 -11.88
N ASN A 357 -12.39 12.21 -11.87
CA ASN A 357 -11.57 12.10 -13.06
C ASN A 357 -12.33 11.45 -14.20
N ALA A 358 -13.14 10.44 -13.90
CA ALA A 358 -13.94 9.82 -14.95
C ALA A 358 -14.92 10.80 -15.56
N ARG A 359 -15.60 11.59 -14.74
CA ARG A 359 -16.50 12.61 -15.27
C ARG A 359 -15.76 13.55 -16.21
N GLY A 360 -14.62 14.05 -15.77
CA GLY A 360 -13.84 14.94 -16.60
C GLY A 360 -13.52 14.35 -17.95
N ALA A 361 -13.11 13.07 -17.97
CA ALA A 361 -12.73 12.47 -19.25
C ALA A 361 -13.94 12.11 -20.09
N ALA A 362 -15.11 11.97 -19.49
CA ALA A 362 -16.30 11.60 -20.26
C ALA A 362 -16.92 12.80 -20.95
N TYR A 363 -16.71 13.99 -20.39
CA TYR A 363 -17.22 15.22 -21.02
C TYR A 363 -16.87 15.29 -22.50
N GLU A 364 -15.60 15.05 -22.84
CA GLU A 364 -15.19 15.15 -24.22
C GLU A 364 -15.94 14.17 -25.11
N ILE A 365 -16.10 12.93 -24.67
CA ILE A 365 -16.73 11.93 -25.51
C ILE A 365 -18.19 12.29 -25.79
N PHE A 366 -18.88 12.81 -24.77
CA PHE A 366 -20.24 13.24 -25.06
C PHE A 366 -20.24 14.45 -26.01
N LYS A 367 -19.24 15.32 -25.89
CA LYS A 367 -19.12 16.38 -26.88
C LYS A 367 -18.95 15.82 -28.28
N ILE A 368 -18.16 14.75 -28.42
CA ILE A 368 -17.96 14.12 -29.72
C ILE A 368 -19.29 13.67 -30.30
N ILE A 369 -20.13 13.08 -29.47
CA ILE A 369 -21.43 12.66 -30.02
C ILE A 369 -22.35 13.86 -30.27
N ASP A 370 -22.03 15.04 -29.74
CA ASP A 370 -22.80 16.21 -30.16
C ASP A 370 -22.40 16.72 -31.54
N ASN A 371 -21.27 16.26 -32.09
CA ASN A 371 -20.79 16.80 -33.36
C ASN A 371 -21.74 16.42 -34.49
N LYS A 372 -21.91 17.33 -35.44
CA LYS A 372 -22.74 17.09 -36.62
C LYS A 372 -21.95 17.39 -37.89
N PRO A 373 -21.89 16.46 -38.83
CA PRO A 373 -21.11 16.69 -40.05
C PRO A 373 -21.73 17.68 -41.01
N SER A 374 -23.04 17.92 -40.90
CA SER A 374 -23.90 18.68 -41.81
C SER A 374 -24.20 17.88 -43.07
N ILE A 375 -23.82 16.61 -43.13
CA ILE A 375 -24.18 15.70 -44.20
C ILE A 375 -24.60 14.38 -43.56
N ASP A 376 -25.78 13.90 -43.92
CA ASP A 376 -26.32 12.68 -43.34
C ASP A 376 -25.99 11.51 -44.25
N SER A 377 -25.04 10.68 -43.82
CA SER A 377 -24.63 9.54 -44.62
C SER A 377 -25.70 8.47 -44.66
N TYR A 378 -26.59 8.44 -43.69
CA TYR A 378 -27.57 7.36 -43.61
C TYR A 378 -29.00 7.82 -43.42
N SER A 379 -29.25 9.10 -43.22
CA SER A 379 -30.65 9.49 -43.21
C SER A 379 -31.25 8.99 -44.52
N LYS A 380 -32.17 8.02 -44.43
CA LYS A 380 -32.82 7.51 -45.62
C LYS A 380 -33.89 8.47 -46.13
N SER A 381 -33.96 9.68 -45.57
CA SER A 381 -34.78 10.76 -46.10
C SER A 381 -34.14 11.46 -47.29
N GLY A 382 -32.94 11.06 -47.69
CA GLY A 382 -32.35 11.61 -48.88
C GLY A 382 -33.09 11.18 -50.14
N HIS A 383 -32.85 11.93 -51.21
CA HIS A 383 -33.51 11.72 -52.49
C HIS A 383 -32.56 11.00 -53.43
N LYS A 384 -33.03 9.91 -54.04
CA LYS A 384 -32.19 9.06 -54.88
C LYS A 384 -32.73 9.06 -56.31
N PRO A 385 -31.98 9.54 -57.28
CA PRO A 385 -32.42 9.49 -58.68
C PRO A 385 -32.39 8.06 -59.22
N ASP A 386 -33.03 7.88 -60.38
CA ASP A 386 -33.07 6.59 -61.05
C ASP A 386 -32.42 6.63 -62.43
N ASN A 387 -32.81 7.59 -63.27
CA ASN A 387 -32.25 7.71 -64.61
C ASN A 387 -31.05 8.64 -64.56
N ILE A 388 -30.03 8.20 -63.81
CA ILE A 388 -28.82 8.99 -63.62
C ILE A 388 -28.12 9.12 -64.97
N LYS A 389 -27.95 10.37 -65.40
CA LYS A 389 -27.29 10.66 -66.67
C LYS A 389 -26.11 11.60 -66.44
N GLY A 390 -25.04 11.41 -67.21
CA GLY A 390 -23.85 12.23 -67.10
C GLY A 390 -24.11 13.70 -67.36
N ASN A 391 -24.02 14.51 -66.30
CA ASN A 391 -24.25 15.95 -66.41
C ASN A 391 -23.67 16.69 -65.20
N LEU A 392 -22.94 17.78 -65.45
CA LEU A 392 -22.37 18.56 -64.37
C LEU A 392 -22.75 20.03 -64.53
N GLU A 393 -23.22 20.64 -63.44
CA GLU A 393 -23.62 22.04 -63.44
C GLU A 393 -22.96 22.75 -62.26
N PHE A 394 -22.08 23.71 -62.56
CA PHE A 394 -21.46 24.58 -61.56
C PHE A 394 -21.69 26.03 -61.95
N ARG A 395 -22.16 26.84 -61.01
CA ARG A 395 -22.44 28.25 -61.29
C ARG A 395 -22.22 29.06 -60.03
N ASN A 396 -21.33 30.06 -60.13
CA ASN A 396 -21.07 31.04 -59.08
C ASN A 396 -20.57 30.37 -57.80
N VAL A 397 -19.64 29.43 -57.97
CA VAL A 397 -19.22 28.54 -56.89
C VAL A 397 -18.06 29.19 -56.14
N HIS A 398 -18.35 29.73 -54.96
CA HIS A 398 -17.34 30.25 -54.05
C HIS A 398 -17.27 29.35 -52.82
N PHE A 399 -16.06 29.00 -52.43
CA PHE A 399 -15.89 28.13 -51.27
C PHE A 399 -14.48 28.34 -50.72
N SER A 400 -14.36 28.30 -49.40
CA SER A 400 -13.06 28.38 -48.75
C SER A 400 -12.94 27.28 -47.69
N TYR A 401 -11.70 26.93 -47.39
CA TYR A 401 -11.45 25.91 -46.39
C TYR A 401 -11.75 26.44 -44.99
N PRO A 402 -12.50 25.70 -44.17
CA PRO A 402 -12.73 26.15 -42.79
C PRO A 402 -11.49 26.09 -41.91
N SER A 403 -10.44 25.36 -42.32
CA SER A 403 -9.19 25.38 -41.57
C SER A 403 -8.55 26.76 -41.61
N ARG A 404 -8.42 27.34 -42.81
CA ARG A 404 -7.95 28.71 -43.00
C ARG A 404 -9.04 29.44 -43.79
N LYS A 405 -10.00 30.01 -43.08
CA LYS A 405 -11.10 30.71 -43.74
C LYS A 405 -10.75 32.14 -44.09
N GLU A 406 -9.63 32.67 -43.60
CA GLU A 406 -9.26 34.04 -43.94
C GLU A 406 -8.88 34.17 -45.40
N VAL A 407 -8.26 33.14 -45.96
CA VAL A 407 -7.83 33.14 -47.36
C VAL A 407 -8.97 32.60 -48.22
N LYS A 408 -9.17 33.21 -49.38
CA LYS A 408 -10.15 32.74 -50.35
C LYS A 408 -9.41 32.23 -51.58
N ILE A 409 -9.41 30.91 -51.77
CA ILE A 409 -8.80 30.31 -52.95
C ILE A 409 -9.72 30.48 -54.15
N LEU A 410 -11.01 30.17 -53.98
CA LEU A 410 -11.98 30.22 -55.04
C LEU A 410 -12.70 31.55 -55.06
N LYS A 411 -12.80 32.15 -56.24
CA LYS A 411 -13.61 33.35 -56.46
C LYS A 411 -14.57 33.09 -57.62
N GLY A 412 -15.30 31.98 -57.53
CA GLY A 412 -16.35 31.68 -58.47
C GLY A 412 -15.85 30.94 -59.69
N LEU A 413 -16.53 29.85 -60.04
CA LEU A 413 -16.23 29.10 -61.25
C LEU A 413 -17.53 28.53 -61.81
N ASN A 414 -17.73 28.70 -63.11
CA ASN A 414 -18.93 28.23 -63.77
C ASN A 414 -18.51 27.22 -64.85
N LEU A 415 -19.13 26.05 -64.82
CA LEU A 415 -18.83 24.98 -65.74
C LEU A 415 -20.11 24.22 -66.07
N LYS A 416 -20.18 23.72 -67.30
CA LYS A 416 -21.26 22.84 -67.73
C LYS A 416 -20.63 21.75 -68.59
N VAL A 417 -20.67 20.51 -68.10
CA VAL A 417 -20.01 19.39 -68.76
C VAL A 417 -21.05 18.35 -69.13
N GLN A 418 -21.07 17.98 -70.41
CA GLN A 418 -22.01 17.02 -70.92
C GLN A 418 -21.52 15.60 -70.69
N SER A 419 -22.33 14.64 -71.11
CA SER A 419 -22.00 13.23 -70.96
C SER A 419 -20.89 12.83 -71.92
N GLY A 420 -20.03 11.92 -71.46
CA GLY A 420 -18.93 11.45 -72.27
C GLY A 420 -17.91 12.50 -72.66
N GLN A 421 -17.89 13.62 -71.94
CA GLN A 421 -17.00 14.72 -72.25
C GLN A 421 -15.76 14.64 -71.36
N THR A 422 -14.64 14.24 -71.96
CA THR A 422 -13.37 14.18 -71.22
C THR A 422 -12.85 15.60 -71.04
N VAL A 423 -12.99 16.14 -69.83
CA VAL A 423 -12.55 17.49 -69.50
C VAL A 423 -11.27 17.39 -68.68
N ALA A 424 -10.22 18.03 -69.17
CA ALA A 424 -8.97 18.17 -68.43
C ALA A 424 -8.80 19.61 -68.00
N LEU A 425 -8.21 19.80 -66.81
CA LEU A 425 -7.94 21.12 -66.27
C LEU A 425 -6.44 21.26 -66.07
N VAL A 426 -5.89 22.38 -66.54
CA VAL A 426 -4.45 22.64 -66.48
C VAL A 426 -4.22 23.91 -65.67
N GLY A 427 -3.14 23.91 -64.90
CA GLY A 427 -2.78 25.07 -64.10
C GLY A 427 -1.73 24.67 -63.10
N ASN A 428 -0.97 25.66 -62.67
CA ASN A 428 0.08 25.42 -61.70
C ASN A 428 -0.52 25.07 -60.34
N SER A 429 0.28 24.41 -59.50
CA SER A 429 -0.18 23.98 -58.19
C SER A 429 -0.49 25.20 -57.32
N GLY A 430 -1.67 25.23 -56.74
CA GLY A 430 -2.09 26.34 -55.89
C GLY A 430 -3.43 26.92 -56.27
N CYS A 431 -3.92 26.55 -57.46
CA CYS A 431 -5.22 27.04 -57.91
C CYS A 431 -6.37 26.23 -57.33
N GLY A 432 -6.14 24.97 -57.00
CA GLY A 432 -7.20 24.17 -56.43
C GLY A 432 -7.83 23.15 -57.36
N LYS A 433 -7.02 22.43 -58.12
CA LYS A 433 -7.52 21.26 -58.82
C LYS A 433 -8.09 20.25 -57.83
N SER A 434 -7.27 19.89 -56.84
CA SER A 434 -7.73 19.00 -55.77
C SER A 434 -8.93 19.58 -55.04
N THR A 435 -9.00 20.90 -54.94
CA THR A 435 -10.13 21.53 -54.27
C THR A 435 -11.43 21.27 -55.03
N THR A 436 -11.41 21.42 -56.35
CA THR A 436 -12.61 21.13 -57.14
C THR A 436 -13.00 19.67 -57.02
N VAL A 437 -12.02 18.77 -57.09
CA VAL A 437 -12.27 17.36 -56.85
C VAL A 437 -13.00 17.16 -55.54
N GLN A 438 -12.42 17.65 -54.44
CA GLN A 438 -13.05 17.55 -53.14
C GLN A 438 -14.38 18.27 -53.10
N LEU A 439 -14.52 19.32 -53.90
CA LEU A 439 -15.75 20.10 -53.94
C LEU A 439 -16.73 19.49 -54.93
N MET A 440 -16.43 18.29 -55.40
CA MET A 440 -17.29 17.61 -56.36
C MET A 440 -18.06 16.43 -55.76
N GLN A 441 -17.42 15.73 -54.83
CA GLN A 441 -18.05 14.58 -54.19
C GLN A 441 -18.70 14.90 -52.85
N ARG A 442 -19.30 16.09 -52.77
CA ARG A 442 -20.00 16.58 -51.58
C ARG A 442 -19.18 16.62 -50.28
N LEU A 443 -17.85 16.60 -50.39
CA LEU A 443 -17.01 16.67 -49.20
C LEU A 443 -17.31 17.95 -48.43
N TYR A 444 -17.33 19.07 -49.11
CA TYR A 444 -17.65 20.34 -48.49
C TYR A 444 -18.82 20.97 -49.22
N ASP A 445 -19.51 21.87 -48.54
CA ASP A 445 -20.50 22.56 -49.35
C ASP A 445 -20.00 23.95 -49.73
N PRO A 446 -20.38 24.44 -50.91
CA PRO A 446 -19.90 25.78 -51.33
C PRO A 446 -20.68 26.89 -50.66
N THR A 447 -19.98 27.97 -50.33
CA THR A 447 -20.57 29.10 -49.61
C THR A 447 -21.48 29.95 -50.49
N GLU A 448 -21.23 30.00 -51.80
CA GLU A 448 -22.01 30.81 -52.71
C GLU A 448 -22.47 29.96 -53.90
N GLY A 449 -23.67 30.23 -54.36
CA GLY A 449 -24.17 29.60 -55.57
C GLY A 449 -25.00 28.37 -55.32
N MET A 450 -24.97 27.49 -56.31
CA MET A 450 -25.69 26.22 -56.23
C MET A 450 -25.13 25.29 -57.30
N VAL A 451 -24.78 24.08 -56.90
CA VAL A 451 -24.26 23.08 -57.80
C VAL A 451 -25.33 22.03 -58.05
N SER A 452 -25.45 21.61 -59.31
CA SER A 452 -26.44 20.61 -59.70
C SER A 452 -25.78 19.53 -60.51
N VAL A 453 -26.43 18.38 -60.57
CA VAL A 453 -26.00 17.25 -61.39
C VAL A 453 -27.24 16.76 -62.12
N ASP A 454 -27.29 17.00 -63.42
CA ASP A 454 -28.41 16.59 -64.27
C ASP A 454 -29.73 17.16 -63.76
N GLY A 455 -29.81 18.49 -63.79
CA GLY A 455 -31.02 19.19 -63.46
C GLY A 455 -31.15 19.62 -62.02
N GLN A 456 -31.38 18.67 -61.10
CA GLN A 456 -31.61 19.06 -59.72
C GLN A 456 -30.28 19.15 -58.97
N ASP A 457 -30.32 19.90 -57.86
CA ASP A 457 -29.12 20.21 -57.11
C ASP A 457 -28.81 19.13 -56.08
N ILE A 458 -27.56 19.13 -55.62
CA ILE A 458 -27.11 18.15 -54.64
C ILE A 458 -27.77 18.38 -53.29
N ARG A 459 -28.12 19.63 -52.98
CA ARG A 459 -28.55 20.01 -51.64
C ARG A 459 -29.91 19.44 -51.25
N THR A 460 -30.56 18.63 -52.08
CA THR A 460 -31.82 18.02 -51.70
C THR A 460 -31.86 16.52 -51.94
N ILE A 461 -30.75 15.91 -52.35
CA ILE A 461 -30.73 14.49 -52.69
C ILE A 461 -29.73 13.78 -51.79
N ASN A 462 -29.73 12.44 -51.87
CA ASN A 462 -29.02 11.64 -50.90
C ASN A 462 -27.52 11.63 -51.17
N VAL A 463 -26.73 11.72 -50.10
CA VAL A 463 -25.28 11.84 -50.23
C VAL A 463 -24.64 10.49 -50.48
N ARG A 464 -25.11 9.45 -49.80
CA ARG A 464 -24.51 8.13 -49.98
C ARG A 464 -24.74 7.61 -51.39
N PHE A 465 -25.99 7.68 -51.88
CA PHE A 465 -26.26 7.27 -53.25
C PHE A 465 -25.47 8.10 -54.24
N LEU A 466 -25.29 9.39 -53.95
CA LEU A 466 -24.43 10.20 -54.79
C LEU A 466 -22.97 9.79 -54.66
N ARG A 467 -22.57 9.30 -53.49
CA ARG A 467 -21.17 9.00 -53.28
C ARG A 467 -20.75 7.70 -53.92
N GLU A 468 -21.64 6.72 -53.97
CA GLU A 468 -21.29 5.44 -54.57
C GLU A 468 -21.09 5.53 -56.07
N ILE A 469 -21.68 6.52 -56.73
CA ILE A 469 -21.75 6.55 -58.18
C ILE A 469 -20.65 7.42 -58.80
N ILE A 470 -19.66 7.82 -58.02
CA ILE A 470 -18.60 8.70 -58.51
C ILE A 470 -17.27 8.04 -58.17
N GLY A 471 -16.71 7.29 -59.11
CA GLY A 471 -15.43 6.66 -58.90
C GLY A 471 -14.26 7.62 -59.02
N VAL A 472 -13.53 7.83 -57.94
CA VAL A 472 -12.51 8.87 -57.86
C VAL A 472 -11.21 8.27 -57.34
N VAL A 473 -10.12 8.51 -58.04
CA VAL A 473 -8.78 8.22 -57.56
C VAL A 473 -8.13 9.53 -57.18
N SER A 474 -7.60 9.60 -55.97
CA SER A 474 -7.00 10.83 -55.47
C SER A 474 -5.54 10.90 -55.89
N GLN A 475 -4.82 11.92 -55.40
CA GLN A 475 -3.43 12.10 -55.80
C GLN A 475 -2.55 10.99 -55.26
N GLU A 476 -2.48 10.85 -53.94
CA GLU A 476 -1.68 9.80 -53.30
C GLU A 476 -2.64 8.82 -52.62
N PRO A 477 -2.98 7.72 -53.27
CA PRO A 477 -3.93 6.78 -52.67
C PRO A 477 -3.32 6.06 -51.47
N VAL A 478 -4.19 5.61 -50.58
CA VAL A 478 -3.79 4.73 -49.49
C VAL A 478 -4.48 3.39 -49.69
N LEU A 479 -3.84 2.32 -49.20
CA LEU A 479 -4.31 0.97 -49.41
C LEU A 479 -4.46 0.28 -48.07
N PHE A 480 -5.60 -0.37 -47.87
CA PHE A 480 -5.85 -1.08 -46.63
C PHE A 480 -4.91 -2.28 -46.51
N ALA A 481 -4.46 -2.54 -45.29
CA ALA A 481 -3.47 -3.59 -45.04
C ALA A 481 -4.13 -4.96 -44.88
N THR A 482 -4.85 -5.36 -45.92
CA THR A 482 -5.47 -6.68 -46.02
C THR A 482 -4.89 -7.42 -47.22
N THR A 483 -5.49 -8.55 -47.55
CA THR A 483 -5.14 -9.23 -48.79
C THR A 483 -5.65 -8.42 -49.99
N ILE A 484 -5.02 -8.66 -51.13
CA ILE A 484 -5.33 -7.86 -52.31
C ILE A 484 -6.68 -8.24 -52.91
N ALA A 485 -7.17 -9.44 -52.62
CA ALA A 485 -8.51 -9.79 -53.05
C ALA A 485 -9.55 -8.96 -52.32
N GLU A 486 -9.30 -8.66 -51.04
CA GLU A 486 -10.21 -7.81 -50.29
C GLU A 486 -10.08 -6.35 -50.71
N ASN A 487 -8.85 -5.87 -50.88
CA ASN A 487 -8.65 -4.49 -51.33
C ASN A 487 -9.46 -4.21 -52.58
N ILE A 488 -9.23 -4.97 -53.65
CA ILE A 488 -9.99 -4.80 -54.87
C ILE A 488 -11.47 -5.11 -54.66
N ARG A 489 -11.82 -5.77 -53.56
CA ARG A 489 -13.22 -6.02 -53.27
C ARG A 489 -13.90 -4.84 -52.62
N TYR A 490 -13.13 -3.90 -52.07
CA TYR A 490 -13.70 -2.82 -51.28
C TYR A 490 -14.54 -1.84 -52.10
N GLY A 491 -14.57 -2.02 -53.42
CA GLY A 491 -15.41 -1.17 -54.25
C GLY A 491 -16.89 -1.37 -53.94
N ARG A 492 -17.33 -2.62 -53.89
CA ARG A 492 -18.74 -2.88 -53.64
C ARG A 492 -18.87 -4.25 -52.99
N GLU A 493 -20.10 -4.63 -52.68
CA GLU A 493 -20.33 -5.82 -51.86
C GLU A 493 -20.09 -7.10 -52.65
N ASN A 494 -20.90 -7.33 -53.69
CA ASN A 494 -21.03 -8.66 -54.27
C ASN A 494 -20.31 -8.72 -55.60
N VAL A 495 -19.00 -8.97 -55.53
CA VAL A 495 -18.13 -9.06 -56.69
C VAL A 495 -17.49 -10.44 -56.70
N THR A 496 -17.68 -11.18 -57.79
CA THR A 496 -17.04 -12.47 -57.94
C THR A 496 -15.65 -12.30 -58.54
N MET A 497 -14.87 -13.38 -58.52
CA MET A 497 -13.49 -13.31 -58.98
C MET A 497 -13.38 -13.10 -60.49
N ASP A 498 -14.46 -13.34 -61.25
CA ASP A 498 -14.40 -13.11 -62.69
C ASP A 498 -14.37 -11.62 -62.99
N GLU A 499 -15.27 -10.85 -62.38
CA GLU A 499 -15.22 -9.40 -62.51
C GLU A 499 -13.91 -8.85 -61.98
N ILE A 500 -13.37 -9.47 -60.93
CA ILE A 500 -12.06 -9.08 -60.42
C ILE A 500 -11.01 -9.19 -61.52
N GLU A 501 -10.90 -10.36 -62.13
CA GLU A 501 -9.87 -10.57 -63.13
C GLU A 501 -10.04 -9.64 -64.32
N LYS A 502 -11.28 -9.45 -64.79
CA LYS A 502 -11.51 -8.49 -65.86
C LYS A 502 -11.07 -7.11 -65.45
N ALA A 503 -11.32 -6.74 -64.19
CA ALA A 503 -10.92 -5.43 -63.70
C ALA A 503 -9.41 -5.29 -63.65
N VAL A 504 -8.73 -6.26 -63.04
CA VAL A 504 -7.28 -6.15 -62.94
C VAL A 504 -6.60 -6.27 -64.31
N LYS A 505 -7.15 -7.08 -65.21
CA LYS A 505 -6.65 -7.09 -66.57
C LYS A 505 -6.93 -5.78 -67.28
N GLU A 506 -8.08 -5.16 -67.00
CA GLU A 506 -8.28 -3.78 -67.45
C GLU A 506 -7.21 -2.88 -66.87
N ALA A 507 -6.84 -3.11 -65.62
CA ALA A 507 -5.80 -2.31 -64.99
C ALA A 507 -4.39 -2.74 -65.39
N ASN A 508 -4.26 -3.87 -66.07
CA ASN A 508 -2.95 -4.37 -66.49
C ASN A 508 -2.02 -4.53 -65.29
N ALA A 509 -2.58 -5.00 -64.19
CA ALA A 509 -1.83 -5.22 -62.96
C ALA A 509 -1.87 -6.71 -62.59
N TYR A 510 -1.81 -7.57 -63.60
CA TYR A 510 -1.85 -9.00 -63.38
C TYR A 510 -0.47 -9.66 -63.45
N ASP A 511 0.48 -9.06 -64.17
CA ASP A 511 1.82 -9.62 -64.23
C ASP A 511 2.45 -9.69 -62.85
N PHE A 512 2.47 -8.57 -62.12
CA PHE A 512 3.05 -8.58 -60.80
C PHE A 512 2.20 -9.37 -59.81
N ILE A 513 0.95 -9.65 -60.16
CA ILE A 513 0.16 -10.60 -59.39
C ILE A 513 0.64 -12.02 -59.69
N MET A 514 0.96 -12.29 -60.95
CA MET A 514 1.40 -13.63 -61.33
C MET A 514 2.74 -13.99 -60.70
N LYS A 515 3.64 -13.01 -60.52
CA LYS A 515 4.98 -13.33 -60.05
C LYS A 515 5.05 -13.52 -58.54
N LEU A 516 4.17 -12.88 -57.79
CA LEU A 516 4.34 -12.99 -56.36
C LEU A 516 3.51 -14.15 -55.80
N PRO A 517 3.97 -14.79 -54.73
CA PRO A 517 3.20 -15.88 -54.13
C PRO A 517 1.94 -15.35 -53.45
N HIS A 518 1.00 -16.27 -53.20
CA HIS A 518 -0.30 -15.94 -52.62
C HIS A 518 -1.01 -14.90 -53.48
N LYS A 519 -1.31 -15.33 -54.71
CA LYS A 519 -1.75 -14.41 -55.76
C LYS A 519 -3.04 -13.67 -55.43
N PHE A 520 -3.85 -14.20 -54.51
CA PHE A 520 -4.98 -13.47 -53.96
C PHE A 520 -4.92 -13.43 -52.43
N ASP A 521 -3.84 -13.92 -51.84
CA ASP A 521 -3.71 -14.06 -50.40
C ASP A 521 -2.55 -13.23 -49.85
N THR A 522 -1.85 -12.50 -50.71
CA THR A 522 -0.72 -11.67 -50.29
C THR A 522 -1.20 -10.54 -49.41
N LEU A 523 -0.70 -10.50 -48.17
CA LEU A 523 -1.03 -9.43 -47.23
C LEU A 523 -0.13 -8.23 -47.50
N VAL A 524 -0.67 -7.22 -48.16
CA VAL A 524 0.10 -6.01 -48.43
C VAL A 524 0.42 -5.30 -47.12
N GLY A 525 1.66 -4.85 -46.98
CA GLY A 525 2.11 -4.18 -45.78
C GLY A 525 1.46 -2.84 -45.54
N GLU A 526 1.89 -2.14 -44.50
CA GLU A 526 1.27 -0.88 -44.12
C GLU A 526 1.57 0.17 -45.17
N ARG A 527 0.54 0.91 -45.58
CA ARG A 527 0.67 2.06 -46.48
C ARG A 527 1.42 1.73 -47.75
N GLY A 528 1.14 0.56 -48.32
CA GLY A 528 1.69 0.19 -49.61
C GLY A 528 3.20 0.10 -49.65
N ALA A 529 3.82 -0.35 -48.56
CA ALA A 529 5.27 -0.46 -48.49
C ALA A 529 5.79 -1.78 -49.06
N GLN A 530 4.95 -2.82 -49.13
CA GLN A 530 5.44 -4.11 -49.60
C GLN A 530 5.63 -4.10 -51.12
N LEU A 531 4.75 -3.42 -51.85
CA LEU A 531 4.80 -3.39 -53.29
C LEU A 531 5.37 -2.06 -53.77
N SER A 532 5.57 -1.96 -55.08
CA SER A 532 6.08 -0.74 -55.68
C SER A 532 4.96 0.28 -55.86
N GLY A 533 5.33 1.48 -56.31
CA GLY A 533 4.35 2.55 -56.45
C GLY A 533 3.51 2.39 -57.69
N GLY A 534 4.13 2.02 -58.81
CA GLY A 534 3.36 1.81 -60.03
C GLY A 534 2.33 0.71 -59.90
N GLN A 535 2.73 -0.45 -59.35
CA GLN A 535 1.77 -1.50 -59.05
C GLN A 535 0.68 -0.98 -58.13
N LYS A 536 1.05 -0.14 -57.17
CA LYS A 536 0.10 0.41 -56.22
C LYS A 536 -0.93 1.31 -56.92
N GLN A 537 -0.45 2.24 -57.75
CA GLN A 537 -1.39 3.16 -58.40
C GLN A 537 -2.23 2.44 -59.44
N ARG A 538 -1.72 1.34 -60.02
CA ARG A 538 -2.51 0.60 -61.00
C ARG A 538 -3.64 -0.16 -60.33
N ILE A 539 -3.35 -0.86 -59.23
CA ILE A 539 -4.43 -1.56 -58.53
C ILE A 539 -5.39 -0.58 -57.89
N ALA A 540 -4.92 0.62 -57.54
CA ALA A 540 -5.83 1.67 -57.09
C ALA A 540 -6.81 2.03 -58.19
N ILE A 541 -6.33 2.15 -59.43
CA ILE A 541 -7.23 2.38 -60.56
C ILE A 541 -8.23 1.23 -60.66
N ALA A 542 -7.74 -0.01 -60.54
CA ALA A 542 -8.63 -1.15 -60.52
C ALA A 542 -9.63 -1.05 -59.39
N ARG A 543 -9.16 -0.69 -58.20
CA ARG A 543 -10.04 -0.60 -57.04
C ARG A 543 -11.15 0.42 -57.27
N ALA A 544 -10.89 1.43 -58.10
CA ALA A 544 -11.94 2.38 -58.42
C ALA A 544 -12.90 1.82 -59.47
N LEU A 545 -12.35 1.11 -60.46
CA LEU A 545 -13.15 0.63 -61.59
C LEU A 545 -14.15 -0.45 -61.20
N VAL A 546 -13.91 -1.20 -60.14
CA VAL A 546 -14.83 -2.27 -59.77
C VAL A 546 -16.18 -1.74 -59.31
N ARG A 547 -16.28 -0.45 -59.00
CA ARG A 547 -17.57 0.13 -58.64
C ARG A 547 -18.49 0.25 -59.83
N ASN A 548 -17.94 0.24 -61.05
CA ASN A 548 -18.69 0.50 -62.27
C ASN A 548 -19.43 1.82 -62.14
N PRO A 549 -18.72 2.96 -62.18
CA PRO A 549 -19.35 4.23 -61.81
C PRO A 549 -20.04 4.94 -62.97
N LYS A 550 -20.67 6.07 -62.68
CA LYS A 550 -21.28 6.94 -63.67
C LYS A 550 -20.43 8.14 -64.00
N ILE A 551 -19.70 8.68 -63.02
CA ILE A 551 -18.77 9.79 -63.21
C ILE A 551 -17.42 9.35 -62.69
N LEU A 552 -16.39 9.48 -63.52
CA LEU A 552 -15.05 9.07 -63.15
C LEU A 552 -14.19 10.30 -62.98
N LEU A 553 -13.44 10.37 -61.88
CA LEU A 553 -12.61 11.52 -61.57
C LEU A 553 -11.20 11.06 -61.19
N LEU A 554 -10.24 11.29 -62.08
CA LEU A 554 -8.85 11.00 -61.80
C LEU A 554 -8.12 12.26 -61.34
N ASP A 555 -7.18 12.08 -60.41
CA ASP A 555 -6.38 13.20 -59.90
C ASP A 555 -4.93 12.72 -59.78
N GLU A 556 -4.10 13.13 -60.73
CA GLU A 556 -2.69 12.74 -60.78
C GLU A 556 -2.52 11.22 -60.72
N ALA A 557 -3.11 10.56 -61.72
CA ALA A 557 -3.17 9.11 -61.75
C ALA A 557 -1.91 8.44 -62.30
N THR A 558 -0.99 9.22 -62.87
CA THR A 558 0.23 8.66 -63.45
C THR A 558 1.44 9.47 -62.99
N SER A 559 1.52 9.69 -61.68
CA SER A 559 2.59 10.50 -61.12
C SER A 559 3.95 9.81 -61.25
N ALA A 560 4.06 8.58 -60.71
CA ALA A 560 5.32 7.85 -60.71
C ALA A 560 5.35 6.72 -61.74
N LEU A 561 4.42 6.72 -62.68
CA LEU A 561 4.25 5.62 -63.63
C LEU A 561 5.08 5.86 -64.89
N ASP A 562 5.55 4.76 -65.48
CA ASP A 562 6.36 4.79 -66.68
C ASP A 562 5.50 4.94 -67.92
N THR A 563 6.12 4.73 -69.09
CA THR A 563 5.49 5.08 -70.36
C THR A 563 4.41 4.08 -70.75
N GLU A 564 4.78 2.81 -70.92
CA GLU A 564 3.86 1.83 -71.48
C GLU A 564 2.68 1.55 -70.56
N SER A 565 2.90 1.46 -69.25
CA SER A 565 1.79 1.19 -68.35
C SER A 565 0.81 2.34 -68.29
N GLU A 566 1.31 3.58 -68.27
CA GLU A 566 0.44 4.73 -68.41
C GLU A 566 -0.30 4.69 -69.74
N ALA A 567 0.37 4.25 -70.80
CA ALA A 567 -0.26 4.17 -72.11
C ALA A 567 -1.43 3.17 -72.09
N VAL A 568 -1.19 1.97 -71.57
CA VAL A 568 -2.26 0.98 -71.57
C VAL A 568 -3.33 1.33 -70.55
N VAL A 569 -2.96 2.05 -69.49
CA VAL A 569 -3.97 2.53 -68.54
C VAL A 569 -4.90 3.52 -69.21
N GLN A 570 -4.35 4.45 -69.99
CA GLN A 570 -5.19 5.45 -70.62
C GLN A 570 -6.04 4.86 -71.73
N VAL A 571 -5.56 3.79 -72.38
CA VAL A 571 -6.37 3.13 -73.39
C VAL A 571 -7.54 2.40 -72.73
N ALA A 572 -7.29 1.81 -71.55
CA ALA A 572 -8.39 1.24 -70.79
C ALA A 572 -9.34 2.33 -70.29
N LEU A 573 -8.82 3.52 -70.00
CA LEU A 573 -9.69 4.62 -69.58
C LEU A 573 -10.56 5.08 -70.72
N ASP A 574 -10.03 5.09 -71.95
CA ASP A 574 -10.86 5.34 -73.11
C ASP A 574 -11.70 4.14 -73.50
N LYS A 575 -11.37 2.95 -73.00
CA LYS A 575 -12.22 1.80 -73.24
C LYS A 575 -13.55 1.90 -72.49
N ALA A 576 -13.59 2.63 -71.39
CA ALA A 576 -14.75 2.69 -70.52
C ALA A 576 -15.19 4.12 -70.27
N ARG A 577 -14.93 5.01 -71.22
CA ARG A 577 -15.33 6.40 -71.07
C ARG A 577 -16.61 6.75 -71.81
N LYS A 578 -17.07 5.89 -72.72
CA LYS A 578 -18.16 6.25 -73.61
C LYS A 578 -19.51 6.32 -72.89
N GLY A 579 -19.70 5.54 -71.84
CA GLY A 579 -20.94 5.58 -71.11
C GLY A 579 -20.94 6.50 -69.90
N ARG A 580 -19.81 7.11 -69.59
CA ARG A 580 -19.62 7.87 -68.37
C ARG A 580 -19.09 9.26 -68.68
N THR A 581 -19.33 10.18 -67.73
CA THR A 581 -18.69 11.47 -67.73
C THR A 581 -17.36 11.37 -66.99
N THR A 582 -16.35 12.04 -67.51
CA THR A 582 -15.00 11.87 -66.99
C THR A 582 -14.32 13.21 -66.84
N ILE A 583 -13.59 13.38 -65.74
CA ILE A 583 -12.73 14.52 -65.49
C ILE A 583 -11.38 13.98 -65.07
N VAL A 584 -10.32 14.44 -65.73
CA VAL A 584 -8.98 13.94 -65.50
C VAL A 584 -8.09 15.12 -65.16
N ILE A 585 -7.28 14.97 -64.11
CA ILE A 585 -6.28 15.95 -63.72
C ILE A 585 -4.94 15.24 -63.70
N ALA A 586 -3.98 15.78 -64.43
CA ALA A 586 -2.66 15.19 -64.50
C ALA A 586 -1.65 16.23 -64.96
N HIS A 587 -0.37 15.91 -64.78
CA HIS A 587 0.70 16.80 -65.21
C HIS A 587 1.23 16.43 -66.59
N ARG A 588 1.28 15.15 -66.92
CA ARG A 588 1.75 14.75 -68.25
C ARG A 588 0.71 15.07 -69.30
N LEU A 589 1.12 15.81 -70.32
CA LEU A 589 0.23 16.23 -71.40
C LEU A 589 0.00 15.14 -72.43
N SER A 590 0.61 13.96 -72.27
CA SER A 590 0.40 12.89 -73.23
C SER A 590 -1.01 12.33 -73.14
N THR A 591 -1.55 12.22 -71.94
CA THR A 591 -2.90 11.73 -71.73
C THR A 591 -3.95 12.84 -71.80
N VAL A 592 -3.56 14.06 -72.16
CA VAL A 592 -4.45 15.21 -72.14
C VAL A 592 -4.82 15.60 -73.57
N ARG A 593 -3.88 15.40 -74.50
CA ARG A 593 -4.09 15.84 -75.88
C ARG A 593 -5.22 15.10 -76.56
N ASN A 594 -5.60 13.91 -76.08
CA ASN A 594 -6.68 13.13 -76.67
C ASN A 594 -7.99 13.28 -75.92
N ALA A 595 -8.19 14.40 -75.23
CA ALA A 595 -9.39 14.61 -74.45
C ALA A 595 -10.45 15.36 -75.27
N ASP A 596 -11.61 15.57 -74.65
CA ASP A 596 -12.69 16.32 -75.30
C ASP A 596 -12.46 17.83 -75.16
N VAL A 597 -12.41 18.31 -73.92
CA VAL A 597 -12.33 19.74 -73.64
C VAL A 597 -11.14 19.98 -72.71
N ILE A 598 -10.38 21.04 -72.98
CA ILE A 598 -9.27 21.46 -72.14
C ILE A 598 -9.58 22.85 -71.60
N ALA A 599 -9.28 23.08 -70.33
CA ALA A 599 -9.50 24.36 -69.69
C ALA A 599 -8.33 24.67 -68.78
N GLY A 600 -8.28 25.91 -68.30
CA GLY A 600 -7.17 26.34 -67.47
C GLY A 600 -7.55 27.20 -66.28
N PHE A 601 -7.10 26.80 -65.08
CA PHE A 601 -7.33 27.60 -63.89
C PHE A 601 -6.37 28.79 -63.84
N ASP A 602 -6.88 29.91 -63.32
CA ASP A 602 -6.05 31.06 -62.99
C ASP A 602 -6.69 31.77 -61.80
N ASP A 603 -6.04 31.67 -60.64
CA ASP A 603 -6.49 32.32 -59.41
C ASP A 603 -7.83 31.75 -58.93
N GLY A 604 -8.07 30.48 -59.24
CA GLY A 604 -9.30 29.82 -58.86
C GLY A 604 -10.42 29.94 -59.86
N VAL A 605 -10.33 30.88 -60.80
CA VAL A 605 -11.35 31.08 -61.81
C VAL A 605 -10.92 30.37 -63.09
N ILE A 606 -11.85 29.68 -63.73
CA ILE A 606 -11.61 29.02 -65.01
C ILE A 606 -11.71 30.10 -66.09
N VAL A 607 -10.65 30.27 -66.87
CA VAL A 607 -10.58 31.38 -67.81
C VAL A 607 -10.69 30.89 -69.25
N GLU A 608 -9.73 30.09 -69.69
CA GLU A 608 -9.72 29.60 -71.07
C GLU A 608 -10.61 28.38 -71.20
N LYS A 609 -11.45 28.39 -72.23
CA LYS A 609 -12.34 27.28 -72.51
C LYS A 609 -12.21 26.91 -73.98
N GLY A 610 -12.75 25.74 -74.32
CA GLY A 610 -12.78 25.26 -75.69
C GLY A 610 -11.87 24.07 -75.90
N ASN A 611 -11.67 23.77 -77.18
CA ASN A 611 -10.96 22.57 -77.61
C ASN A 611 -9.47 22.85 -77.73
N HIS A 612 -8.74 21.95 -78.38
CA HIS A 612 -7.29 22.09 -78.50
C HIS A 612 -6.91 23.22 -79.45
N ASP A 613 -7.46 23.20 -80.67
CA ASP A 613 -7.10 24.22 -81.65
C ASP A 613 -7.63 25.60 -81.27
N GLU A 614 -8.68 25.65 -80.47
CA GLU A 614 -9.21 26.95 -80.04
C GLU A 614 -8.24 27.65 -79.10
N LEU A 615 -7.62 26.89 -78.19
CA LEU A 615 -6.58 27.45 -77.34
C LEU A 615 -5.26 27.61 -78.07
N MET A 616 -5.11 26.98 -79.25
CA MET A 616 -3.93 27.23 -80.06
C MET A 616 -4.01 28.59 -80.74
N LYS A 617 -5.18 28.96 -81.25
CA LYS A 617 -5.37 30.28 -81.83
C LYS A 617 -5.69 31.35 -80.80
N GLU A 618 -5.90 30.96 -79.54
CA GLU A 618 -6.16 31.93 -78.48
C GLU A 618 -4.86 32.48 -77.90
N LYS A 619 -3.75 31.74 -78.08
CA LYS A 619 -2.41 32.09 -77.62
C LYS A 619 -2.39 32.59 -76.17
N GLY A 620 -2.79 31.69 -75.27
CA GLY A 620 -2.74 31.98 -73.86
C GLY A 620 -1.61 31.30 -73.11
N ILE A 621 -1.88 30.86 -71.89
CA ILE A 621 -0.88 30.16 -71.09
C ILE A 621 -0.69 28.72 -71.56
N TYR A 622 -1.76 28.08 -72.03
CA TYR A 622 -1.64 26.72 -72.54
C TYR A 622 -0.95 26.69 -73.90
N PHE A 623 -1.03 27.77 -74.66
CA PHE A 623 -0.24 27.86 -75.88
C PHE A 623 1.22 28.12 -75.56
N LYS A 624 1.48 28.74 -74.40
CA LYS A 624 2.86 28.87 -73.92
C LYS A 624 3.40 27.52 -73.46
N LEU A 625 2.55 26.70 -72.85
CA LEU A 625 2.98 25.40 -72.37
C LEU A 625 3.30 24.47 -73.53
N VAL A 626 2.40 24.39 -74.53
CA VAL A 626 2.62 23.48 -75.65
C VAL A 626 3.73 23.98 -76.57
N THR A 627 3.96 25.30 -76.60
CA THR A 627 5.10 25.82 -77.34
C THR A 627 6.41 25.48 -76.65
N MET A 628 6.40 25.38 -75.33
CA MET A 628 7.60 25.04 -74.58
C MET A 628 7.82 23.52 -74.54
N GLN A 629 6.75 22.73 -74.59
CA GLN A 629 6.89 21.27 -74.58
C GLN A 629 7.41 20.73 -75.90
N THR A 630 7.06 21.36 -77.02
CA THR A 630 7.47 20.87 -78.33
C THR A 630 8.93 21.22 -78.62
N PRO A 694 16.02 -10.27 -25.21
CA PRO A 694 16.53 -11.51 -25.81
C PRO A 694 17.43 -12.28 -24.86
N VAL A 695 18.40 -11.60 -24.26
CA VAL A 695 19.23 -12.17 -23.21
C VAL A 695 18.75 -11.60 -21.89
N SER A 696 18.84 -12.39 -20.82
CA SER A 696 18.35 -11.99 -19.51
C SER A 696 19.42 -12.27 -18.48
N PHE A 697 19.83 -11.23 -17.74
CA PHE A 697 20.85 -11.36 -16.71
C PHE A 697 20.48 -10.45 -15.55
N TRP A 698 21.25 -10.56 -14.47
CA TRP A 698 21.07 -9.75 -13.26
C TRP A 698 22.31 -8.90 -13.05
N ARG A 699 22.24 -7.63 -13.44
CA ARG A 699 23.32 -6.67 -13.16
C ARG A 699 22.77 -5.44 -12.48
N ILE A 700 21.48 -5.43 -12.15
CA ILE A 700 20.81 -4.22 -11.71
C ILE A 700 21.53 -3.63 -10.50
N MET A 701 21.91 -4.47 -9.55
CA MET A 701 22.55 -3.96 -8.34
C MET A 701 23.79 -3.16 -8.67
N LYS A 702 24.60 -3.64 -9.62
CA LYS A 702 25.81 -2.93 -9.97
C LYS A 702 25.52 -1.51 -10.44
N LEU A 703 24.42 -1.32 -11.19
CA LEU A 703 24.07 0.02 -11.65
C LEU A 703 23.88 0.98 -10.48
N ASN A 704 23.46 0.47 -9.32
CA ASN A 704 23.28 1.27 -8.13
C ASN A 704 24.35 1.01 -7.10
N LEU A 705 25.31 0.15 -7.41
CA LEU A 705 26.41 -0.17 -6.51
C LEU A 705 27.01 1.08 -5.87
N THR A 706 27.26 2.11 -6.68
CA THR A 706 27.91 3.32 -6.20
C THR A 706 27.24 3.86 -4.95
N GLU A 707 25.91 3.79 -4.88
CA GLU A 707 25.21 4.35 -3.72
C GLU A 707 25.13 3.34 -2.58
N TRP A 708 26.27 2.76 -2.21
CA TRP A 708 26.26 1.81 -1.11
C TRP A 708 25.83 2.38 0.25
N PRO A 709 26.09 3.64 0.63
CA PRO A 709 25.71 4.05 1.99
C PRO A 709 24.21 4.15 2.19
N TYR A 710 23.49 4.77 1.26
CA TYR A 710 22.06 4.95 1.42
C TYR A 710 21.37 3.64 1.77
N PHE A 711 21.49 2.65 0.89
CA PHE A 711 20.95 1.32 1.15
C PHE A 711 21.23 0.86 2.57
N VAL A 712 22.48 0.98 3.00
CA VAL A 712 22.83 0.54 4.35
C VAL A 712 21.90 1.18 5.36
N VAL A 713 21.87 2.52 5.40
CA VAL A 713 20.94 3.18 6.30
C VAL A 713 19.54 2.64 6.10
N GLY A 714 19.10 2.60 4.83
CA GLY A 714 17.79 2.06 4.54
C GLY A 714 17.59 0.68 5.13
N VAL A 715 18.51 -0.25 4.83
CA VAL A 715 18.33 -1.61 5.32
C VAL A 715 18.11 -1.59 6.82
N PHE A 716 18.92 -0.81 7.53
CA PHE A 716 18.79 -0.78 8.98
C PHE A 716 17.37 -0.42 9.37
N CYS A 717 16.86 0.70 8.87
CA CYS A 717 15.52 1.10 9.27
C CYS A 717 14.49 0.06 8.88
N ALA A 718 14.69 -0.59 7.73
CA ALA A 718 13.74 -1.63 7.33
C ALA A 718 13.65 -2.71 8.39
N ILE A 719 14.80 -3.15 8.91
CA ILE A 719 14.79 -4.14 9.98
C ILE A 719 13.86 -3.69 11.09
N ILE A 720 14.02 -2.44 11.54
CA ILE A 720 13.23 -1.96 12.67
C ILE A 720 11.76 -1.97 12.32
N ASN A 721 11.39 -1.63 11.09
CA ASN A 721 9.98 -1.67 10.72
C ASN A 721 9.45 -3.09 10.79
N GLY A 722 10.25 -4.07 10.37
CA GLY A 722 9.84 -5.44 10.54
C GLY A 722 9.56 -5.78 11.98
N GLY A 723 10.30 -5.17 12.90
CA GLY A 723 10.08 -5.45 14.30
C GLY A 723 8.99 -4.65 14.93
N LEU A 724 8.17 -3.95 14.15
CA LEU A 724 7.13 -3.14 14.78
C LEU A 724 5.85 -3.94 14.99
N GLN A 725 5.54 -4.88 14.12
CA GLN A 725 4.31 -5.63 14.28
C GLN A 725 4.42 -6.72 15.35
N PRO A 726 5.50 -7.51 15.43
CA PRO A 726 5.62 -8.41 16.57
C PRO A 726 5.63 -7.67 17.89
N ALA A 727 6.51 -6.67 18.03
CA ALA A 727 6.62 -5.94 19.29
C ALA A 727 5.26 -5.42 19.75
N PHE A 728 4.55 -4.72 18.86
CA PHE A 728 3.19 -4.32 19.13
C PHE A 728 2.40 -5.45 19.78
N ALA A 729 2.29 -6.58 19.07
CA ALA A 729 1.55 -7.72 19.57
C ALA A 729 1.90 -8.02 21.02
N ILE A 730 3.19 -8.15 21.31
CA ILE A 730 3.61 -8.46 22.67
C ILE A 730 2.99 -7.46 23.63
N ILE A 731 3.32 -6.18 23.46
CA ILE A 731 2.75 -5.16 24.32
C ILE A 731 1.24 -5.32 24.37
N PHE A 732 0.62 -5.42 23.20
CA PHE A 732 -0.83 -5.54 23.14
C PHE A 732 -1.30 -6.64 24.06
N SER A 733 -0.79 -7.86 23.86
CA SER A 733 -1.26 -8.99 24.65
C SER A 733 -1.13 -8.68 26.13
N LYS A 734 0.02 -8.15 26.53
CA LYS A 734 0.26 -8.01 27.96
C LYS A 734 -0.75 -7.09 28.61
N ILE A 735 -1.21 -6.06 27.90
CA ILE A 735 -2.18 -5.18 28.53
C ILE A 735 -3.45 -5.96 28.86
N ILE A 736 -3.95 -6.72 27.90
CA ILE A 736 -5.12 -7.51 28.19
C ILE A 736 -4.79 -8.51 29.29
N GLY A 737 -3.58 -9.05 29.27
CA GLY A 737 -3.17 -9.95 30.32
C GLY A 737 -3.30 -9.33 31.69
N VAL A 738 -3.03 -8.03 31.80
CA VAL A 738 -3.08 -7.35 33.08
C VAL A 738 -4.47 -7.44 33.68
N PHE A 739 -5.50 -7.46 32.85
CA PHE A 739 -6.85 -7.56 33.40
C PHE A 739 -7.33 -8.99 33.50
N THR A 740 -6.57 -9.93 32.97
CA THR A 740 -6.88 -11.33 33.18
C THR A 740 -6.37 -11.82 34.54
N ARG A 741 -5.13 -11.46 34.89
CA ARG A 741 -4.57 -11.85 36.18
C ARG A 741 -5.34 -11.20 37.31
N ILE A 742 -5.05 -11.65 38.52
CA ILE A 742 -5.77 -11.22 39.70
C ILE A 742 -4.82 -10.41 40.56
N ASP A 743 -4.90 -9.09 40.44
CA ASP A 743 -3.99 -8.19 41.14
C ASP A 743 -4.80 -7.07 41.75
N ASP A 744 -4.19 -6.37 42.69
CA ASP A 744 -4.83 -5.24 43.29
C ASP A 744 -4.87 -4.09 42.30
N PRO A 745 -5.74 -3.10 42.53
CA PRO A 745 -5.82 -1.99 41.58
C PRO A 745 -4.50 -1.31 41.29
N GLU A 746 -3.72 -0.94 42.31
CA GLU A 746 -2.52 -0.16 42.08
C GLU A 746 -1.56 -0.87 41.14
N THR A 747 -1.46 -2.19 41.23
CA THR A 747 -0.59 -2.93 40.32
C THR A 747 -1.10 -2.86 38.89
N LYS A 748 -2.40 -3.09 38.71
CA LYS A 748 -2.99 -2.96 37.37
C LYS A 748 -2.74 -1.58 36.81
N ARG A 749 -2.93 -0.55 37.62
CA ARG A 749 -2.78 0.82 37.16
C ARG A 749 -1.35 1.08 36.71
N GLN A 750 -0.36 0.73 37.52
CA GLN A 750 0.99 1.10 37.11
C GLN A 750 1.50 0.22 35.99
N ASN A 751 1.09 -1.03 35.91
CA ASN A 751 1.48 -1.82 34.74
C ASN A 751 0.81 -1.28 33.48
N SER A 752 -0.45 -0.89 33.58
CA SER A 752 -1.15 -0.37 32.41
C SER A 752 -0.54 0.93 31.93
N ASN A 753 -0.16 1.80 32.87
CA ASN A 753 0.55 3.02 32.50
C ASN A 753 1.88 2.70 31.83
N LEU A 754 2.63 1.75 32.35
CA LEU A 754 3.87 1.38 31.69
C LEU A 754 3.62 0.96 30.25
N PHE A 755 2.62 0.10 30.03
CA PHE A 755 2.46 -0.42 28.67
C PHE A 755 1.90 0.64 27.72
N SER A 756 1.02 1.51 28.19
CA SER A 756 0.57 2.60 27.35
C SER A 756 1.73 3.52 26.97
N LEU A 757 2.58 3.85 27.93
CA LEU A 757 3.77 4.63 27.60
C LEU A 757 4.65 3.91 26.59
N LEU A 758 4.71 2.59 26.66
CA LEU A 758 5.44 1.84 25.66
C LEU A 758 4.81 2.02 24.28
N PHE A 759 3.49 2.07 24.22
CA PHE A 759 2.84 2.33 22.93
C PHE A 759 3.26 3.68 22.37
N LEU A 760 3.30 4.69 23.22
CA LEU A 760 3.71 6.01 22.73
C LEU A 760 5.13 5.98 22.19
N ALA A 761 6.05 5.37 22.93
CA ALA A 761 7.43 5.30 22.47
C ALA A 761 7.55 4.49 21.19
N LEU A 762 6.73 3.45 21.05
CA LEU A 762 6.73 2.67 19.83
C LEU A 762 6.28 3.50 18.65
N GLY A 763 5.27 4.34 18.84
CA GLY A 763 4.86 5.23 17.78
C GLY A 763 5.94 6.20 17.36
N ILE A 764 6.67 6.75 18.33
CA ILE A 764 7.75 7.69 17.99
C ILE A 764 8.86 6.98 17.22
N ILE A 765 9.22 5.77 17.65
CA ILE A 765 10.23 5.01 16.92
C ILE A 765 9.77 4.75 15.49
N SER A 766 8.48 4.44 15.31
CA SER A 766 7.98 4.21 13.95
C SER A 766 8.05 5.46 13.12
N PHE A 767 7.74 6.62 13.72
CA PHE A 767 7.82 7.87 12.99
C PHE A 767 9.22 8.11 12.45
N ILE A 768 10.21 8.05 13.33
CA ILE A 768 11.59 8.30 12.90
C ILE A 768 12.04 7.26 11.89
N THR A 769 11.66 5.99 12.09
CA THR A 769 12.10 4.93 11.22
C THR A 769 11.54 5.09 9.82
N PHE A 770 10.23 5.30 9.71
CA PHE A 770 9.63 5.55 8.40
C PHE A 770 10.29 6.73 7.71
N PHE A 771 10.47 7.84 8.44
CA PHE A 771 11.11 9.00 7.84
C PHE A 771 12.46 8.63 7.22
N LEU A 772 13.31 7.95 7.99
CA LEU A 772 14.65 7.67 7.50
C LEU A 772 14.63 6.69 6.34
N GLN A 773 13.85 5.62 6.43
CA GLN A 773 13.79 4.65 5.36
C GLN A 773 13.31 5.28 4.06
N GLY A 774 12.17 5.97 4.13
CA GLY A 774 11.65 6.61 2.93
C GLY A 774 12.62 7.61 2.36
N PHE A 775 13.22 8.44 3.21
CA PHE A 775 14.12 9.46 2.73
C PHE A 775 15.31 8.86 2.00
N THR A 776 15.94 7.85 2.59
CA THR A 776 17.15 7.33 1.97
C THR A 776 16.84 6.55 0.70
N PHE A 777 15.79 5.72 0.70
CA PHE A 777 15.50 5.00 -0.52
C PHE A 777 15.05 5.96 -1.62
N GLY A 778 14.30 7.00 -1.28
CA GLY A 778 13.90 7.96 -2.28
C GLY A 778 15.09 8.70 -2.87
N LYS A 779 16.02 9.13 -2.01
CA LYS A 779 17.21 9.82 -2.49
C LYS A 779 17.99 8.93 -3.46
N ALA A 780 18.22 7.68 -3.08
CA ALA A 780 18.96 6.80 -3.96
C ALA A 780 18.19 6.53 -5.24
N GLY A 781 16.87 6.42 -5.16
CA GLY A 781 16.09 6.13 -6.34
C GLY A 781 16.11 7.26 -7.34
N GLU A 782 16.00 8.49 -6.87
CA GLU A 782 16.06 9.61 -7.79
C GLU A 782 17.44 9.80 -8.38
N ILE A 783 18.49 9.63 -7.58
CA ILE A 783 19.83 9.73 -8.15
C ILE A 783 20.03 8.64 -9.20
N LEU A 784 19.50 7.45 -8.95
CA LEU A 784 19.60 6.39 -9.95
C LEU A 784 18.87 6.76 -11.24
N THR A 785 17.66 7.29 -11.12
CA THR A 785 16.90 7.65 -12.33
C THR A 785 17.64 8.71 -13.12
N LYS A 786 18.22 9.70 -12.45
CA LYS A 786 18.96 10.74 -13.15
C LYS A 786 20.12 10.14 -13.91
N ARG A 787 20.99 9.42 -13.21
CA ARG A 787 22.16 8.84 -13.88
C ARG A 787 21.74 7.99 -15.06
N LEU A 788 20.71 7.17 -14.86
CA LEU A 788 20.32 6.22 -15.90
C LEU A 788 19.76 6.93 -17.12
N ARG A 789 18.89 7.93 -16.91
CA ARG A 789 18.34 8.66 -18.03
C ARG A 789 19.44 9.37 -18.80
N TYR A 790 20.38 9.98 -18.08
CA TYR A 790 21.49 10.64 -18.75
C TYR A 790 22.26 9.67 -19.63
N MET A 791 22.62 8.51 -19.08
CA MET A 791 23.37 7.54 -19.86
C MET A 791 22.60 7.08 -21.09
N VAL A 792 21.30 6.82 -20.95
CA VAL A 792 20.53 6.30 -22.08
C VAL A 792 20.38 7.36 -23.16
N PHE A 793 20.13 8.61 -22.76
CA PHE A 793 20.03 9.69 -23.74
C PHE A 793 21.34 9.85 -24.49
N ARG A 794 22.46 9.82 -23.75
CA ARG A 794 23.77 9.92 -24.39
C ARG A 794 23.96 8.80 -25.41
N SER A 795 23.61 7.57 -25.03
CA SER A 795 23.82 6.47 -25.96
C SER A 795 22.91 6.58 -27.16
N MET A 796 21.70 7.10 -26.98
CA MET A 796 20.81 7.30 -28.11
C MET A 796 21.42 8.28 -29.10
N LEU A 797 21.97 9.39 -28.59
CA LEU A 797 22.65 10.34 -29.46
C LEU A 797 23.86 9.71 -30.14
N ARG A 798 24.56 8.82 -29.45
CA ARG A 798 25.75 8.24 -30.05
C ARG A 798 25.42 7.23 -31.14
N GLN A 799 24.19 6.73 -31.19
CA GLN A 799 23.87 5.62 -32.09
C GLN A 799 23.89 6.06 -33.54
N ASP A 800 24.05 5.07 -34.42
CA ASP A 800 24.12 5.32 -35.85
C ASP A 800 22.72 5.62 -36.42
N VAL A 801 22.69 6.14 -37.64
CA VAL A 801 21.42 6.42 -38.30
C VAL A 801 20.65 5.12 -38.55
N SER A 802 21.37 4.02 -38.83
CA SER A 802 20.73 2.73 -39.04
C SER A 802 19.91 2.32 -37.82
N TRP A 803 20.41 2.58 -36.62
CA TRP A 803 19.64 2.27 -35.43
C TRP A 803 18.35 3.08 -35.36
N PHE A 804 18.35 4.29 -35.92
CA PHE A 804 17.12 5.06 -35.99
C PHE A 804 16.21 4.62 -37.10
N ASP A 805 16.75 3.87 -38.08
CA ASP A 805 15.94 3.49 -39.23
C ASP A 805 14.85 2.49 -38.86
N ASP A 806 15.10 1.61 -37.90
CA ASP A 806 14.15 0.56 -37.56
C ASP A 806 12.87 1.15 -36.98
N PRO A 807 11.70 0.75 -37.47
CA PRO A 807 10.47 1.48 -37.12
C PRO A 807 10.01 1.24 -35.70
N LYS A 808 10.49 0.20 -35.03
CA LYS A 808 10.17 0.04 -33.62
C LYS A 808 10.80 1.15 -32.81
N ASN A 809 12.05 1.50 -33.11
CA ASN A 809 12.80 2.51 -32.38
C ASN A 809 12.64 3.91 -32.95
N THR A 810 11.67 4.16 -33.82
CA THR A 810 11.69 5.45 -34.51
C THR A 810 11.20 6.58 -33.61
N THR A 811 10.03 6.42 -32.99
CA THR A 811 9.48 7.48 -32.15
C THR A 811 9.19 7.00 -30.74
N GLY A 812 8.47 5.89 -30.65
CA GLY A 812 7.87 5.50 -29.38
C GLY A 812 8.76 4.67 -28.49
N ALA A 813 9.64 3.85 -29.08
CA ALA A 813 10.55 3.08 -28.25
C ALA A 813 11.55 3.98 -27.56
N LEU A 814 12.19 4.87 -28.31
CA LEU A 814 13.18 5.74 -27.72
C LEU A 814 12.56 6.68 -26.70
N THR A 815 11.38 7.22 -26.97
CA THR A 815 10.75 8.09 -25.99
C THR A 815 10.28 7.29 -24.78
N THR A 816 9.63 6.15 -25.00
CA THR A 816 9.06 5.38 -23.91
C THR A 816 10.15 4.85 -23.00
N ARG A 817 11.20 4.25 -23.57
CA ARG A 817 12.22 3.63 -22.74
C ARG A 817 12.85 4.62 -21.78
N LEU A 818 12.88 5.90 -22.13
CA LEU A 818 13.52 6.89 -21.24
C LEU A 818 12.67 7.16 -20.02
N ALA A 819 11.35 7.01 -20.11
CA ALA A 819 10.50 7.15 -18.94
C ALA A 819 10.26 5.81 -18.25
N ASN A 820 10.41 4.72 -19.00
CA ASN A 820 10.17 3.39 -18.46
C ASN A 820 11.40 2.85 -17.74
N ASP A 821 12.57 3.41 -18.03
CA ASP A 821 13.80 2.95 -17.41
C ASP A 821 13.96 3.52 -16.01
N ALA A 822 13.53 4.75 -15.82
CA ALA A 822 13.65 5.38 -14.51
C ALA A 822 12.73 4.74 -13.49
N ALA A 823 11.44 4.64 -13.83
CA ALA A 823 10.44 4.19 -12.88
C ALA A 823 10.67 2.75 -12.46
N GLN A 824 11.32 1.96 -13.29
CA GLN A 824 11.36 0.53 -13.03
C GLN A 824 12.60 0.10 -12.27
N VAL A 825 13.78 0.57 -12.65
CA VAL A 825 15.00 0.04 -12.06
C VAL A 825 15.01 0.27 -10.55
N LYS A 826 14.44 1.38 -10.09
CA LYS A 826 14.35 1.59 -8.65
C LYS A 826 13.49 0.50 -8.01
N GLY A 827 12.43 0.08 -8.69
CA GLY A 827 11.67 -1.06 -8.22
C GLY A 827 12.45 -2.36 -8.33
N ALA A 828 13.39 -2.42 -9.27
CA ALA A 828 14.18 -3.63 -9.43
C ALA A 828 15.12 -3.86 -8.27
N ILE A 829 15.69 -2.80 -7.70
CA ILE A 829 16.66 -2.95 -6.61
C ILE A 829 16.13 -2.44 -5.27
N GLY A 830 15.82 -1.15 -5.17
CA GLY A 830 15.52 -0.60 -3.86
C GLY A 830 14.24 -1.13 -3.27
N SER A 831 13.15 -1.11 -4.05
CA SER A 831 11.87 -1.61 -3.57
C SER A 831 11.93 -3.10 -3.25
N ARG A 832 12.53 -3.89 -4.14
CA ARG A 832 12.71 -5.31 -3.85
C ARG A 832 13.39 -5.52 -2.51
N LEU A 833 14.52 -4.86 -2.29
CA LEU A 833 15.24 -5.09 -1.04
C LEU A 833 14.40 -4.65 0.16
N ALA A 834 13.79 -3.47 0.09
CA ALA A 834 13.03 -2.99 1.24
C ALA A 834 11.90 -3.94 1.58
N VAL A 835 11.17 -4.41 0.57
CA VAL A 835 9.97 -5.20 0.84
C VAL A 835 10.35 -6.60 1.32
N ILE A 836 11.31 -7.25 0.67
CA ILE A 836 11.76 -8.56 1.13
C ILE A 836 12.32 -8.48 2.53
N THR A 837 13.19 -7.51 2.80
CA THR A 837 13.78 -7.40 4.12
C THR A 837 12.73 -7.15 5.19
N GLN A 838 11.81 -6.21 4.94
CA GLN A 838 10.81 -5.89 5.94
C GLN A 838 9.89 -7.06 6.20
N ASN A 839 9.44 -7.75 5.13
CA ASN A 839 8.55 -8.88 5.34
C ASN A 839 9.26 -10.01 6.05
N ILE A 840 10.51 -10.32 5.66
CA ILE A 840 11.23 -11.39 6.32
C ILE A 840 11.40 -11.09 7.80
N ALA A 841 11.82 -9.87 8.13
CA ALA A 841 11.97 -9.53 9.55
C ALA A 841 10.65 -9.70 10.28
N ASN A 842 9.60 -9.05 9.78
CA ASN A 842 8.29 -9.08 10.45
C ASN A 842 7.82 -10.50 10.68
N LEU A 843 7.58 -11.22 9.59
CA LEU A 843 7.01 -12.55 9.67
C LEU A 843 7.92 -13.51 10.44
N GLY A 844 9.22 -13.50 10.14
CA GLY A 844 10.13 -14.38 10.84
C GLY A 844 10.07 -14.23 12.35
N THR A 845 10.31 -13.01 12.85
CA THR A 845 10.39 -12.90 14.30
C THR A 845 9.03 -13.08 14.95
N GLY A 846 7.94 -12.70 14.28
CA GLY A 846 6.63 -12.98 14.85
C GLY A 846 6.37 -14.46 14.97
N ILE A 847 6.74 -15.23 13.94
CA ILE A 847 6.55 -16.67 13.97
C ILE A 847 7.42 -17.30 15.04
N ILE A 848 8.62 -16.78 15.25
CA ILE A 848 9.51 -17.39 16.24
C ILE A 848 8.97 -17.17 17.64
N ILE A 849 8.59 -15.95 17.97
CA ILE A 849 8.04 -15.71 19.30
C ILE A 849 6.77 -16.54 19.51
N SER A 850 5.93 -16.63 18.49
CA SER A 850 4.74 -17.47 18.60
C SER A 850 5.09 -18.93 18.79
N PHE A 851 6.14 -19.42 18.12
CA PHE A 851 6.57 -20.79 18.31
C PHE A 851 6.95 -21.04 19.76
N ILE A 852 7.62 -20.07 20.37
CA ILE A 852 8.11 -20.27 21.73
C ILE A 852 6.96 -20.25 22.73
N TYR A 853 5.96 -19.41 22.50
CA TYR A 853 4.87 -19.37 23.48
C TYR A 853 3.89 -20.51 23.30
N GLY A 854 3.66 -20.97 22.08
CA GLY A 854 2.85 -22.15 21.86
C GLY A 854 3.13 -22.78 20.52
N TRP A 855 3.42 -24.08 20.48
CA TRP A 855 3.86 -24.66 19.22
C TRP A 855 2.72 -25.27 18.43
N GLN A 856 1.73 -25.86 19.08
CA GLN A 856 0.60 -26.41 18.34
C GLN A 856 -0.15 -25.31 17.60
N LEU A 857 -0.56 -24.29 18.35
CA LEU A 857 -1.38 -23.22 17.81
C LEU A 857 -0.67 -22.49 16.68
N THR A 858 0.65 -22.37 16.77
CA THR A 858 1.41 -21.74 15.70
C THR A 858 1.35 -22.53 14.42
N LEU A 859 1.46 -23.86 14.50
CA LEU A 859 1.35 -24.67 13.30
C LEU A 859 -0.05 -24.58 12.69
N LEU A 860 -1.06 -24.70 13.55
CA LEU A 860 -2.44 -24.53 13.09
C LEU A 860 -2.58 -23.24 12.29
N LEU A 861 -2.08 -22.14 12.83
CA LEU A 861 -2.25 -20.83 12.21
C LEU A 861 -1.39 -20.68 10.97
N LEU A 862 -0.20 -21.29 10.95
CA LEU A 862 0.66 -21.26 9.78
C LEU A 862 0.00 -21.91 8.59
N ALA A 863 -0.82 -22.92 8.81
CA ALA A 863 -1.56 -23.50 7.69
C ALA A 863 -2.41 -22.46 6.98
N ILE A 864 -2.87 -21.43 7.70
CA ILE A 864 -3.84 -20.47 7.17
C ILE A 864 -3.18 -19.15 6.77
N VAL A 865 -1.99 -18.86 7.26
CA VAL A 865 -1.33 -17.57 6.97
C VAL A 865 -1.31 -17.20 5.49
N PRO A 866 -0.88 -18.07 4.56
CA PRO A 866 -0.77 -17.62 3.15
C PRO A 866 -2.05 -17.04 2.60
N ILE A 867 -3.19 -17.56 3.03
CA ILE A 867 -4.47 -17.03 2.55
C ILE A 867 -4.65 -15.59 3.00
N ILE A 868 -4.28 -15.29 4.24
CA ILE A 868 -4.43 -13.91 4.73
C ILE A 868 -3.48 -12.97 3.99
N ALA A 869 -2.25 -13.40 3.76
CA ALA A 869 -1.31 -12.54 3.04
C ALA A 869 -1.82 -12.24 1.63
N ILE A 870 -2.19 -13.28 0.89
CA ILE A 870 -2.68 -13.05 -0.45
C ILE A 870 -4.00 -12.29 -0.43
N ALA A 871 -4.75 -12.36 0.68
CA ALA A 871 -5.96 -11.56 0.81
C ALA A 871 -5.64 -10.07 0.84
N GLY A 872 -4.68 -9.69 1.67
CA GLY A 872 -4.26 -8.30 1.67
C GLY A 872 -3.79 -7.84 0.31
N VAL A 873 -3.04 -8.69 -0.39
CA VAL A 873 -2.55 -8.31 -1.71
C VAL A 873 -3.72 -8.07 -2.67
N VAL A 874 -4.71 -8.96 -2.64
CA VAL A 874 -5.87 -8.81 -3.51
C VAL A 874 -6.61 -7.53 -3.20
N GLU A 875 -6.77 -7.20 -1.91
CA GLU A 875 -7.45 -5.97 -1.53
C GLU A 875 -6.76 -4.75 -2.14
N MET A 876 -5.48 -4.58 -1.82
CA MET A 876 -4.78 -3.41 -2.34
C MET A 876 -4.80 -3.38 -3.86
N LYS A 877 -4.54 -4.52 -4.52
CA LYS A 877 -4.55 -4.54 -5.97
C LYS A 877 -5.91 -4.18 -6.53
N MET A 878 -6.98 -4.51 -5.82
CA MET A 878 -8.30 -4.03 -6.21
C MET A 878 -8.35 -2.51 -6.16
N LEU A 879 -7.77 -1.92 -5.12
CA LEU A 879 -7.75 -0.46 -5.05
C LEU A 879 -6.97 0.15 -6.21
N SER A 880 -5.87 -0.49 -6.63
CA SER A 880 -5.02 0.10 -7.65
C SER A 880 -5.63 -0.02 -9.04
N GLY A 881 -6.18 -1.18 -9.37
CA GLY A 881 -6.79 -1.41 -10.66
C GLY A 881 -6.13 -2.57 -11.41
N GLN A 882 -6.56 -2.73 -12.65
CA GLN A 882 -6.09 -3.80 -13.51
C GLN A 882 -5.03 -3.35 -14.52
N ALA A 883 -4.84 -2.04 -14.69
CA ALA A 883 -3.79 -1.44 -15.51
C ALA A 883 -4.05 -1.56 -17.01
N LEU A 884 -5.07 -2.31 -17.42
CA LEU A 884 -5.49 -2.42 -18.82
C LEU A 884 -4.29 -2.75 -19.73
N LYS A 885 -3.77 -3.95 -19.53
CA LYS A 885 -2.73 -4.49 -20.39
C LYS A 885 -3.35 -5.39 -21.46
N ASP A 886 -4.27 -4.82 -22.24
CA ASP A 886 -5.05 -5.59 -23.20
C ASP A 886 -4.81 -5.12 -24.63
N LYS A 887 -3.61 -4.60 -24.91
CA LYS A 887 -3.27 -4.26 -26.29
C LYS A 887 -3.29 -5.50 -27.19
N LYS A 888 -2.94 -6.67 -26.64
CA LYS A 888 -3.08 -7.90 -27.40
C LYS A 888 -4.54 -8.22 -27.68
N GLU A 889 -5.40 -8.09 -26.67
CA GLU A 889 -6.82 -8.39 -26.86
C GLU A 889 -7.46 -7.35 -27.77
N LEU A 890 -7.27 -6.07 -27.45
CA LEU A 890 -7.77 -4.96 -28.22
C LEU A 890 -6.93 -4.69 -29.47
N GLU A 891 -6.05 -5.61 -29.85
CA GLU A 891 -5.04 -5.34 -30.87
C GLU A 891 -5.67 -5.17 -32.24
N GLY A 892 -6.45 -6.16 -32.68
CA GLY A 892 -7.12 -6.04 -33.96
C GLY A 892 -8.07 -4.86 -34.01
N ALA A 893 -8.76 -4.60 -32.91
CA ALA A 893 -9.66 -3.45 -32.86
C ALA A 893 -8.89 -2.15 -33.03
N GLY A 894 -7.78 -1.99 -32.31
CA GLY A 894 -6.97 -0.80 -32.48
C GLY A 894 -6.38 -0.69 -33.87
N LYS A 895 -6.03 -1.82 -34.47
CA LYS A 895 -5.57 -1.82 -35.86
C LYS A 895 -6.66 -1.28 -36.78
N ILE A 896 -7.90 -1.74 -36.58
CA ILE A 896 -9.01 -1.26 -37.39
C ILE A 896 -9.23 0.23 -37.15
N ALA A 897 -9.15 0.66 -35.90
CA ALA A 897 -9.41 2.06 -35.58
C ALA A 897 -8.34 2.95 -36.17
N THR A 898 -7.08 2.51 -36.15
CA THR A 898 -6.03 3.31 -36.76
C THR A 898 -6.16 3.31 -38.28
N GLU A 899 -6.51 2.15 -38.87
CA GLU A 899 -6.58 2.10 -40.32
C GLU A 899 -7.77 2.86 -40.85
N ALA A 900 -8.80 3.10 -40.04
CA ALA A 900 -9.88 3.98 -40.49
C ALA A 900 -9.38 5.42 -40.63
N ILE A 901 -8.53 5.85 -39.70
CA ILE A 901 -7.88 7.15 -39.82
C ILE A 901 -6.98 7.17 -41.05
N GLU A 902 -6.11 6.18 -41.17
CA GLU A 902 -5.21 6.07 -42.32
C GLU A 902 -5.97 6.15 -43.62
N ASN A 903 -7.00 5.34 -43.77
CA ASN A 903 -7.75 5.26 -45.01
C ASN A 903 -8.88 6.27 -45.05
N PHE A 904 -8.88 7.23 -44.13
CA PHE A 904 -9.84 8.31 -44.18
C PHE A 904 -9.81 9.02 -45.53
N ARG A 905 -8.65 9.06 -46.19
CA ARG A 905 -8.59 9.60 -47.54
C ARG A 905 -9.28 8.69 -48.53
N THR A 906 -9.29 7.39 -48.28
CA THR A 906 -9.98 6.46 -49.17
C THR A 906 -11.47 6.38 -48.87
N VAL A 907 -11.87 6.71 -47.64
CA VAL A 907 -13.27 6.78 -47.27
C VAL A 907 -14.06 7.70 -48.19
N VAL A 908 -13.40 8.63 -48.88
CA VAL A 908 -14.12 9.63 -49.66
C VAL A 908 -14.86 8.97 -50.82
N SER A 909 -14.20 8.05 -51.52
CA SER A 909 -14.87 7.35 -52.62
C SER A 909 -16.06 6.54 -52.10
N LEU A 910 -15.84 5.76 -51.05
CA LEU A 910 -16.88 4.93 -50.44
C LEU A 910 -16.73 5.05 -48.94
N THR A 911 -17.78 5.50 -48.26
CA THR A 911 -17.66 5.76 -46.83
C THR A 911 -17.36 4.48 -46.07
N GLN A 912 -18.10 3.41 -46.36
CA GLN A 912 -17.85 2.10 -45.76
C GLN A 912 -17.79 2.17 -44.25
N GLU A 913 -18.59 3.07 -43.67
CA GLU A 913 -18.77 3.05 -42.23
C GLU A 913 -19.18 1.68 -41.74
N GLN A 914 -20.25 1.12 -42.31
CA GLN A 914 -20.78 -0.14 -41.82
C GLN A 914 -19.71 -1.24 -41.85
N LYS A 915 -18.89 -1.29 -42.90
CA LYS A 915 -17.91 -2.36 -43.00
C LYS A 915 -16.86 -2.26 -41.90
N PHE A 916 -16.32 -1.06 -41.70
CA PHE A 916 -15.35 -0.87 -40.63
C PHE A 916 -15.97 -1.08 -39.27
N GLU A 917 -17.19 -0.61 -39.07
CA GLU A 917 -17.84 -0.78 -37.79
C GLU A 917 -18.10 -2.24 -37.49
N HIS A 918 -18.49 -3.03 -38.50
CA HIS A 918 -18.68 -4.45 -38.29
C HIS A 918 -17.37 -5.13 -37.96
N MET A 919 -16.29 -4.77 -38.67
CA MET A 919 -15.00 -5.35 -38.33
C MET A 919 -14.61 -5.01 -36.90
N TYR A 920 -14.87 -3.78 -36.48
CA TYR A 920 -14.46 -3.37 -35.15
C TYR A 920 -15.32 -4.03 -34.06
N ALA A 921 -16.63 -4.09 -34.26
CA ALA A 921 -17.49 -4.77 -33.30
C ALA A 921 -17.15 -6.26 -33.21
N GLN A 922 -16.90 -6.89 -34.37
CA GLN A 922 -16.47 -8.28 -34.35
C GLN A 922 -15.15 -8.42 -33.61
N SER A 923 -14.29 -7.41 -33.68
CA SER A 923 -13.07 -7.46 -32.87
C SER A 923 -13.39 -7.36 -31.39
N LEU A 924 -14.33 -6.50 -31.02
CA LEU A 924 -14.66 -6.27 -29.62
C LEU A 924 -15.42 -7.43 -28.99
N GLN A 925 -16.05 -8.29 -29.79
CA GLN A 925 -16.91 -9.32 -29.21
C GLN A 925 -16.19 -10.21 -28.22
N VAL A 926 -14.93 -10.56 -28.50
CA VAL A 926 -14.19 -11.49 -27.66
C VAL A 926 -13.80 -10.85 -26.33
N PRO A 927 -13.21 -9.65 -26.31
CA PRO A 927 -12.88 -9.04 -25.02
C PRO A 927 -14.09 -8.84 -24.12
N TYR A 928 -15.27 -8.61 -24.69
CA TYR A 928 -16.46 -8.38 -23.87
C TYR A 928 -16.85 -9.64 -23.09
N ARG A 929 -16.97 -10.77 -23.79
CA ARG A 929 -17.26 -12.03 -23.11
C ARG A 929 -16.16 -12.37 -22.11
N ASN A 930 -14.91 -12.25 -22.54
CA ASN A 930 -13.80 -12.51 -21.64
C ASN A 930 -13.90 -11.64 -20.38
N SER A 931 -14.35 -10.40 -20.54
CA SER A 931 -14.37 -9.49 -19.40
C SER A 931 -15.50 -9.83 -18.44
N LEU A 932 -16.65 -10.24 -18.96
CA LEU A 932 -17.70 -10.73 -18.06
C LEU A 932 -17.20 -11.93 -17.25
N ARG A 933 -16.56 -12.88 -17.92
CA ARG A 933 -16.03 -14.05 -17.22
C ARG A 933 -15.04 -13.62 -16.15
N LYS A 934 -14.10 -12.73 -16.50
CA LYS A 934 -13.11 -12.26 -15.56
C LYS A 934 -13.75 -11.56 -14.36
N ALA A 935 -14.85 -10.85 -14.58
CA ALA A 935 -15.52 -10.20 -13.46
C ALA A 935 -16.07 -11.24 -12.49
N HIS A 936 -16.70 -12.28 -13.02
CA HIS A 936 -17.16 -13.38 -12.16
C HIS A 936 -16.02 -13.93 -11.31
N ILE A 937 -14.89 -14.20 -11.96
CA ILE A 937 -13.75 -14.81 -11.27
C ILE A 937 -13.26 -13.91 -10.14
N PHE A 938 -13.07 -12.62 -10.44
CA PHE A 938 -12.56 -11.70 -9.44
C PHE A 938 -13.49 -11.61 -8.25
N GLY A 939 -14.81 -11.61 -8.50
CA GLY A 939 -15.74 -11.62 -7.39
C GLY A 939 -15.57 -12.83 -6.51
N ILE A 940 -15.42 -14.01 -7.12
CA ILE A 940 -15.27 -15.23 -6.32
C ILE A 940 -14.04 -15.17 -5.43
N THR A 941 -12.91 -14.74 -6.00
CA THR A 941 -11.67 -14.72 -5.21
C THR A 941 -11.74 -13.70 -4.07
N PHE A 942 -12.12 -12.48 -4.38
CA PHE A 942 -12.23 -11.46 -3.35
C PHE A 942 -13.13 -11.92 -2.21
N SER A 943 -14.25 -12.55 -2.55
CA SER A 943 -15.16 -12.99 -1.52
C SER A 943 -14.55 -14.08 -0.65
N PHE A 944 -13.88 -15.06 -1.28
CA PHE A 944 -13.28 -16.13 -0.49
C PHE A 944 -12.30 -15.59 0.53
N THR A 945 -11.40 -14.70 0.11
CA THR A 945 -10.40 -14.20 1.06
C THR A 945 -11.05 -13.36 2.18
N GLN A 946 -11.95 -12.46 1.79
CA GLN A 946 -12.59 -11.62 2.80
C GLN A 946 -13.36 -12.44 3.83
N ALA A 947 -13.85 -13.62 3.45
CA ALA A 947 -14.48 -14.46 4.45
C ALA A 947 -13.47 -15.25 5.26
N MET A 948 -12.40 -15.72 4.61
CA MET A 948 -11.42 -16.54 5.29
C MET A 948 -10.80 -15.82 6.46
N MET A 949 -10.78 -14.48 6.45
CA MET A 949 -10.32 -13.78 7.65
C MET A 949 -11.15 -14.16 8.88
N TYR A 950 -12.48 -14.04 8.80
CA TYR A 950 -13.32 -14.34 9.96
C TYR A 950 -13.31 -15.82 10.30
N PHE A 951 -13.25 -16.67 9.28
CA PHE A 951 -13.12 -18.09 9.57
C PHE A 951 -11.86 -18.35 10.38
N SER A 952 -10.78 -17.65 10.07
CA SER A 952 -9.54 -17.85 10.82
C SER A 952 -9.68 -17.41 12.26
N TYR A 953 -10.28 -16.25 12.49
CA TYR A 953 -10.58 -15.85 13.87
C TYR A 953 -11.28 -16.98 14.62
N ALA A 954 -12.36 -17.51 14.04
CA ALA A 954 -13.16 -18.53 14.71
C ALA A 954 -12.34 -19.76 15.06
N GLY A 955 -11.67 -20.32 14.06
CA GLY A 955 -10.93 -21.56 14.29
C GLY A 955 -9.81 -21.40 15.29
N CYS A 956 -9.03 -20.31 15.17
CA CYS A 956 -7.94 -20.08 16.09
C CYS A 956 -8.45 -20.00 17.52
N PHE A 957 -9.53 -19.27 17.74
CA PHE A 957 -9.94 -19.12 19.13
C PHE A 957 -10.62 -20.37 19.67
N ARG A 958 -11.27 -21.17 18.84
CA ARG A 958 -11.83 -22.42 19.36
C ARG A 958 -10.73 -23.41 19.75
N PHE A 959 -9.72 -23.60 18.88
CA PHE A 959 -8.57 -24.42 19.24
C PHE A 959 -7.90 -23.89 20.50
N GLY A 960 -7.83 -22.57 20.65
CA GLY A 960 -7.24 -22.01 21.84
C GLY A 960 -8.08 -22.23 23.08
N ALA A 961 -9.39 -22.30 22.93
CA ALA A 961 -10.24 -22.61 24.07
C ALA A 961 -10.01 -24.02 24.55
N TYR A 962 -9.91 -24.97 23.62
CA TYR A 962 -9.50 -26.31 24.01
C TYR A 962 -8.19 -26.28 24.78
N LEU A 963 -7.20 -25.56 24.26
CA LEU A 963 -5.91 -25.52 24.93
C LEU A 963 -6.00 -24.96 26.35
N VAL A 964 -6.70 -23.85 26.53
CA VAL A 964 -6.81 -23.29 27.87
C VAL A 964 -7.54 -24.25 28.81
N ALA A 965 -8.53 -24.98 28.30
CA ALA A 965 -9.29 -25.87 29.19
C ALA A 965 -8.40 -26.93 29.81
N HIS A 966 -7.36 -27.36 29.10
CA HIS A 966 -6.42 -28.36 29.59
C HIS A 966 -5.11 -27.74 30.07
N LYS A 967 -5.11 -26.44 30.35
CA LYS A 967 -3.96 -25.75 30.95
C LYS A 967 -2.66 -26.03 30.20
N LEU A 968 -2.74 -26.12 28.87
CA LEU A 968 -1.53 -26.25 28.08
C LEU A 968 -0.85 -24.91 27.86
N MET A 969 -1.61 -23.83 27.85
CA MET A 969 -1.06 -22.50 27.66
C MET A 969 -2.05 -21.48 28.21
N SER A 970 -1.53 -20.31 28.57
CA SER A 970 -2.35 -19.29 29.19
C SER A 970 -3.15 -18.54 28.14
N PHE A 971 -4.16 -17.81 28.59
CA PHE A 971 -4.96 -17.01 27.68
C PHE A 971 -4.14 -15.90 27.05
N GLU A 972 -3.29 -15.26 27.86
CA GLU A 972 -2.42 -14.24 27.31
C GLU A 972 -1.50 -14.80 26.24
N ASP A 973 -1.11 -16.07 26.36
CA ASP A 973 -0.16 -16.64 25.40
C ASP A 973 -0.84 -16.98 24.09
N VAL A 974 -2.07 -17.50 24.13
CA VAL A 974 -2.79 -17.73 22.88
C VAL A 974 -3.13 -16.41 22.22
N LEU A 975 -3.48 -15.40 23.01
CA LEU A 975 -3.74 -14.08 22.43
C LEU A 975 -2.50 -13.50 21.78
N LEU A 976 -1.35 -13.58 22.44
CA LEU A 976 -0.10 -13.12 21.85
C LEU A 976 0.20 -13.85 20.55
N VAL A 977 0.11 -15.18 20.55
CA VAL A 977 0.40 -15.95 19.35
C VAL A 977 -0.50 -15.52 18.21
N PHE A 978 -1.80 -15.46 18.46
CA PHE A 978 -2.77 -15.09 17.44
C PHE A 978 -2.51 -13.69 16.91
N SER A 979 -2.41 -12.71 17.81
CA SER A 979 -2.17 -11.34 17.39
C SER A 979 -0.92 -11.24 16.54
N ALA A 980 0.21 -11.75 17.05
CA ALA A 980 1.46 -11.65 16.32
C ALA A 980 1.34 -12.24 14.93
N VAL A 981 0.87 -13.49 14.81
CA VAL A 981 0.87 -14.16 13.52
C VAL A 981 -0.15 -13.52 12.57
N VAL A 982 -1.36 -13.27 13.04
CA VAL A 982 -2.40 -12.71 12.19
C VAL A 982 -2.02 -11.31 11.72
N PHE A 983 -1.72 -10.42 12.66
CA PHE A 983 -1.39 -9.05 12.27
C PHE A 983 -0.13 -9.01 11.43
N GLY A 984 0.84 -9.89 11.70
CA GLY A 984 1.99 -9.99 10.84
C GLY A 984 1.63 -10.40 9.43
N ALA A 985 0.70 -11.33 9.28
CA ALA A 985 0.30 -11.75 7.95
C ALA A 985 -0.40 -10.62 7.20
N MET A 986 -1.29 -9.90 7.90
CA MET A 986 -1.94 -8.76 7.25
C MET A 986 -0.90 -7.74 6.79
N ALA A 987 0.05 -7.39 7.66
CA ALA A 987 1.06 -6.41 7.28
C ALA A 987 1.94 -6.93 6.16
N VAL A 988 2.19 -8.23 6.13
CA VAL A 988 3.00 -8.83 5.07
C VAL A 988 2.30 -8.64 3.73
N GLY A 989 1.01 -8.94 3.68
CA GLY A 989 0.28 -8.76 2.44
C GLY A 989 0.30 -7.30 2.01
N GLN A 990 0.00 -6.40 2.94
CA GLN A 990 -0.02 -4.97 2.63
C GLN A 990 1.30 -4.51 2.05
N VAL A 991 2.42 -4.88 2.67
CA VAL A 991 3.72 -4.47 2.18
C VAL A 991 4.01 -5.08 0.82
N SER A 992 3.66 -6.35 0.61
CA SER A 992 3.92 -6.94 -0.69
C SER A 992 3.02 -6.38 -1.77
N SER A 993 2.00 -5.60 -1.39
CA SER A 993 1.17 -4.97 -2.41
C SER A 993 1.80 -3.69 -2.95
N PHE A 994 2.56 -2.98 -2.14
CA PHE A 994 3.14 -1.71 -2.59
C PHE A 994 4.34 -1.91 -3.50
N ALA A 995 5.02 -3.03 -3.39
CA ALA A 995 6.20 -3.24 -4.20
C ALA A 995 5.82 -3.36 -5.67
N PRO A 996 6.54 -2.74 -6.58
CA PRO A 996 6.35 -2.99 -8.00
C PRO A 996 6.86 -4.38 -8.39
N ASP A 997 6.50 -4.78 -9.60
CA ASP A 997 6.80 -6.14 -10.05
C ASP A 997 8.26 -6.27 -10.48
N TYR A 998 8.89 -7.37 -10.09
CA TYR A 998 10.28 -7.60 -10.44
C TYR A 998 10.43 -7.91 -11.93
N ALA A 999 9.40 -8.51 -12.54
CA ALA A 999 9.54 -9.02 -13.91
C ALA A 999 9.63 -7.89 -14.92
N LYS A 1000 8.68 -6.97 -14.88
CA LYS A 1000 8.73 -5.79 -15.73
C LYS A 1000 10.08 -5.08 -15.56
N ALA A 1001 10.50 -4.87 -14.33
CA ALA A 1001 11.74 -4.18 -14.07
C ALA A 1001 12.92 -4.91 -14.71
N LYS A 1002 12.95 -6.23 -14.58
CA LYS A 1002 14.06 -7.00 -15.12
C LYS A 1002 14.11 -6.89 -16.64
N ILE A 1003 12.96 -6.99 -17.29
CA ILE A 1003 12.97 -6.95 -18.76
C ILE A 1003 13.37 -5.56 -19.24
N SER A 1004 12.93 -4.51 -18.52
CA SER A 1004 13.38 -3.17 -18.89
C SER A 1004 14.88 -3.03 -18.75
N ALA A 1005 15.43 -3.45 -17.61
CA ALA A 1005 16.86 -3.33 -17.38
C ALA A 1005 17.67 -4.08 -18.44
N ALA A 1006 17.17 -5.23 -18.88
CA ALA A 1006 17.86 -5.94 -19.95
C ALA A 1006 17.84 -5.12 -21.24
N HIS A 1007 16.69 -4.57 -21.60
CA HIS A 1007 16.64 -3.71 -22.79
C HIS A 1007 17.67 -2.60 -22.69
N ILE A 1008 17.81 -2.01 -21.50
CA ILE A 1008 18.68 -0.85 -21.33
C ILE A 1008 20.13 -1.26 -21.50
N ILE A 1009 20.54 -2.35 -20.86
CA ILE A 1009 21.90 -2.84 -21.06
C ILE A 1009 22.16 -3.09 -22.53
N MET A 1010 21.16 -3.60 -23.25
CA MET A 1010 21.34 -3.77 -24.69
C MET A 1010 21.58 -2.44 -25.39
N ILE A 1011 20.84 -1.40 -25.00
CA ILE A 1011 20.99 -0.10 -25.65
C ILE A 1011 22.39 0.44 -25.44
N ILE A 1012 22.91 0.34 -24.20
CA ILE A 1012 24.21 0.95 -23.91
C ILE A 1012 25.34 0.26 -24.66
N GLU A 1013 25.22 -1.05 -24.90
CA GLU A 1013 26.33 -1.78 -25.51
C GLU A 1013 26.46 -1.47 -26.99
N LYS A 1014 25.33 -1.21 -27.63
CA LYS A 1014 25.29 -0.90 -29.06
C LYS A 1014 26.31 0.13 -29.50
N THR A 1015 27.09 -0.22 -30.52
CA THR A 1015 28.12 0.66 -31.05
C THR A 1015 28.26 0.41 -32.55
N PRO A 1016 27.78 1.35 -33.37
CA PRO A 1016 27.82 1.25 -34.83
C PRO A 1016 29.08 1.88 -35.46
N LEU A 1017 30.20 1.81 -34.75
CA LEU A 1017 31.47 2.35 -35.23
C LEU A 1017 31.33 3.79 -35.74
N ILE A 1018 30.50 4.57 -35.09
CA ILE A 1018 30.28 5.95 -35.49
C ILE A 1018 31.60 6.73 -35.56
N ASP A 1019 32.55 6.35 -34.72
CA ASP A 1019 33.87 6.99 -34.66
C ASP A 1019 33.77 8.51 -34.57
N SER A 1020 32.94 8.98 -33.64
CA SER A 1020 32.75 10.41 -33.44
C SER A 1020 33.44 10.83 -32.15
N TYR A 1021 33.61 9.87 -31.25
CA TYR A 1021 34.26 10.12 -29.98
C TYR A 1021 35.75 9.77 -30.02
N SER A 1022 36.23 9.35 -31.19
CA SER A 1022 37.63 8.99 -31.34
C SER A 1022 38.32 9.90 -32.34
N THR A 1023 39.60 10.16 -32.08
CA THR A 1023 40.42 11.03 -32.91
C THR A 1023 41.08 10.28 -34.07
N GLU A 1024 41.15 8.95 -33.99
CA GLU A 1024 42.02 8.19 -34.89
C GLU A 1024 41.46 8.17 -36.31
N GLY A 1025 42.38 8.11 -37.28
CA GLY A 1025 42.10 8.13 -38.69
C GLY A 1025 43.21 8.84 -39.43
N LEU A 1026 42.90 9.32 -40.63
CA LEU A 1026 43.84 10.11 -41.41
C LEU A 1026 43.56 11.59 -41.18
N MET A 1027 44.56 12.31 -40.69
CA MET A 1027 44.45 13.73 -40.41
C MET A 1027 45.52 14.46 -41.23
N PRO A 1028 45.21 14.83 -42.46
CA PRO A 1028 46.09 15.73 -43.20
C PRO A 1028 45.88 17.17 -42.77
N ASN A 1029 46.96 17.95 -42.84
CA ASN A 1029 46.86 19.37 -42.51
C ASN A 1029 46.19 20.18 -43.61
N THR A 1030 46.16 19.66 -44.84
CA THR A 1030 45.73 20.44 -45.98
C THR A 1030 44.72 19.67 -46.82
N LEU A 1031 44.07 20.38 -47.74
CA LEU A 1031 43.07 19.83 -48.64
C LEU A 1031 43.01 20.71 -49.89
N GLU A 1032 42.19 20.28 -50.85
CA GLU A 1032 41.87 21.11 -52.01
C GLU A 1032 40.37 21.35 -52.17
N GLY A 1033 39.56 20.28 -52.12
CA GLY A 1033 38.13 20.43 -52.29
C GLY A 1033 37.60 19.72 -53.52
N ASN A 1034 38.25 18.63 -53.92
CA ASN A 1034 37.85 17.85 -55.09
C ASN A 1034 37.23 16.54 -54.62
N VAL A 1035 36.07 16.21 -55.17
CA VAL A 1035 35.33 15.01 -54.80
C VAL A 1035 35.17 14.13 -56.03
N THR A 1036 35.34 12.83 -55.86
CA THR A 1036 35.24 11.88 -56.97
C THR A 1036 34.53 10.63 -56.51
N PHE A 1037 33.27 10.47 -56.90
CA PHE A 1037 32.54 9.24 -56.69
C PHE A 1037 32.82 8.29 -57.85
N GLY A 1038 32.87 7.00 -57.54
CA GLY A 1038 33.00 6.01 -58.59
C GLY A 1038 32.26 4.72 -58.28
N GLU A 1039 31.35 4.33 -59.18
CA GLU A 1039 30.68 3.03 -59.12
C GLU A 1039 29.95 2.82 -57.80
N VAL A 1040 29.51 3.92 -57.20
CA VAL A 1040 28.98 3.90 -55.83
C VAL A 1040 27.57 3.32 -55.85
N VAL A 1041 27.38 2.22 -55.12
CA VAL A 1041 26.07 1.60 -54.96
C VAL A 1041 25.63 1.70 -53.52
N PHE A 1042 24.33 1.84 -53.30
CA PHE A 1042 23.80 1.96 -51.94
C PHE A 1042 22.42 1.33 -51.86
N ASN A 1043 22.21 0.56 -50.79
CA ASN A 1043 20.92 -0.04 -50.47
C ASN A 1043 20.56 0.28 -49.03
N TYR A 1044 19.31 0.70 -48.82
CA TYR A 1044 18.88 1.02 -47.46
C TYR A 1044 18.89 -0.23 -46.59
N PRO A 1045 19.34 -0.11 -45.34
CA PRO A 1045 19.32 -1.29 -44.45
C PRO A 1045 17.93 -1.76 -44.11
N THR A 1046 16.94 -0.87 -44.15
CA THR A 1046 15.57 -1.26 -43.83
C THR A 1046 14.82 -1.78 -45.06
N ARG A 1047 15.36 -1.57 -46.26
CA ARG A 1047 14.81 -2.11 -47.50
C ARG A 1047 15.94 -2.83 -48.24
N PRO A 1048 16.38 -3.99 -47.73
CA PRO A 1048 17.52 -4.66 -48.35
C PRO A 1048 17.24 -5.24 -49.72
N ASP A 1049 15.98 -5.45 -50.07
CA ASP A 1049 15.63 -6.01 -51.36
C ASP A 1049 15.53 -4.96 -52.45
N ILE A 1050 15.12 -3.74 -52.11
CA ILE A 1050 14.87 -2.68 -53.07
C ILE A 1050 16.15 -1.87 -53.23
N PRO A 1051 16.78 -1.86 -54.42
CA PRO A 1051 17.90 -0.94 -54.64
C PRO A 1051 17.46 0.41 -55.17
N VAL A 1052 17.94 1.48 -54.53
CA VAL A 1052 17.69 2.83 -55.01
C VAL A 1052 18.87 3.39 -55.79
N LEU A 1053 20.05 2.76 -55.67
CA LEU A 1053 21.23 3.11 -56.45
C LEU A 1053 21.71 1.91 -57.26
N GLN A 1054 22.26 2.19 -58.43
CA GLN A 1054 22.78 1.15 -59.32
C GLN A 1054 24.17 1.56 -59.83
N GLY A 1055 24.97 2.17 -58.96
CA GLY A 1055 26.37 2.43 -59.27
C GLY A 1055 26.64 3.74 -59.99
N LEU A 1056 26.24 4.85 -59.40
CA LEU A 1056 26.48 6.14 -60.04
C LEU A 1056 27.97 6.50 -59.97
N SER A 1057 28.30 7.62 -60.60
CA SER A 1057 29.65 8.17 -60.56
C SER A 1057 29.58 9.66 -60.81
N LEU A 1058 30.53 10.40 -60.24
CA LEU A 1058 30.51 11.84 -60.34
C LEU A 1058 31.93 12.38 -60.18
N GLU A 1059 32.15 13.57 -60.73
CA GLU A 1059 33.44 14.26 -60.65
C GLU A 1059 33.15 15.72 -60.35
N VAL A 1060 33.65 16.20 -59.21
CA VAL A 1060 33.43 17.56 -58.76
C VAL A 1060 34.77 18.22 -58.51
N LYS A 1061 34.95 19.42 -59.05
CA LYS A 1061 36.17 20.19 -58.86
C LYS A 1061 35.84 21.46 -58.07
N LYS A 1062 36.85 22.32 -57.91
CA LYS A 1062 36.73 23.50 -57.06
C LYS A 1062 35.76 24.53 -57.66
N GLY A 1063 34.81 24.97 -56.85
CA GLY A 1063 33.87 26.00 -57.26
C GLY A 1063 32.86 25.55 -58.29
N GLN A 1064 32.68 24.24 -58.46
CA GLN A 1064 31.86 23.71 -59.54
C GLN A 1064 30.41 23.60 -59.08
N THR A 1065 29.58 24.54 -59.53
CA THR A 1065 28.16 24.54 -59.18
C THR A 1065 27.48 23.38 -59.87
N LEU A 1066 27.29 22.29 -59.13
CA LEU A 1066 26.84 21.01 -59.67
C LEU A 1066 25.37 20.80 -59.31
N ALA A 1067 24.51 20.83 -60.33
CA ALA A 1067 23.08 20.64 -60.14
C ALA A 1067 22.73 19.16 -60.29
N LEU A 1068 21.78 18.71 -59.46
CA LEU A 1068 21.33 17.33 -59.47
C LEU A 1068 19.83 17.33 -59.68
N VAL A 1069 19.40 17.00 -60.90
CA VAL A 1069 18.00 17.05 -61.29
C VAL A 1069 17.49 15.63 -61.47
N GLY A 1070 16.26 15.39 -61.02
CA GLY A 1070 15.66 14.09 -61.16
C GLY A 1070 14.24 14.12 -60.64
N SER A 1071 13.61 12.94 -60.66
CA SER A 1071 12.27 12.80 -60.12
C SER A 1071 12.31 12.79 -58.59
N SER A 1072 11.13 12.91 -58.00
CA SER A 1072 11.00 12.88 -56.55
C SER A 1072 11.21 11.45 -56.06
N GLY A 1073 12.39 11.17 -55.51
CA GLY A 1073 12.71 9.84 -55.04
C GLY A 1073 13.63 9.06 -55.97
N CYS A 1074 14.62 9.73 -56.56
CA CYS A 1074 15.59 9.08 -57.42
C CYS A 1074 17.01 9.20 -56.88
N GLY A 1075 17.17 9.19 -55.56
CA GLY A 1075 18.49 9.29 -54.96
C GLY A 1075 19.03 10.71 -54.95
N LYS A 1076 18.22 11.66 -54.52
CA LYS A 1076 18.63 13.06 -54.49
C LYS A 1076 19.33 13.41 -53.18
N SER A 1077 18.66 13.21 -52.05
CA SER A 1077 19.28 13.40 -50.75
C SER A 1077 20.25 12.27 -50.40
N THR A 1078 20.22 11.19 -51.16
CA THR A 1078 21.08 10.05 -50.87
C THR A 1078 22.56 10.42 -51.02
N VAL A 1079 22.89 11.19 -52.06
CA VAL A 1079 24.28 11.59 -52.24
C VAL A 1079 24.71 12.52 -51.12
N VAL A 1080 23.78 13.32 -50.59
CA VAL A 1080 24.08 14.12 -49.41
C VAL A 1080 24.43 13.20 -48.25
N GLN A 1081 23.63 12.15 -48.06
CA GLN A 1081 23.85 11.26 -46.93
C GLN A 1081 25.07 10.38 -47.14
N LEU A 1082 25.41 10.09 -48.40
CA LEU A 1082 26.67 9.40 -48.66
C LEU A 1082 27.87 10.27 -48.32
N LEU A 1083 27.80 11.56 -48.61
CA LEU A 1083 28.91 12.45 -48.28
C LEU A 1083 29.05 12.61 -46.76
N GLU A 1084 27.92 12.82 -46.07
CA GLU A 1084 27.93 13.24 -44.67
C GLU A 1084 28.15 12.09 -43.70
N ARG A 1085 28.72 10.98 -44.17
CA ARG A 1085 29.09 9.85 -43.32
C ARG A 1085 27.91 9.32 -42.51
N PHE A 1086 26.69 9.49 -43.04
CA PHE A 1086 25.55 8.81 -42.46
C PHE A 1086 25.62 7.32 -42.75
N TYR A 1087 25.57 6.96 -44.03
CA TYR A 1087 25.69 5.58 -44.47
C TYR A 1087 27.03 5.37 -45.15
N ASP A 1088 27.65 4.27 -44.84
CA ASP A 1088 28.81 3.91 -45.66
C ASP A 1088 28.38 2.88 -46.68
N PRO A 1089 28.60 3.13 -47.97
CA PRO A 1089 28.05 2.23 -49.00
C PRO A 1089 28.76 0.89 -49.01
N LEU A 1090 28.02 -0.12 -49.48
CA LEU A 1090 28.60 -1.46 -49.53
C LEU A 1090 29.69 -1.56 -50.58
N ALA A 1091 29.51 -0.88 -51.71
CA ALA A 1091 30.48 -0.90 -52.79
C ALA A 1091 30.63 0.49 -53.36
N GLY A 1092 31.77 0.73 -53.98
CA GLY A 1092 32.10 2.03 -54.53
C GLY A 1092 33.40 2.56 -53.96
N LYS A 1093 33.85 3.67 -54.54
CA LYS A 1093 35.10 4.30 -54.13
C LYS A 1093 34.94 5.82 -54.25
N VAL A 1094 35.11 6.50 -53.12
CA VAL A 1094 34.93 7.95 -53.06
C VAL A 1094 36.25 8.58 -52.67
N LEU A 1095 36.78 9.44 -53.54
CA LEU A 1095 38.06 10.11 -53.35
C LEU A 1095 37.81 11.59 -53.09
N LEU A 1096 38.06 12.02 -51.86
CA LEU A 1096 37.96 13.44 -51.49
C LEU A 1096 39.37 14.02 -51.55
N ASP A 1097 39.73 14.59 -52.70
CA ASP A 1097 41.07 15.09 -52.95
C ASP A 1097 42.11 13.97 -52.84
N GLY A 1098 41.81 12.83 -53.46
CA GLY A 1098 42.71 11.70 -53.35
C GLY A 1098 42.82 11.14 -51.96
N LYS A 1099 41.89 11.47 -51.08
CA LYS A 1099 41.85 10.95 -49.71
C LYS A 1099 40.52 10.26 -49.51
N GLU A 1100 40.56 8.94 -49.28
CA GLU A 1100 39.35 8.18 -49.05
C GLU A 1100 38.76 8.53 -47.69
N ILE A 1101 37.46 8.79 -47.67
CA ILE A 1101 36.79 9.21 -46.45
C ILE A 1101 36.79 8.13 -45.38
N LYS A 1102 36.89 6.86 -45.79
CA LYS A 1102 36.85 5.79 -44.80
C LYS A 1102 38.09 5.75 -43.93
N ARG A 1103 39.19 6.39 -44.34
CA ARG A 1103 40.42 6.38 -43.57
C ARG A 1103 40.67 7.68 -42.81
N LEU A 1104 39.89 8.72 -43.08
CA LEU A 1104 40.11 10.03 -42.47
C LEU A 1104 39.64 10.03 -41.02
N ASN A 1105 39.71 11.21 -40.42
CA ASN A 1105 39.02 11.46 -39.15
C ASN A 1105 37.55 11.72 -39.44
N VAL A 1106 36.69 11.23 -38.55
CA VAL A 1106 35.26 11.25 -38.83
C VAL A 1106 34.67 12.63 -38.56
N GLN A 1107 35.10 13.28 -37.47
CA GLN A 1107 34.55 14.57 -37.12
C GLN A 1107 35.07 15.70 -37.99
N TRP A 1108 36.28 15.53 -38.56
CA TRP A 1108 36.88 16.58 -39.38
C TRP A 1108 36.03 16.88 -40.60
N LEU A 1109 35.50 15.85 -41.24
CA LEU A 1109 34.62 16.04 -42.39
C LEU A 1109 33.31 16.68 -41.97
N ARG A 1110 32.74 16.23 -40.85
CA ARG A 1110 31.52 16.84 -40.37
C ARG A 1110 31.74 18.25 -39.86
N ALA A 1111 32.99 18.62 -39.55
CA ALA A 1111 33.30 19.98 -39.16
C ALA A 1111 33.47 20.91 -40.37
N HIS A 1112 34.22 20.47 -41.38
CA HIS A 1112 34.57 21.35 -42.49
C HIS A 1112 33.33 21.82 -43.25
N LEU A 1113 32.41 20.91 -43.56
CA LEU A 1113 31.29 21.26 -44.41
C LEU A 1113 30.10 21.71 -43.58
N GLY A 1114 29.01 22.02 -44.28
CA GLY A 1114 27.79 22.46 -43.66
C GLY A 1114 26.68 22.64 -44.68
N ILE A 1115 25.48 22.14 -44.37
CA ILE A 1115 24.39 22.12 -45.35
C ILE A 1115 23.15 22.77 -44.76
N VAL A 1116 22.10 22.85 -45.58
CA VAL A 1116 20.76 23.18 -45.12
C VAL A 1116 19.93 21.91 -45.20
N SER A 1117 18.92 21.80 -44.36
CA SER A 1117 18.09 20.60 -44.36
C SER A 1117 16.95 20.73 -45.38
N GLN A 1118 16.34 19.58 -45.69
CA GLN A 1118 15.17 19.56 -46.56
C GLN A 1118 13.98 20.25 -45.91
N GLU A 1119 13.89 20.19 -44.57
CA GLU A 1119 12.89 20.90 -43.80
C GLU A 1119 13.60 21.65 -42.68
N PRO A 1120 13.28 22.91 -42.44
CA PRO A 1120 13.97 23.67 -41.39
C PRO A 1120 13.39 23.36 -40.03
N ILE A 1121 14.26 22.99 -39.10
CA ILE A 1121 13.88 22.75 -37.72
C ILE A 1121 14.83 23.53 -36.82
N LEU A 1122 14.28 24.16 -35.79
CA LEU A 1122 15.08 24.84 -34.79
C LEU A 1122 14.84 24.22 -33.42
N PHE A 1123 15.44 24.82 -32.42
CA PHE A 1123 15.40 24.29 -31.07
C PHE A 1123 14.65 25.26 -30.16
N ASP A 1124 14.31 24.76 -28.97
CA ASP A 1124 13.42 25.49 -28.04
C ASP A 1124 14.20 26.55 -27.28
N CYS A 1125 14.65 27.55 -28.03
CA CYS A 1125 15.30 28.73 -27.47
C CYS A 1125 15.01 29.89 -28.41
N SER A 1126 15.79 30.96 -28.30
CA SER A 1126 15.62 32.12 -29.15
C SER A 1126 16.30 31.90 -30.50
N ILE A 1127 16.26 32.94 -31.34
CA ILE A 1127 16.84 32.83 -32.68
C ILE A 1127 18.34 33.07 -32.66
N ALA A 1128 18.83 33.82 -31.66
CA ALA A 1128 20.28 33.91 -31.46
C ALA A 1128 20.88 32.53 -31.23
N GLU A 1129 20.29 31.74 -30.33
CA GLU A 1129 20.73 30.37 -30.12
C GLU A 1129 20.40 29.45 -31.27
N ASN A 1130 19.39 29.79 -32.09
CA ASN A 1130 19.15 29.04 -33.31
C ASN A 1130 20.33 29.18 -34.27
N ILE A 1131 20.75 30.40 -34.55
CA ILE A 1131 21.87 30.57 -35.46
C ILE A 1131 23.18 30.20 -34.76
N ALA A 1132 23.29 30.46 -33.46
CA ALA A 1132 24.53 30.13 -32.76
C ALA A 1132 24.82 28.63 -32.78
N TYR A 1133 23.80 27.80 -33.00
CA TYR A 1133 23.99 26.36 -33.06
C TYR A 1133 24.90 25.94 -34.21
N GLY A 1134 25.01 26.77 -35.25
CA GLY A 1134 25.78 26.37 -36.41
C GLY A 1134 27.23 26.08 -36.08
N ASP A 1135 27.85 26.91 -35.25
CA ASP A 1135 29.26 26.77 -34.92
C ASP A 1135 29.38 26.35 -33.47
N ASN A 1136 30.03 25.21 -33.26
CA ASN A 1136 30.21 24.63 -31.94
C ASN A 1136 31.70 24.52 -31.63
N SER A 1137 32.00 24.26 -30.36
CA SER A 1137 33.38 24.22 -29.86
C SER A 1137 34.14 25.47 -30.27
N ARG A 1138 33.46 26.61 -30.16
CA ARG A 1138 34.01 27.87 -30.63
C ARG A 1138 33.25 29.02 -29.98
N VAL A 1139 33.98 30.05 -29.56
CA VAL A 1139 33.35 31.24 -29.01
C VAL A 1139 32.63 31.97 -30.14
N VAL A 1140 31.31 32.08 -30.01
CA VAL A 1140 30.46 32.59 -31.09
C VAL A 1140 30.31 34.10 -30.93
N SER A 1141 30.97 34.85 -31.80
CA SER A 1141 30.88 36.31 -31.79
C SER A 1141 29.53 36.77 -32.33
N GLN A 1142 28.95 37.77 -31.66
CA GLN A 1142 27.66 38.31 -32.09
C GLN A 1142 27.79 39.18 -33.34
N GLU A 1143 28.98 39.69 -33.65
CA GLU A 1143 29.16 40.41 -34.90
C GLU A 1143 28.97 39.48 -36.09
N GLU A 1144 29.41 38.23 -35.97
CA GLU A 1144 29.12 37.25 -37.00
C GLU A 1144 27.64 36.95 -37.07
N ILE A 1145 26.95 37.00 -35.93
CA ILE A 1145 25.51 36.77 -35.90
C ILE A 1145 24.78 37.80 -36.76
N VAL A 1146 25.00 39.09 -36.46
CA VAL A 1146 24.29 40.13 -37.18
C VAL A 1146 24.78 40.25 -38.61
N ARG A 1147 26.05 39.90 -38.87
CA ARG A 1147 26.53 39.90 -40.25
C ARG A 1147 25.85 38.81 -41.07
N ALA A 1148 25.74 37.61 -40.50
CA ALA A 1148 25.03 36.55 -41.19
C ALA A 1148 23.55 36.87 -41.32
N ALA A 1149 22.95 37.47 -40.29
CA ALA A 1149 21.54 37.85 -40.40
C ALA A 1149 21.31 38.83 -41.54
N LYS A 1150 22.20 39.80 -41.71
CA LYS A 1150 22.09 40.71 -42.84
C LYS A 1150 22.32 39.99 -44.15
N GLU A 1151 23.31 39.10 -44.21
CA GLU A 1151 23.62 38.43 -45.46
C GLU A 1151 22.49 37.51 -45.92
N ALA A 1152 21.75 36.93 -44.97
CA ALA A 1152 20.62 36.08 -45.30
C ALA A 1152 19.34 36.87 -45.49
N ASN A 1153 19.39 38.19 -45.28
CA ASN A 1153 18.22 39.07 -45.33
C ASN A 1153 17.15 38.62 -44.35
N ILE A 1154 17.58 38.15 -43.19
CA ILE A 1154 16.68 37.92 -42.07
C ILE A 1154 16.86 38.96 -41.00
N HIS A 1155 17.92 39.77 -41.09
CA HIS A 1155 18.17 40.83 -40.12
C HIS A 1155 16.94 41.68 -39.88
N ALA A 1156 16.20 42.01 -40.93
CA ALA A 1156 15.04 42.88 -40.79
C ALA A 1156 13.97 42.25 -39.91
N PHE A 1157 13.71 40.95 -40.10
CA PHE A 1157 12.66 40.32 -39.32
C PHE A 1157 13.06 40.08 -37.87
N ILE A 1158 14.36 39.99 -37.59
CA ILE A 1158 14.81 39.84 -36.21
C ILE A 1158 14.77 41.17 -35.49
N GLU A 1159 15.33 42.21 -36.09
CA GLU A 1159 15.33 43.55 -35.49
C GLU A 1159 13.92 44.11 -35.35
N SER A 1160 12.95 43.54 -36.06
CA SER A 1160 11.56 43.99 -35.95
C SER A 1160 10.84 43.37 -34.76
N LEU A 1161 11.36 42.26 -34.23
CA LEU A 1161 10.67 41.54 -33.18
C LEU A 1161 11.02 42.11 -31.81
N PRO A 1162 10.05 42.16 -30.89
CA PRO A 1162 10.36 42.54 -29.51
C PRO A 1162 11.18 41.45 -28.83
N ASN A 1163 12.13 41.89 -28.00
CA ASN A 1163 13.21 41.04 -27.51
C ASN A 1163 13.87 40.34 -28.69
N LYS A 1164 14.48 41.18 -29.54
CA LYS A 1164 14.88 40.78 -30.88
C LYS A 1164 15.72 39.51 -30.89
N TYR A 1165 16.85 39.52 -30.17
CA TYR A 1165 17.70 38.34 -30.11
C TYR A 1165 17.47 37.50 -28.87
N SER A 1166 16.32 37.66 -28.21
CA SER A 1166 15.92 36.82 -27.09
C SER A 1166 14.52 36.27 -27.27
N THR A 1167 13.93 36.44 -28.46
CA THR A 1167 12.55 36.04 -28.68
C THR A 1167 12.42 34.52 -28.65
N LYS A 1168 11.72 34.00 -27.65
CA LYS A 1168 11.59 32.56 -27.46
C LYS A 1168 10.77 31.94 -28.57
N VAL A 1169 11.38 31.03 -29.31
CA VAL A 1169 10.70 30.30 -30.39
C VAL A 1169 10.31 28.93 -29.85
N GLY A 1170 9.12 28.45 -30.26
CA GLY A 1170 8.62 27.15 -29.84
C GLY A 1170 9.28 26.00 -30.58
N ASP A 1171 8.58 24.86 -30.63
CA ASP A 1171 9.14 23.67 -31.25
C ASP A 1171 9.06 23.76 -32.76
N LYS A 1172 10.18 23.44 -33.42
CA LYS A 1172 10.30 23.43 -34.88
C LYS A 1172 9.94 24.77 -35.52
N GLY A 1173 10.10 25.87 -34.80
CA GLY A 1173 9.70 27.17 -35.31
C GLY A 1173 8.24 27.29 -35.69
N THR A 1174 7.34 26.77 -34.85
CA THR A 1174 5.92 26.78 -35.16
C THR A 1174 5.27 28.14 -34.92
N GLN A 1175 6.01 29.12 -34.42
CA GLN A 1175 5.45 30.46 -34.22
C GLN A 1175 5.58 31.31 -35.49
N LEU A 1176 6.78 31.37 -36.07
CA LEU A 1176 7.04 32.18 -37.25
C LEU A 1176 6.85 31.35 -38.53
N SER A 1177 6.90 32.04 -39.65
CA SER A 1177 6.48 31.47 -40.93
C SER A 1177 7.58 30.62 -41.54
N GLY A 1178 7.23 29.93 -42.63
CA GLY A 1178 8.12 28.99 -43.28
C GLY A 1178 9.29 29.62 -44.01
N GLY A 1179 9.02 30.67 -44.79
CA GLY A 1179 10.11 31.38 -45.45
C GLY A 1179 11.12 31.92 -44.47
N GLN A 1180 10.65 32.44 -43.33
CA GLN A 1180 11.56 33.05 -42.38
C GLN A 1180 12.44 32.01 -41.70
N LYS A 1181 11.90 30.83 -41.41
CA LYS A 1181 12.73 29.78 -40.83
C LYS A 1181 13.64 29.16 -41.88
N GLN A 1182 13.22 29.15 -43.14
CA GLN A 1182 14.15 28.75 -44.20
C GLN A 1182 15.32 29.71 -44.30
N ARG A 1183 15.04 31.01 -44.23
CA ARG A 1183 16.10 32.00 -44.25
C ARG A 1183 17.02 31.87 -43.04
N ILE A 1184 16.45 31.65 -41.85
CA ILE A 1184 17.31 31.49 -40.68
C ILE A 1184 18.08 30.17 -40.76
N ALA A 1185 17.55 29.18 -41.48
CA ALA A 1185 18.36 28.00 -41.79
C ALA A 1185 19.51 28.37 -42.71
N ILE A 1186 19.25 29.26 -43.67
CA ILE A 1186 20.33 29.79 -44.49
C ILE A 1186 21.36 30.47 -43.61
N ALA A 1187 20.90 31.32 -42.70
CA ALA A 1187 21.81 32.00 -41.78
C ALA A 1187 22.55 31.02 -40.88
N ARG A 1188 21.84 30.01 -40.36
CA ARG A 1188 22.49 29.05 -39.48
C ARG A 1188 23.57 28.27 -40.21
N ALA A 1189 23.32 27.92 -41.48
CA ALA A 1189 24.36 27.27 -42.25
C ALA A 1189 25.46 28.24 -42.66
N LEU A 1190 25.13 29.51 -42.78
CA LEU A 1190 26.06 30.52 -43.25
C LEU A 1190 27.22 30.72 -42.29
N VAL A 1191 26.97 30.65 -40.98
CA VAL A 1191 28.03 30.86 -40.01
C VAL A 1191 29.05 29.73 -40.02
N ARG A 1192 28.77 28.63 -40.72
CA ARG A 1192 29.74 27.54 -40.81
C ARG A 1192 30.92 27.91 -41.70
N GLN A 1193 30.67 28.72 -42.74
CA GLN A 1193 31.66 29.06 -43.76
C GLN A 1193 32.28 27.79 -44.32
N PRO A 1194 31.52 26.97 -45.02
CA PRO A 1194 32.02 25.65 -45.40
C PRO A 1194 32.89 25.69 -46.64
N HIS A 1195 33.92 24.85 -46.64
CA HIS A 1195 34.70 24.64 -47.86
C HIS A 1195 33.92 23.81 -48.89
N ILE A 1196 32.91 23.07 -48.45
CA ILE A 1196 32.01 22.32 -49.31
C ILE A 1196 30.59 22.63 -48.86
N LEU A 1197 29.74 23.04 -49.79
CA LEU A 1197 28.40 23.52 -49.46
C LEU A 1197 27.37 22.73 -50.23
N LEU A 1198 26.34 22.25 -49.53
CA LEU A 1198 25.26 21.50 -50.14
C LEU A 1198 23.93 22.16 -49.82
N LEU A 1199 23.12 22.32 -50.86
CA LEU A 1199 21.76 22.83 -50.72
C LEU A 1199 20.79 21.76 -51.19
N ASP A 1200 19.79 21.46 -50.36
CA ASP A 1200 18.72 20.54 -50.71
C ASP A 1200 17.40 21.31 -50.59
N GLU A 1201 16.81 21.65 -51.74
CA GLU A 1201 15.55 22.38 -51.80
C GLU A 1201 15.67 23.73 -51.07
N ALA A 1202 16.52 24.58 -51.65
CA ALA A 1202 16.81 25.89 -51.06
C ALA A 1202 15.68 26.89 -51.25
N THR A 1203 14.70 26.59 -52.12
CA THR A 1203 13.57 27.50 -52.36
C THR A 1203 12.26 26.72 -52.43
N SER A 1204 12.01 25.90 -51.40
CA SER A 1204 10.76 25.14 -51.33
C SER A 1204 9.58 26.02 -50.94
N ALA A 1205 9.79 26.95 -50.00
CA ALA A 1205 8.72 27.85 -49.55
C ALA A 1205 9.35 29.22 -49.31
N LEU A 1206 9.35 30.05 -50.36
CA LEU A 1206 10.07 31.30 -50.34
C LEU A 1206 9.52 32.19 -51.44
N ASP A 1207 9.65 33.50 -51.26
CA ASP A 1207 9.16 34.42 -52.28
C ASP A 1207 10.21 34.63 -53.36
N THR A 1208 9.79 35.28 -54.44
CA THR A 1208 10.67 35.46 -55.59
C THR A 1208 11.67 36.59 -55.39
N GLU A 1209 11.35 37.57 -54.55
CA GLU A 1209 12.33 38.60 -54.18
C GLU A 1209 13.28 38.12 -53.09
N SER A 1210 12.87 37.13 -52.29
CA SER A 1210 13.75 36.57 -51.29
C SER A 1210 14.72 35.54 -51.87
N GLU A 1211 14.36 34.89 -52.97
CA GLU A 1211 15.27 33.94 -53.61
C GLU A 1211 16.50 34.64 -54.16
N LYS A 1212 16.34 35.85 -54.69
CA LYS A 1212 17.50 36.58 -55.19
C LYS A 1212 18.43 36.99 -54.06
N VAL A 1213 17.89 37.60 -53.01
CA VAL A 1213 18.71 38.03 -51.88
C VAL A 1213 19.31 36.84 -51.13
N VAL A 1214 18.72 35.66 -51.27
CA VAL A 1214 19.36 34.43 -50.77
C VAL A 1214 20.53 34.07 -51.67
N GLN A 1215 20.35 34.14 -52.99
CA GLN A 1215 21.34 33.66 -53.92
C GLN A 1215 22.51 34.61 -54.10
N GLU A 1216 22.37 35.89 -53.74
CA GLU A 1216 23.47 36.82 -53.92
C GLU A 1216 24.61 36.53 -52.96
N ALA A 1217 24.29 36.21 -51.70
CA ALA A 1217 25.32 35.76 -50.79
C ALA A 1217 25.95 34.47 -51.28
N LEU A 1218 25.13 33.55 -51.81
CA LEU A 1218 25.65 32.33 -52.38
C LEU A 1218 26.62 32.61 -53.52
N ASP A 1219 26.21 33.46 -54.47
CA ASP A 1219 27.03 33.72 -55.64
C ASP A 1219 28.34 34.40 -55.27
N LYS A 1220 28.31 35.36 -54.36
CA LYS A 1220 29.54 35.98 -53.92
C LYS A 1220 30.40 35.03 -53.10
N ALA A 1221 29.79 34.01 -52.48
CA ALA A 1221 30.52 33.08 -51.63
C ALA A 1221 30.66 31.69 -52.24
N ARG A 1222 30.10 31.46 -53.43
CA ARG A 1222 30.34 30.20 -54.12
C ARG A 1222 31.79 30.07 -54.58
N GLU A 1223 32.49 31.18 -54.80
CA GLU A 1223 33.90 31.11 -55.14
C GLU A 1223 34.69 30.56 -53.95
N GLY A 1224 35.72 29.78 -54.25
CA GLY A 1224 36.59 29.19 -53.25
C GLY A 1224 36.09 27.91 -52.64
N ARG A 1225 34.78 27.76 -52.52
CA ARG A 1225 34.18 26.55 -51.98
C ARG A 1225 33.42 25.83 -53.08
N THR A 1226 33.50 24.49 -53.04
CA THR A 1226 32.66 23.67 -53.89
C THR A 1226 31.20 23.83 -53.48
N CYS A 1227 30.33 24.03 -54.46
CA CYS A 1227 28.91 24.25 -54.20
C CYS A 1227 28.08 23.26 -55.01
N ILE A 1228 27.12 22.62 -54.36
CA ILE A 1228 26.26 21.60 -54.97
C ILE A 1228 24.83 21.90 -54.55
N VAL A 1229 24.00 22.31 -55.51
CA VAL A 1229 22.62 22.71 -55.24
C VAL A 1229 21.68 21.69 -55.86
N ILE A 1230 20.68 21.27 -55.08
CA ILE A 1230 19.63 20.36 -55.54
C ILE A 1230 18.30 21.08 -55.36
N ALA A 1231 17.56 21.24 -56.45
CA ALA A 1231 16.28 21.94 -56.38
C ALA A 1231 15.41 21.56 -57.57
N HIS A 1232 14.14 21.94 -57.47
CA HIS A 1232 13.18 21.79 -58.57
C HIS A 1232 12.97 23.09 -59.33
N ARG A 1233 13.21 24.24 -58.69
CA ARG A 1233 13.15 25.51 -59.40
C ARG A 1233 14.36 25.65 -60.31
N LEU A 1234 14.10 25.90 -61.59
CA LEU A 1234 15.16 25.95 -62.57
C LEU A 1234 16.02 27.20 -62.48
N SER A 1235 15.66 28.16 -61.61
CA SER A 1235 16.38 29.43 -61.58
C SER A 1235 17.84 29.24 -61.16
N THR A 1236 18.09 28.40 -60.16
CA THR A 1236 19.45 28.08 -59.77
C THR A 1236 20.09 27.04 -60.67
N ILE A 1237 19.32 26.43 -61.56
CA ILE A 1237 19.85 25.38 -62.43
C ILE A 1237 20.41 25.96 -63.73
N GLN A 1238 19.86 27.07 -64.21
CA GLN A 1238 20.36 27.66 -65.44
C GLN A 1238 21.77 28.21 -65.26
N ASN A 1239 22.06 28.79 -64.10
CA ASN A 1239 23.35 29.40 -63.83
C ASN A 1239 24.37 28.42 -63.27
N ALA A 1240 23.98 27.16 -63.07
CA ALA A 1240 24.90 26.18 -62.51
C ALA A 1240 26.04 25.91 -63.49
N ASP A 1241 27.17 25.48 -62.93
CA ASP A 1241 28.32 25.15 -63.75
C ASP A 1241 28.06 23.87 -64.56
N LEU A 1242 27.83 22.76 -63.87
CA LEU A 1242 27.50 21.50 -64.51
C LEU A 1242 26.17 21.01 -63.96
N ILE A 1243 25.54 20.09 -64.69
CA ILE A 1243 24.20 19.61 -64.37
C ILE A 1243 24.16 18.10 -64.59
N VAL A 1244 23.66 17.38 -63.59
CA VAL A 1244 23.55 15.92 -63.60
C VAL A 1244 22.08 15.57 -63.50
N VAL A 1245 21.62 14.65 -64.34
CA VAL A 1245 20.24 14.17 -64.32
C VAL A 1245 20.24 12.70 -63.93
N PHE A 1246 19.30 12.32 -63.06
CA PHE A 1246 19.21 10.97 -62.54
C PHE A 1246 17.95 10.28 -63.05
N GLN A 1247 18.04 8.96 -63.20
CA GLN A 1247 16.88 8.14 -63.53
C GLN A 1247 17.03 6.81 -62.82
N ASN A 1248 16.21 6.62 -61.77
CA ASN A 1248 16.25 5.43 -60.91
C ASN A 1248 17.63 5.23 -60.29
N GLY A 1249 18.37 6.31 -60.12
CA GLY A 1249 19.69 6.25 -59.53
C GLY A 1249 20.84 6.31 -60.52
N ARG A 1250 20.56 6.12 -61.81
CA ARG A 1250 21.59 6.09 -62.83
C ARG A 1250 21.82 7.48 -63.40
N VAL A 1251 23.08 7.86 -63.53
CA VAL A 1251 23.45 9.11 -64.18
C VAL A 1251 23.19 8.97 -65.67
N LYS A 1252 22.29 9.77 -66.22
CA LYS A 1252 22.03 9.69 -67.65
C LYS A 1252 22.83 10.73 -68.43
N GLU A 1253 22.80 11.98 -68.01
CA GLU A 1253 23.49 13.06 -68.72
C GLU A 1253 24.29 13.91 -67.74
N HIS A 1254 25.44 14.40 -68.22
CA HIS A 1254 26.33 15.24 -67.42
C HIS A 1254 27.09 16.15 -68.36
N GLY A 1255 27.59 17.25 -67.80
CA GLY A 1255 28.37 18.20 -68.56
C GLY A 1255 27.85 19.60 -68.38
N THR A 1256 28.20 20.48 -69.31
CA THR A 1256 27.77 21.86 -69.26
C THR A 1256 26.29 21.98 -69.64
N HIS A 1257 25.71 23.14 -69.33
CA HIS A 1257 24.29 23.34 -69.56
C HIS A 1257 23.98 23.49 -71.04
N GLN A 1258 24.89 24.10 -71.82
CA GLN A 1258 24.65 24.27 -73.25
C GLN A 1258 24.76 22.95 -73.99
N GLN A 1259 25.51 21.99 -73.45
CA GLN A 1259 25.62 20.69 -74.10
C GLN A 1259 24.33 19.90 -73.98
N LEU A 1260 23.76 19.85 -72.78
CA LEU A 1260 22.48 19.17 -72.58
C LEU A 1260 21.35 19.86 -73.34
N LEU A 1261 21.41 21.18 -73.47
CA LEU A 1261 20.41 21.91 -74.26
C LEU A 1261 20.60 21.69 -75.76
N ALA A 1262 21.78 21.26 -76.19
CA ALA A 1262 22.03 21.01 -77.61
C ALA A 1262 21.48 19.65 -78.03
N GLN A 1263 21.85 18.61 -77.30
CA GLN A 1263 21.31 17.27 -77.54
C GLN A 1263 20.03 17.12 -76.73
N LYS A 1264 18.88 17.17 -77.41
CA LYS A 1264 17.59 17.15 -76.74
C LYS A 1264 17.34 15.77 -76.16
N GLY A 1265 17.40 15.66 -74.84
CA GLY A 1265 17.10 14.42 -74.17
C GLY A 1265 16.02 14.60 -73.12
N ILE A 1266 16.12 13.87 -72.02
CA ILE A 1266 15.14 14.00 -70.95
C ILE A 1266 15.32 15.32 -70.21
N TYR A 1267 16.51 15.93 -70.27
CA TYR A 1267 16.71 17.20 -69.61
C TYR A 1267 16.04 18.34 -70.37
N PHE A 1268 15.89 18.19 -71.70
CA PHE A 1268 15.13 19.17 -72.47
C PHE A 1268 13.65 19.14 -72.10
N SER A 1269 13.11 17.95 -71.86
CA SER A 1269 11.74 17.82 -71.39
C SER A 1269 11.60 18.27 -69.94
N MET A 1270 12.72 18.34 -69.23
CA MET A 1270 12.72 18.75 -67.83
C MET A 1270 12.72 20.28 -67.72
N VAL A 1271 13.71 20.91 -68.35
CA VAL A 1271 13.82 22.37 -68.32
C VAL A 1271 12.61 23.03 -68.96
N SER A 1272 12.13 22.45 -70.05
CA SER A 1272 10.98 22.99 -70.76
C SER A 1272 9.68 22.52 -70.10
N VAL A 1273 9.36 23.10 -68.95
CA VAL A 1273 8.16 22.73 -68.22
C VAL A 1273 7.13 23.87 -68.22
N GLN A 1274 7.53 25.05 -67.78
CA GLN A 1274 6.63 26.19 -67.73
C GLN A 1274 7.20 27.47 -68.32
N ALA A 1275 8.33 27.41 -69.00
CA ALA A 1275 8.95 28.64 -69.50
C ALA A 1275 8.28 29.08 -70.81
N GLY A 1276 8.64 30.28 -71.25
CA GLY A 1276 8.13 30.81 -72.51
C GLY A 1276 7.20 32.00 -72.33
N ASP B 1 0.70 8.46 58.43
CA ASP B 1 -0.12 7.39 57.89
C ASP B 1 -1.53 7.48 58.43
N VAL B 2 -2.31 6.42 58.21
CA VAL B 2 -3.72 6.39 58.57
C VAL B 2 -3.92 5.36 59.67
N LEU B 3 -4.56 5.77 60.75
CA LEU B 3 -4.82 4.90 61.89
C LEU B 3 -6.27 4.50 61.90
N MET B 4 -6.54 3.27 62.33
CA MET B 4 -7.89 2.76 62.46
C MET B 4 -8.11 2.37 63.91
N THR B 5 -9.18 2.86 64.51
CA THR B 5 -9.49 2.55 65.90
C THR B 5 -10.90 2.00 66.01
N GLN B 6 -11.04 0.85 66.65
CA GLN B 6 -12.35 0.32 66.96
C GLN B 6 -12.93 1.02 68.17
N THR B 7 -14.22 1.30 68.14
CA THR B 7 -14.82 2.03 69.25
C THR B 7 -14.86 1.13 70.48
N PRO B 8 -15.41 -0.08 70.40
CA PRO B 8 -15.28 -0.96 71.56
C PRO B 8 -14.07 -1.86 71.42
N VAL B 9 -13.40 -2.16 72.52
CA VAL B 9 -12.31 -3.13 72.54
C VAL B 9 -12.81 -4.50 72.95
N SER B 10 -13.75 -4.55 73.89
CA SER B 10 -14.31 -5.80 74.35
C SER B 10 -15.82 -5.68 74.42
N LEU B 11 -16.52 -6.73 74.03
CA LEU B 11 -17.97 -6.71 73.98
C LEU B 11 -18.52 -8.05 74.44
N SER B 12 -19.54 -8.00 75.30
CA SER B 12 -20.12 -9.19 75.91
C SER B 12 -21.57 -9.32 75.47
N VAL B 13 -21.84 -10.30 74.61
CA VAL B 13 -23.15 -10.47 73.98
C VAL B 13 -23.73 -11.81 74.39
N SER B 14 -24.95 -11.79 74.91
CA SER B 14 -25.61 -13.05 75.21
C SER B 14 -26.03 -13.75 73.92
N LEU B 15 -26.20 -15.06 74.00
CA LEU B 15 -26.59 -15.83 72.83
C LEU B 15 -27.97 -15.40 72.34
N GLY B 16 -28.08 -15.13 71.05
CA GLY B 16 -29.31 -14.64 70.47
C GLY B 16 -29.40 -13.14 70.33
N ASP B 17 -28.58 -12.40 71.06
CA ASP B 17 -28.57 -10.94 71.01
C ASP B 17 -27.82 -10.47 69.77
N GLN B 18 -27.79 -9.16 69.59
CA GLN B 18 -27.13 -8.54 68.44
C GLN B 18 -26.26 -7.39 68.91
N ALA B 19 -25.25 -7.06 68.12
CA ALA B 19 -24.32 -6.01 68.52
C ALA B 19 -23.51 -5.56 67.33
N SER B 20 -22.91 -4.38 67.47
CA SER B 20 -22.25 -3.69 66.37
C SER B 20 -20.88 -3.20 66.79
N ILE B 21 -19.92 -3.32 65.88
CA ILE B 21 -18.55 -2.83 66.04
C ILE B 21 -18.36 -1.70 65.06
N SER B 22 -17.73 -0.62 65.49
CA SER B 22 -17.51 0.54 64.64
C SER B 22 -16.03 0.83 64.52
N CYS B 23 -15.58 1.09 63.29
CA CYS B 23 -14.17 1.26 62.95
C CYS B 23 -14.01 2.61 62.28
N ARG B 24 -13.50 3.59 63.00
CA ARG B 24 -13.38 4.96 62.53
C ARG B 24 -11.94 5.27 62.16
N SER B 25 -11.70 5.69 60.94
CA SER B 25 -10.40 6.21 60.56
C SER B 25 -10.39 7.72 60.74
N SER B 26 -9.19 8.30 60.70
CA SER B 26 -9.12 9.75 60.78
C SER B 26 -9.27 10.38 59.41
N GLN B 27 -8.52 9.89 58.43
CA GLN B 27 -8.64 10.31 57.05
C GLN B 27 -9.68 9.47 56.34
N SER B 28 -10.46 10.08 55.46
CA SER B 28 -11.51 9.34 54.76
C SER B 28 -10.88 8.37 53.79
N ILE B 29 -11.40 7.16 53.77
CA ILE B 29 -10.80 6.05 53.03
C ILE B 29 -11.51 6.02 51.67
N VAL B 30 -10.94 6.73 50.69
CA VAL B 30 -11.50 6.76 49.35
C VAL B 30 -10.36 6.68 48.36
N HIS B 31 -10.33 5.63 47.56
CA HIS B 31 -9.25 5.43 46.61
C HIS B 31 -9.35 6.47 45.49
N SER B 32 -8.32 6.50 44.65
CA SER B 32 -8.34 7.41 43.51
C SER B 32 -9.36 6.96 42.47
N THR B 33 -9.53 5.66 42.29
CA THR B 33 -10.50 5.17 41.32
C THR B 33 -11.91 5.57 41.73
N GLY B 34 -12.24 5.44 43.01
CA GLY B 34 -13.56 5.78 43.48
C GLY B 34 -14.07 4.75 44.45
N ASN B 35 -13.60 3.51 44.30
CA ASN B 35 -13.96 2.47 45.23
C ASN B 35 -13.37 2.76 46.61
N THR B 36 -14.01 2.22 47.63
CA THR B 36 -13.51 2.29 49.00
C THR B 36 -13.17 0.88 49.44
N TYR B 37 -11.97 0.70 49.98
CA TYR B 37 -11.45 -0.64 50.28
C TYR B 37 -11.39 -0.82 51.78
N LEU B 38 -12.39 -1.50 52.33
CA LEU B 38 -12.43 -1.78 53.75
C LEU B 38 -12.87 -3.21 53.91
N GLU B 39 -12.16 -3.98 54.73
CA GLU B 39 -12.45 -5.38 54.90
C GLU B 39 -12.53 -5.69 56.39
N TRP B 40 -13.36 -6.65 56.74
CA TRP B 40 -13.45 -7.08 58.13
C TRP B 40 -13.08 -8.54 58.22
N TYR B 41 -12.10 -8.85 59.08
CA TYR B 41 -11.56 -10.18 59.32
C TYR B 41 -11.88 -10.64 60.73
N LEU B 42 -12.02 -11.95 60.90
CA LEU B 42 -12.28 -12.56 62.20
C LEU B 42 -11.26 -13.66 62.43
N GLN B 43 -10.66 -13.66 63.61
CA GLN B 43 -9.73 -14.71 64.03
C GLN B 43 -10.31 -15.40 65.25
N LYS B 44 -10.64 -16.66 65.10
CA LYS B 44 -11.09 -17.48 66.22
C LYS B 44 -9.90 -17.96 67.01
N PRO B 45 -10.09 -18.31 68.28
CA PRO B 45 -8.94 -18.68 69.12
C PRO B 45 -8.23 -19.91 68.59
N GLY B 46 -6.93 -19.79 68.39
CA GLY B 46 -6.16 -20.89 67.89
C GLY B 46 -6.32 -21.14 66.41
N GLN B 47 -6.75 -20.14 65.66
CA GLN B 47 -6.96 -20.30 64.23
C GLN B 47 -6.43 -19.09 63.49
N SER B 48 -6.06 -19.30 62.23
CA SER B 48 -5.70 -18.18 61.39
C SER B 48 -6.93 -17.32 61.14
N PRO B 49 -6.75 -16.05 60.78
CA PRO B 49 -7.90 -15.20 60.53
C PRO B 49 -8.57 -15.55 59.22
N LYS B 50 -9.89 -15.40 59.20
CA LYS B 50 -10.71 -15.69 58.03
C LYS B 50 -11.43 -14.41 57.63
N LEU B 51 -11.62 -14.22 56.33
CA LEU B 51 -12.26 -13.01 55.83
C LEU B 51 -13.75 -13.06 56.09
N LEU B 52 -14.33 -11.94 56.53
CA LEU B 52 -15.75 -11.88 56.78
C LEU B 52 -16.49 -11.02 55.76
N ILE B 53 -16.13 -9.75 55.62
CA ILE B 53 -16.73 -8.92 54.57
C ILE B 53 -15.62 -8.28 53.76
N TYR B 54 -15.72 -8.38 52.44
CA TYR B 54 -14.60 -7.99 51.60
C TYR B 54 -14.78 -6.63 50.98
N LYS B 55 -15.93 -6.03 51.19
CA LYS B 55 -16.16 -4.63 50.96
C LYS B 55 -17.37 -4.28 51.80
N ILE B 56 -17.48 -3.01 52.19
CA ILE B 56 -18.23 -2.64 53.38
C ILE B 56 -19.56 -3.39 53.48
N SER B 57 -20.18 -3.68 52.36
CA SER B 57 -21.47 -4.35 52.36
C SER B 57 -21.42 -5.79 51.90
N ASN B 58 -20.39 -6.19 51.15
CA ASN B 58 -20.36 -7.50 50.55
C ASN B 58 -20.08 -8.58 51.59
N ARG B 59 -20.04 -9.83 51.13
CA ARG B 59 -19.73 -10.96 52.01
C ARG B 59 -18.89 -11.97 51.24
N PHE B 60 -17.91 -12.55 51.92
CA PHE B 60 -17.08 -13.56 51.30
C PHE B 60 -17.90 -14.84 51.08
N SER B 61 -17.33 -15.77 50.32
CA SER B 61 -18.03 -17.01 50.00
C SER B 61 -18.22 -17.85 51.26
N GLY B 62 -19.46 -18.25 51.52
CA GLY B 62 -19.77 -19.07 52.66
C GLY B 62 -20.13 -18.31 53.91
N VAL B 63 -19.92 -17.02 53.93
CA VAL B 63 -20.20 -16.22 55.13
C VAL B 63 -21.68 -16.29 55.45
N PRO B 64 -22.05 -16.55 56.71
CA PRO B 64 -23.47 -16.54 57.09
C PRO B 64 -24.09 -15.16 56.94
N ASP B 65 -25.41 -15.16 56.77
CA ASP B 65 -26.12 -13.93 56.43
C ASP B 65 -26.26 -12.98 57.61
N ARG B 66 -26.06 -13.46 58.83
CA ARG B 66 -26.34 -12.60 59.98
C ARG B 66 -25.30 -11.50 60.15
N PHE B 67 -24.16 -11.61 59.49
CA PHE B 67 -23.19 -10.51 59.47
C PHE B 67 -23.69 -9.44 58.52
N SER B 68 -23.68 -8.19 58.96
CA SER B 68 -24.20 -7.11 58.14
C SER B 68 -23.30 -5.90 58.26
N GLY B 69 -22.72 -5.46 57.15
CA GLY B 69 -21.80 -4.35 57.20
C GLY B 69 -22.32 -3.11 56.52
N SER B 70 -22.27 -1.98 57.22
CA SER B 70 -22.77 -0.72 56.68
C SER B 70 -21.75 0.38 56.97
N GLY B 71 -21.48 1.20 55.98
CA GLY B 71 -20.42 2.17 56.18
C GLY B 71 -20.68 3.48 55.48
N SER B 72 -20.58 4.57 56.24
CA SER B 72 -20.90 5.90 55.73
C SER B 72 -19.68 6.78 55.93
N GLY B 73 -19.13 7.28 54.83
CA GLY B 73 -18.12 8.31 54.91
C GLY B 73 -16.81 7.83 55.50
N THR B 74 -16.56 8.22 56.75
CA THR B 74 -15.39 7.80 57.50
C THR B 74 -15.74 6.99 58.73
N ASP B 75 -16.99 6.56 58.88
CA ASP B 75 -17.41 5.72 59.99
C ASP B 75 -18.02 4.44 59.43
N PHE B 76 -17.51 3.31 59.88
CA PHE B 76 -17.89 2.03 59.31
C PHE B 76 -18.22 1.07 60.45
N THR B 77 -19.35 0.39 60.35
CA THR B 77 -19.77 -0.50 61.42
C THR B 77 -20.27 -1.81 60.85
N LEU B 78 -19.78 -2.90 61.44
CA LEU B 78 -20.25 -4.25 61.17
C LEU B 78 -21.10 -4.69 62.34
N LYS B 79 -22.33 -5.09 62.08
CA LYS B 79 -23.21 -5.54 63.14
C LYS B 79 -23.69 -6.95 62.86
N ILE B 80 -23.67 -7.77 63.90
CA ILE B 80 -24.09 -9.16 63.84
C ILE B 80 -25.38 -9.29 64.63
N SER B 81 -26.37 -9.94 64.02
CA SER B 81 -27.68 -10.14 64.62
C SER B 81 -27.84 -11.59 64.99
N ARG B 82 -28.20 -11.86 66.25
CA ARG B 82 -28.34 -13.22 66.76
C ARG B 82 -27.03 -14.00 66.56
N VAL B 83 -26.03 -13.56 67.30
CA VAL B 83 -24.71 -14.13 67.18
C VAL B 83 -24.66 -15.47 67.88
N GLU B 84 -24.11 -16.47 67.21
CA GLU B 84 -23.99 -17.81 67.75
C GLU B 84 -22.74 -17.90 68.61
N ALA B 85 -22.67 -18.98 69.39
CA ALA B 85 -21.51 -19.17 70.25
C ALA B 85 -20.26 -19.50 69.45
N GLU B 86 -20.43 -20.05 68.26
CA GLU B 86 -19.27 -20.37 67.44
C GLU B 86 -18.62 -19.11 66.88
N ASP B 87 -19.40 -18.06 66.67
CA ASP B 87 -18.90 -16.88 65.99
C ASP B 87 -18.07 -15.96 66.88
N LEU B 88 -17.81 -16.33 68.13
CA LEU B 88 -17.03 -15.46 68.99
C LEU B 88 -15.55 -15.54 68.63
N GLY B 89 -14.84 -14.44 68.86
CA GLY B 89 -13.44 -14.37 68.49
C GLY B 89 -12.99 -12.93 68.48
N VAL B 90 -11.89 -12.67 67.80
CA VAL B 90 -11.33 -11.32 67.74
C VAL B 90 -11.53 -10.77 66.33
N TYR B 91 -11.97 -9.52 66.24
CA TYR B 91 -12.32 -8.89 64.98
C TYR B 91 -11.38 -7.74 64.65
N TYR B 92 -10.92 -7.70 63.39
CA TYR B 92 -10.03 -6.66 62.93
C TYR B 92 -10.61 -6.01 61.69
N CYS B 93 -10.35 -4.71 61.50
CA CYS B 93 -10.78 -3.98 60.31
C CYS B 93 -9.55 -3.52 59.54
N PHE B 94 -9.45 -3.91 58.29
CA PHE B 94 -8.29 -3.65 57.46
C PHE B 94 -8.65 -2.67 56.37
N GLN B 95 -7.74 -1.76 56.06
CA GLN B 95 -7.98 -0.70 55.09
C GLN B 95 -6.82 -0.66 54.11
N ALA B 96 -7.11 -0.77 52.83
CA ALA B 96 -6.04 -0.93 51.85
C ALA B 96 -6.07 0.15 50.80
N SER B 97 -6.62 1.31 51.12
CA SER B 97 -6.79 2.35 50.11
C SER B 97 -5.57 3.22 49.95
N HIS B 98 -4.91 3.60 51.03
CA HIS B 98 -3.71 4.41 50.92
C HIS B 98 -2.46 3.51 50.96
N ALA B 99 -1.34 4.08 50.57
CA ALA B 99 -0.16 3.28 50.24
C ALA B 99 0.41 2.51 51.42
N PRO B 100 0.29 2.98 52.67
CA PRO B 100 0.46 2.07 53.80
C PRO B 100 -0.86 1.45 54.22
N ARG B 101 -0.87 0.13 54.38
CA ARG B 101 -2.07 -0.61 54.76
C ARG B 101 -1.98 -0.97 56.23
N THR B 102 -3.02 -0.63 56.99
CA THR B 102 -3.00 -0.83 58.44
C THR B 102 -4.25 -1.55 58.89
N PHE B 103 -4.11 -2.33 59.96
CA PHE B 103 -5.21 -3.01 60.61
C PHE B 103 -5.63 -2.25 61.86
N GLY B 104 -6.84 -2.51 62.32
CA GLY B 104 -7.33 -1.82 63.50
C GLY B 104 -6.86 -2.36 64.83
N GLY B 105 -7.26 -3.58 65.16
CA GLY B 105 -6.96 -4.18 66.44
C GLY B 105 -8.20 -4.34 67.30
N GLY B 106 -8.04 -5.12 68.37
CA GLY B 106 -9.06 -5.15 69.39
C GLY B 106 -10.31 -5.90 68.96
N THR B 107 -11.44 -5.52 69.56
CA THR B 107 -12.75 -6.10 69.32
C THR B 107 -12.81 -7.57 69.77
N LYS B 108 -12.68 -7.75 71.07
CA LYS B 108 -12.88 -9.06 71.68
C LYS B 108 -14.36 -9.29 71.95
N LEU B 109 -14.84 -10.49 71.68
CA LEU B 109 -16.25 -10.83 71.89
C LEU B 109 -16.40 -12.00 72.83
N GLU B 110 -17.22 -11.82 73.86
CA GLU B 110 -17.40 -12.83 74.90
C GLU B 110 -18.87 -13.15 75.05
N ILE B 111 -19.25 -14.40 74.80
CA ILE B 111 -20.64 -14.82 74.91
C ILE B 111 -21.01 -15.05 76.37
N LYS B 112 -22.13 -14.47 76.80
CA LYS B 112 -22.59 -14.62 78.17
C LYS B 112 -23.38 -15.91 78.34
N ARG B 113 -23.26 -16.52 79.52
CA ARG B 113 -23.96 -17.77 79.81
C ARG B 113 -24.08 -18.02 81.31
N ALA B 114 -24.63 -19.17 81.67
CA ALA B 114 -24.80 -19.55 83.07
C ALA B 114 -23.44 -19.80 83.72
N ASP B 115 -23.35 -19.57 85.02
CA ASP B 115 -22.09 -19.76 85.71
C ASP B 115 -21.84 -21.24 85.97
N ALA B 116 -20.59 -21.64 85.83
CA ALA B 116 -20.20 -23.02 86.01
C ALA B 116 -19.09 -23.11 87.05
N ALA B 117 -19.08 -24.15 87.74
CA ALA B 117 -17.99 -24.32 88.67
C ALA B 117 -16.92 -25.22 88.05
N PRO B 118 -15.65 -25.01 88.38
CA PRO B 118 -14.58 -25.78 87.74
C PRO B 118 -14.48 -27.18 88.30
N THR B 119 -14.16 -28.12 87.42
CA THR B 119 -13.75 -29.47 87.81
C THR B 119 -12.27 -29.40 88.12
N VAL B 120 -11.93 -29.17 89.37
CA VAL B 120 -10.56 -28.97 89.81
C VAL B 120 -9.90 -30.33 90.04
N SER B 121 -8.62 -30.42 89.70
CA SER B 121 -7.86 -31.65 89.89
C SER B 121 -6.39 -31.26 90.05
N ILE B 122 -5.76 -31.80 91.08
CA ILE B 122 -4.39 -31.47 91.45
C ILE B 122 -3.49 -32.66 91.17
N PHE B 123 -2.24 -32.39 90.81
CA PHE B 123 -1.32 -33.45 90.40
C PHE B 123 -0.02 -33.35 91.18
N PRO B 124 0.54 -34.45 91.64
CA PRO B 124 1.76 -34.41 92.48
C PRO B 124 3.02 -34.43 91.63
N PRO B 125 4.13 -33.88 92.14
CA PRO B 125 5.39 -33.88 91.37
C PRO B 125 5.80 -35.28 90.96
N SER B 126 6.33 -35.37 89.74
CA SER B 126 6.72 -36.64 89.17
C SER B 126 8.07 -37.10 89.72
N SER B 127 8.24 -38.42 89.77
CA SER B 127 9.51 -39.00 90.20
C SER B 127 10.67 -38.38 89.44
N GLU B 128 10.53 -38.24 88.11
CA GLU B 128 11.60 -37.72 87.29
C GLU B 128 11.99 -36.31 87.70
N GLN B 129 11.02 -35.51 88.14
CA GLN B 129 11.33 -34.12 88.50
C GLN B 129 11.96 -34.06 89.89
N LEU B 130 11.50 -34.90 90.81
CA LEU B 130 12.08 -34.93 92.14
C LEU B 130 13.56 -35.30 92.08
N THR B 131 13.91 -36.20 91.18
CA THR B 131 15.31 -36.61 91.03
C THR B 131 16.20 -35.43 90.67
N SER B 132 15.77 -34.59 89.73
CA SER B 132 16.54 -33.44 89.31
C SER B 132 16.51 -32.29 90.31
N GLY B 133 15.95 -32.50 91.50
CA GLY B 133 15.91 -31.46 92.50
C GLY B 133 14.83 -30.42 92.30
N GLY B 134 13.71 -30.79 91.68
CA GLY B 134 12.61 -29.86 91.51
C GLY B 134 11.30 -30.53 91.89
N ALA B 135 10.32 -29.70 92.24
CA ALA B 135 8.98 -30.19 92.56
C ALA B 135 7.98 -29.13 92.14
N SER B 136 7.06 -29.51 91.26
CA SER B 136 6.06 -28.60 90.74
C SER B 136 4.69 -29.26 90.85
N VAL B 137 3.82 -28.70 91.69
CA VAL B 137 2.46 -29.20 91.85
C VAL B 137 1.54 -28.36 90.98
N VAL B 138 0.73 -29.04 90.17
CA VAL B 138 -0.10 -28.39 89.17
C VAL B 138 -1.57 -28.62 89.53
N CYS B 139 -2.38 -27.57 89.38
CA CYS B 139 -3.81 -27.66 89.59
C CYS B 139 -4.55 -27.09 88.38
N PHE B 140 -5.33 -27.94 87.72
CA PHE B 140 -6.13 -27.56 86.58
C PHE B 140 -7.53 -27.18 87.05
N LEU B 141 -8.08 -26.11 86.48
CA LEU B 141 -9.42 -25.63 86.80
C LEU B 141 -10.20 -25.60 85.50
N ASN B 142 -10.74 -26.74 85.11
CA ASN B 142 -11.29 -26.88 83.76
C ASN B 142 -12.77 -26.50 83.71
N ASN B 143 -13.17 -25.98 82.56
CA ASN B 143 -14.57 -25.83 82.18
C ASN B 143 -15.39 -25.15 83.28
N PHE B 144 -15.06 -23.88 83.51
CA PHE B 144 -15.84 -23.05 84.41
C PHE B 144 -16.21 -21.75 83.71
N TYR B 145 -16.86 -20.86 84.46
CA TYR B 145 -17.31 -19.55 84.00
C TYR B 145 -17.85 -18.77 85.19
N PRO B 146 -17.73 -17.43 85.20
CA PRO B 146 -17.00 -16.58 84.26
C PRO B 146 -15.52 -16.72 84.47
N LYS B 147 -14.74 -15.88 83.76
CA LYS B 147 -13.29 -16.02 83.79
C LYS B 147 -12.74 -15.79 85.19
N ASP B 148 -13.30 -14.82 85.91
CA ASP B 148 -12.75 -14.36 87.18
C ASP B 148 -12.92 -15.45 88.24
N ILE B 149 -11.79 -16.00 88.68
CA ILE B 149 -11.75 -17.07 89.67
C ILE B 149 -10.36 -17.02 90.30
N ASN B 150 -10.28 -17.42 91.56
CA ASN B 150 -9.03 -17.39 92.31
C ASN B 150 -8.69 -18.79 92.82
N VAL B 151 -7.40 -19.13 92.76
CA VAL B 151 -6.89 -20.40 93.25
C VAL B 151 -5.88 -20.12 94.34
N LYS B 152 -5.95 -20.89 95.43
CA LYS B 152 -5.07 -20.69 96.57
C LYS B 152 -4.45 -22.01 96.99
N TRP B 153 -3.13 -22.06 96.99
CA TRP B 153 -2.39 -23.27 97.32
C TRP B 153 -2.17 -23.35 98.81
N LYS B 154 -2.44 -24.52 99.38
CA LYS B 154 -2.23 -24.75 100.81
C LYS B 154 -1.29 -25.93 100.97
N ILE B 155 -0.15 -25.69 101.61
CA ILE B 155 0.85 -26.71 101.88
C ILE B 155 0.77 -27.06 103.35
N ASP B 156 0.60 -28.34 103.66
CA ASP B 156 0.49 -28.83 105.03
C ASP B 156 -0.64 -28.14 105.79
N GLY B 157 -1.72 -27.83 105.08
CA GLY B 157 -2.92 -27.33 105.70
C GLY B 157 -2.93 -25.85 106.07
N SER B 158 -1.79 -25.18 106.09
CA SER B 158 -1.81 -23.77 106.49
C SER B 158 -1.00 -22.86 105.58
N GLU B 159 0.03 -23.37 104.91
CA GLU B 159 0.97 -22.52 104.19
C GLU B 159 0.36 -22.08 102.86
N ARG B 160 -0.22 -20.89 102.84
CA ARG B 160 -0.77 -20.33 101.61
C ARG B 160 0.37 -19.87 100.71
N GLN B 161 0.85 -20.77 99.86
CA GLN B 161 1.95 -20.44 98.96
C GLN B 161 1.46 -19.53 97.84
N ASN B 162 2.38 -18.69 97.36
CA ASN B 162 2.08 -17.73 96.30
C ASN B 162 2.96 -17.88 95.07
N GLY B 163 4.08 -18.60 95.16
CA GLY B 163 4.96 -18.80 94.02
C GLY B 163 4.40 -19.79 93.02
N VAL B 164 3.31 -19.40 92.37
CA VAL B 164 2.61 -20.23 91.40
C VAL B 164 2.66 -19.54 90.04
N LEU B 165 2.28 -20.28 89.01
CA LEU B 165 2.21 -19.75 87.66
C LEU B 165 0.82 -20.02 87.10
N ASN B 166 0.17 -18.99 86.58
CA ASN B 166 -1.19 -19.10 86.10
C ASN B 166 -1.28 -18.71 84.63
N SER B 167 -2.22 -19.34 83.93
CA SER B 167 -2.43 -19.11 82.51
C SER B 167 -3.88 -19.42 82.20
N TRP B 168 -4.47 -18.65 81.30
CA TRP B 168 -5.87 -18.82 80.93
C TRP B 168 -5.97 -19.26 79.48
N THR B 169 -6.76 -20.30 79.24
CA THR B 169 -7.17 -20.53 77.87
C THR B 169 -8.24 -19.51 77.51
N ASP B 170 -8.54 -19.44 76.21
CA ASP B 170 -9.61 -18.56 75.82
C ASP B 170 -10.94 -19.32 75.85
N GLN B 171 -12.02 -18.55 75.92
CA GLN B 171 -13.36 -19.11 75.99
C GLN B 171 -13.57 -20.17 74.92
N ASP B 172 -14.07 -21.32 75.31
CA ASP B 172 -14.18 -22.45 74.40
C ASP B 172 -15.38 -22.30 73.49
N SER B 173 -15.17 -22.50 72.18
CA SER B 173 -16.25 -22.32 71.22
C SER B 173 -17.40 -23.29 71.43
N LYS B 174 -17.12 -24.48 71.98
CA LYS B 174 -18.17 -25.47 72.15
C LYS B 174 -19.11 -25.09 73.28
N ASP B 175 -18.59 -24.93 74.49
CA ASP B 175 -19.42 -24.72 75.66
C ASP B 175 -19.23 -23.37 76.32
N SER B 176 -18.47 -22.46 75.71
CA SER B 176 -18.29 -21.08 76.18
C SER B 176 -17.75 -21.00 77.61
N THR B 177 -17.15 -22.07 78.11
CA THR B 177 -16.54 -22.05 79.43
C THR B 177 -15.07 -21.64 79.34
N TYR B 178 -14.44 -21.47 80.50
CA TYR B 178 -13.02 -21.19 80.57
C TYR B 178 -12.29 -22.34 81.23
N SER B 179 -10.96 -22.33 81.10
CA SER B 179 -10.09 -23.18 81.89
C SER B 179 -8.89 -22.33 82.30
N MET B 180 -8.08 -22.88 83.20
CA MET B 180 -6.85 -22.22 83.62
C MET B 180 -6.07 -23.19 84.49
N SER B 181 -4.76 -23.00 84.53
CA SER B 181 -3.87 -23.92 85.21
C SER B 181 -2.98 -23.17 86.17
N SER B 182 -2.80 -23.74 87.36
CA SER B 182 -1.97 -23.15 88.40
C SER B 182 -0.91 -24.16 88.82
N THR B 183 0.35 -23.81 88.60
CA THR B 183 1.48 -24.68 88.83
C THR B 183 2.32 -24.10 89.96
N LEU B 184 2.40 -24.84 91.07
CA LEU B 184 3.23 -24.46 92.21
C LEU B 184 4.57 -25.16 92.11
N THR B 185 5.63 -24.40 91.88
CA THR B 185 6.96 -24.91 91.63
C THR B 185 7.93 -24.44 92.72
N LEU B 186 8.68 -25.38 93.28
CA LEU B 186 9.65 -25.11 94.33
C LEU B 186 10.76 -26.16 94.24
N THR B 187 11.59 -26.22 95.28
CA THR B 187 12.70 -27.17 95.35
C THR B 187 12.22 -28.52 95.89
N LYS B 188 12.96 -29.57 95.50
CA LYS B 188 12.67 -30.91 96.00
C LYS B 188 12.76 -30.97 97.51
N ASP B 189 13.63 -30.16 98.12
CA ASP B 189 13.79 -30.18 99.56
C ASP B 189 12.65 -29.48 100.28
N GLU B 190 12.21 -28.34 99.74
CA GLU B 190 11.08 -27.64 100.32
C GLU B 190 9.77 -28.42 100.17
N TYR B 191 9.69 -29.27 99.14
CA TYR B 191 8.50 -30.10 98.95
C TYR B 191 8.51 -31.31 99.87
N GLU B 192 9.64 -32.02 99.95
CA GLU B 192 9.76 -33.16 100.86
C GLU B 192 9.41 -32.78 102.30
N ARG B 193 9.71 -31.54 102.68
CA ARG B 193 9.49 -31.05 104.03
C ARG B 193 8.02 -30.99 104.42
N HIS B 194 7.10 -31.40 103.54
CA HIS B 194 5.69 -31.30 103.84
C HIS B 194 4.96 -32.48 103.22
N ASN B 195 3.72 -32.70 103.66
CA ASN B 195 2.96 -33.90 103.29
C ASN B 195 1.64 -33.60 102.63
N SER B 196 0.88 -32.63 103.12
CA SER B 196 -0.46 -32.34 102.61
C SER B 196 -0.42 -31.12 101.70
N TYR B 197 -0.95 -31.28 100.49
CA TYR B 197 -1.00 -30.21 99.51
C TYR B 197 -2.43 -30.05 99.07
N THR B 198 -2.99 -28.85 99.24
CA THR B 198 -4.39 -28.59 98.96
C THR B 198 -4.54 -27.48 97.92
N CYS B 199 -5.45 -27.71 96.97
CA CYS B 199 -5.80 -26.74 95.94
C CYS B 199 -7.23 -26.29 96.19
N GLU B 200 -7.45 -24.98 96.20
CA GLU B 200 -8.77 -24.41 96.49
C GLU B 200 -9.17 -23.42 95.42
N ALA B 201 -10.26 -23.72 94.72
CA ALA B 201 -10.83 -22.81 93.73
C ALA B 201 -11.76 -21.81 94.41
N THR B 202 -11.66 -20.55 94.01
CA THR B 202 -12.55 -19.51 94.52
C THR B 202 -13.09 -18.64 93.39
N SER B 208 -17.67 -20.68 99.68
CA SER B 208 -17.80 -22.07 99.24
C SER B 208 -16.78 -22.41 98.17
N PRO B 209 -15.53 -22.62 98.58
CA PRO B 209 -14.47 -22.95 97.62
C PRO B 209 -14.50 -24.43 97.25
N ILE B 210 -13.86 -24.74 96.12
CA ILE B 210 -13.71 -26.11 95.64
C ILE B 210 -12.30 -26.55 96.01
N VAL B 211 -12.20 -27.60 96.83
CA VAL B 211 -10.91 -28.06 97.35
C VAL B 211 -10.53 -29.36 96.67
N LYS B 212 -9.22 -29.54 96.46
CA LYS B 212 -8.65 -30.81 96.08
C LYS B 212 -7.27 -30.91 96.73
N SER B 213 -6.90 -32.10 97.19
CA SER B 213 -5.66 -32.28 97.91
C SER B 213 -5.18 -33.72 97.83
N PHE B 214 -3.89 -33.90 98.11
CA PHE B 214 -3.27 -35.21 98.17
C PHE B 214 -2.26 -35.22 99.31
N ASN B 215 -2.00 -36.41 99.87
CA ASN B 215 -1.12 -36.55 101.03
C ASN B 215 -0.02 -37.59 100.76
N ARG B 216 1.08 -37.14 100.14
CA ARG B 216 2.35 -37.85 100.23
C ARG B 216 3.44 -37.15 99.43
N ASN B 217 4.64 -37.72 99.48
CA ASN B 217 5.68 -37.42 98.50
C ASN B 217 5.73 -38.47 97.40
N GLU B 218 5.13 -39.64 97.62
CA GLU B 218 5.06 -40.69 96.62
C GLU B 218 4.01 -41.71 97.04
N CYS B 219 3.32 -42.28 96.06
CA CYS B 219 2.27 -43.25 96.34
C CYS B 219 2.26 -44.39 95.33
N GLU C 1 -8.53 -28.02 47.29
CA GLU C 1 -8.83 -26.73 47.88
C GLU C 1 -7.64 -25.80 47.70
N VAL C 2 -7.47 -24.86 48.63
CA VAL C 2 -6.33 -23.95 48.65
C VAL C 2 -5.49 -24.29 49.87
N ILE C 3 -4.25 -24.70 49.64
CA ILE C 3 -3.36 -25.16 50.70
C ILE C 3 -2.12 -24.30 50.70
N LEU C 4 -1.88 -23.58 51.79
CA LEU C 4 -0.67 -22.79 51.99
C LEU C 4 0.07 -23.34 53.18
N VAL C 5 1.33 -23.73 52.98
CA VAL C 5 2.16 -24.22 54.08
C VAL C 5 3.47 -23.45 54.04
N GLU C 6 3.76 -22.72 55.11
CA GLU C 6 4.96 -21.91 55.18
C GLU C 6 5.90 -22.50 56.21
N SER C 7 7.20 -22.31 56.00
CA SER C 7 8.21 -22.94 56.82
C SER C 7 9.53 -22.22 56.61
N GLY C 8 10.39 -22.31 57.62
CA GLY C 8 11.65 -21.63 57.59
C GLY C 8 11.83 -20.71 58.77
N GLY C 9 11.11 -20.99 59.84
CA GLY C 9 11.14 -20.16 61.03
C GLY C 9 11.99 -20.79 62.12
N GLY C 10 12.88 -19.99 62.68
CA GLY C 10 13.72 -20.44 63.76
C GLY C 10 14.10 -19.31 64.68
N LEU C 11 15.22 -19.48 65.36
CA LEU C 11 15.76 -18.49 66.27
C LEU C 11 17.02 -17.89 65.66
N VAL C 12 17.06 -16.57 65.57
CA VAL C 12 18.19 -15.88 64.97
C VAL C 12 18.60 -14.73 65.90
N LYS C 13 19.87 -14.37 65.88
CA LYS C 13 20.39 -13.34 66.78
C LYS C 13 20.15 -11.95 66.21
N PRO C 14 19.94 -10.95 67.07
CA PRO C 14 19.55 -9.62 66.59
C PRO C 14 20.59 -9.06 65.63
N GLY C 15 20.12 -8.58 64.49
CA GLY C 15 21.00 -8.11 63.44
C GLY C 15 21.39 -9.16 62.43
N GLY C 16 20.95 -10.40 62.60
CA GLY C 16 21.30 -11.44 61.66
C GLY C 16 20.45 -11.45 60.41
N SER C 17 20.02 -12.63 59.97
CA SER C 17 19.18 -12.75 58.80
C SER C 17 18.44 -14.08 58.86
N LEU C 18 17.42 -14.20 58.03
CA LEU C 18 16.63 -15.42 57.95
C LEU C 18 15.85 -15.41 56.63
N LYS C 19 15.37 -16.58 56.24
CA LYS C 19 14.63 -16.73 54.99
C LYS C 19 13.44 -17.64 55.18
N LEU C 20 12.25 -17.15 54.85
CA LEU C 20 11.01 -17.91 54.99
C LEU C 20 10.50 -18.33 53.63
N SER C 21 9.81 -19.46 53.57
CA SER C 21 9.26 -19.94 52.30
C SER C 21 7.83 -20.39 52.51
N CYS C 22 7.04 -20.33 51.44
CA CYS C 22 5.63 -20.69 51.51
C CYS C 22 5.29 -21.41 50.21
N ALA C 23 4.84 -22.66 50.35
CA ALA C 23 4.45 -23.50 49.23
C ALA C 23 2.93 -23.56 49.17
N ALA C 24 2.39 -23.45 47.97
CA ALA C 24 0.97 -23.29 47.76
C ALA C 24 0.50 -24.27 46.72
N SER C 25 -0.62 -24.91 46.99
CA SER C 25 -1.15 -25.90 46.07
C SER C 25 -2.65 -25.76 46.01
N GLY C 26 -3.21 -26.10 44.85
CA GLY C 26 -4.63 -26.05 44.66
C GLY C 26 -5.12 -24.85 43.87
N PHE C 27 -4.23 -23.96 43.49
CA PHE C 27 -4.58 -22.83 42.63
C PHE C 27 -3.36 -22.48 41.79
N THR C 28 -3.59 -21.67 40.76
CA THR C 28 -2.51 -21.23 39.90
C THR C 28 -1.71 -20.15 40.62
N PHE C 29 -0.48 -20.49 41.01
CA PHE C 29 0.30 -19.55 41.79
C PHE C 29 0.62 -18.31 41.00
N SER C 30 0.74 -18.42 39.68
CA SER C 30 1.20 -17.30 38.88
C SER C 30 0.08 -16.33 38.49
N SER C 31 -1.14 -16.57 38.94
CA SER C 31 -2.22 -15.66 38.61
C SER C 31 -2.68 -14.83 39.79
N TYR C 32 -2.16 -15.07 40.97
CA TYR C 32 -2.63 -14.37 42.15
C TYR C 32 -1.52 -13.51 42.74
N THR C 33 -1.93 -12.40 43.34
CA THR C 33 -1.04 -11.57 44.14
C THR C 33 -0.82 -12.23 45.49
N MET C 34 0.38 -12.08 46.05
CA MET C 34 0.69 -12.76 47.30
C MET C 34 1.20 -11.77 48.33
N SER C 35 0.77 -11.94 49.57
CA SER C 35 1.12 -11.01 50.62
C SER C 35 1.77 -11.75 51.78
N TRP C 36 2.51 -11.01 52.58
CA TRP C 36 3.04 -11.50 53.85
C TRP C 36 2.55 -10.58 54.94
N VAL C 37 2.02 -11.15 56.00
CA VAL C 37 1.44 -10.43 57.12
C VAL C 37 2.09 -10.91 58.40
N ARG C 38 2.22 -10.03 59.37
CA ARG C 38 2.93 -10.34 60.60
C ARG C 38 2.04 -10.02 61.79
N GLN C 39 2.04 -10.90 62.78
CA GLN C 39 1.26 -10.72 64.00
C GLN C 39 2.18 -10.75 65.21
N THR C 40 2.21 -9.67 65.97
CA THR C 40 3.06 -9.55 67.13
C THR C 40 2.50 -10.35 68.29
N PRO C 41 3.28 -10.57 69.36
CA PRO C 41 2.72 -11.23 70.55
C PRO C 41 1.70 -10.39 71.28
N GLU C 42 1.50 -9.14 70.91
CA GLU C 42 0.40 -8.35 71.44
C GLU C 42 -0.85 -8.45 70.59
N LYS C 43 -0.99 -9.53 69.82
CA LYS C 43 -2.18 -9.79 69.03
C LYS C 43 -2.54 -8.65 68.09
N ARG C 44 -1.59 -7.81 67.70
CA ARG C 44 -1.84 -6.76 66.72
C ARG C 44 -1.22 -7.15 65.38
N LEU C 45 -2.05 -7.30 64.37
CA LEU C 45 -1.55 -7.66 63.06
C LEU C 45 -0.91 -6.45 62.40
N GLU C 46 -0.04 -6.72 61.44
CA GLU C 46 0.63 -5.66 60.68
C GLU C 46 0.96 -6.19 59.31
N TRP C 47 0.87 -5.34 58.30
CA TRP C 47 1.20 -5.72 56.93
C TRP C 47 2.70 -5.64 56.74
N VAL C 48 3.27 -6.55 55.97
CA VAL C 48 4.71 -6.67 55.82
C VAL C 48 5.14 -6.57 54.36
N ALA C 49 4.48 -7.30 53.46
CA ALA C 49 4.96 -7.23 52.09
C ALA C 49 3.87 -7.65 51.12
N THR C 50 4.02 -7.23 49.87
CA THR C 50 3.09 -7.64 48.82
C THR C 50 3.82 -7.73 47.49
N ILE C 51 3.60 -8.82 46.76
CA ILE C 51 4.22 -9.02 45.47
C ILE C 51 3.14 -9.34 44.46
N SER C 52 3.26 -8.74 43.28
CA SER C 52 2.30 -8.94 42.21
C SER C 52 2.46 -10.31 41.59
N SER C 53 1.66 -10.59 40.58
CA SER C 53 1.63 -11.94 40.03
C SER C 53 2.81 -12.19 39.12
N GLY C 54 3.25 -11.19 38.37
CA GLY C 54 4.45 -11.37 37.58
C GLY C 54 5.72 -11.24 38.39
N GLY C 55 5.62 -10.70 39.60
CA GLY C 55 6.79 -10.38 40.39
C GLY C 55 7.42 -9.05 40.05
N GLY C 56 6.85 -8.30 39.12
CA GLY C 56 7.45 -7.05 38.73
C GLY C 56 7.34 -5.95 39.75
N ASN C 57 6.23 -5.91 40.48
CA ASN C 57 5.98 -4.84 41.43
C ASN C 57 6.00 -5.41 42.84
N THR C 58 6.59 -4.68 43.77
CA THR C 58 6.78 -5.13 45.13
C THR C 58 6.54 -3.97 46.08
N TYR C 59 5.66 -4.15 47.05
CA TYR C 59 5.25 -3.07 47.93
C TYR C 59 5.58 -3.43 49.37
N TYR C 60 6.38 -2.59 50.03
CA TYR C 60 6.70 -2.70 51.44
C TYR C 60 6.25 -1.46 52.17
N PRO C 61 5.89 -1.57 53.45
CA PRO C 61 5.50 -0.39 54.21
C PRO C 61 6.75 0.38 54.60
N ASP C 62 6.54 1.53 55.24
CA ASP C 62 7.65 2.36 55.71
C ASP C 62 8.06 1.93 57.11
N SER C 63 8.26 0.64 57.30
CA SER C 63 8.81 0.12 58.55
C SER C 63 9.81 -1.00 58.33
N VAL C 64 9.86 -1.62 57.17
CA VAL C 64 10.83 -2.68 56.91
C VAL C 64 11.47 -2.44 55.56
N LYS C 65 11.25 -1.27 54.98
CA LYS C 65 11.71 -1.03 53.62
C LYS C 65 13.23 -0.96 53.60
N GLY C 66 13.83 -1.65 52.63
CA GLY C 66 15.27 -1.74 52.51
C GLY C 66 15.90 -2.88 53.29
N ARG C 67 15.25 -3.36 54.34
CA ARG C 67 15.76 -4.52 55.06
C ARG C 67 15.22 -5.82 54.48
N PHE C 68 13.93 -5.89 54.19
CA PHE C 68 13.28 -7.10 53.72
C PHE C 68 13.23 -7.15 52.19
N THR C 69 12.95 -8.34 51.68
CA THR C 69 12.85 -8.58 50.25
C THR C 69 11.88 -9.73 50.03
N ILE C 70 11.13 -9.70 48.95
CA ILE C 70 10.15 -10.73 48.68
C ILE C 70 10.30 -11.17 47.23
N SER C 71 10.22 -12.49 47.01
CA SER C 71 10.52 -13.04 45.71
C SER C 71 9.61 -14.24 45.49
N ARG C 72 9.67 -14.77 44.27
CA ARG C 72 8.62 -15.70 43.87
C ARG C 72 9.09 -16.53 42.69
N ASP C 73 8.92 -17.84 42.79
CA ASP C 73 9.14 -18.76 41.68
C ASP C 73 7.80 -19.30 41.25
N ASN C 74 7.36 -18.94 40.04
CA ASN C 74 6.10 -19.44 39.55
C ASN C 74 6.22 -20.85 38.98
N ALA C 75 7.43 -21.29 38.66
CA ALA C 75 7.60 -22.62 38.08
C ALA C 75 7.60 -23.68 39.16
N LYS C 76 8.18 -23.39 40.31
CA LYS C 76 8.14 -24.27 41.45
C LYS C 76 7.01 -23.94 42.41
N ASN C 77 6.27 -22.86 42.15
CA ASN C 77 5.18 -22.41 43.00
C ASN C 77 5.65 -22.17 44.44
N ASN C 78 6.62 -21.27 44.59
CA ASN C 78 7.18 -20.98 45.89
C ASN C 78 7.25 -19.48 46.11
N LEU C 79 7.02 -19.06 47.35
CA LEU C 79 7.10 -17.66 47.74
C LEU C 79 8.15 -17.51 48.83
N TYR C 80 9.12 -16.61 48.62
CA TYR C 80 10.24 -16.46 49.54
C TYR C 80 10.24 -15.08 50.15
N LEU C 81 10.41 -15.00 51.46
CA LEU C 81 10.66 -13.74 52.15
C LEU C 81 12.07 -13.76 52.70
N GLN C 82 12.95 -12.96 52.11
CA GLN C 82 14.32 -12.83 52.56
C GLN C 82 14.41 -11.69 53.56
N MET C 83 14.96 -11.97 54.73
CA MET C 83 15.06 -10.96 55.77
C MET C 83 16.51 -10.64 56.06
N SER C 84 16.75 -9.39 56.45
CA SER C 84 18.09 -8.95 56.81
C SER C 84 18.00 -7.79 57.78
N SER C 85 19.03 -7.65 58.61
CA SER C 85 19.10 -6.63 59.65
C SER C 85 17.88 -6.70 60.56
N LEU C 86 17.77 -7.81 61.28
CA LEU C 86 16.62 -8.05 62.13
C LEU C 86 16.66 -7.12 63.33
N ARG C 87 15.71 -7.32 64.24
CA ARG C 87 15.52 -6.38 65.34
C ARG C 87 14.61 -7.03 66.37
N SER C 88 14.56 -6.41 67.55
CA SER C 88 13.73 -6.94 68.63
C SER C 88 12.25 -6.74 68.37
N GLU C 89 11.89 -5.88 67.44
CA GLU C 89 10.49 -5.66 67.08
C GLU C 89 10.08 -6.44 65.83
N ASP C 90 10.70 -7.59 65.60
CA ASP C 90 10.31 -8.49 64.53
C ASP C 90 9.96 -9.86 65.04
N THR C 91 9.95 -10.07 66.35
CA THR C 91 9.58 -11.36 66.91
C THR C 91 8.07 -11.53 66.75
N ALA C 92 7.66 -12.36 65.82
CA ALA C 92 6.24 -12.39 65.48
C ALA C 92 5.93 -13.61 64.64
N LEU C 93 4.66 -13.80 64.38
CA LEU C 93 4.15 -14.93 63.62
C LEU C 93 3.82 -14.46 62.21
N TYR C 94 4.40 -15.11 61.21
CA TYR C 94 4.29 -14.65 59.84
C TYR C 94 3.35 -15.56 59.07
N TYR C 95 2.40 -14.96 58.35
CA TYR C 95 1.48 -15.66 57.46
C TYR C 95 1.75 -15.26 56.02
N CYS C 96 1.61 -16.22 55.10
CA CYS C 96 1.50 -15.92 53.68
C CYS C 96 0.03 -15.97 53.31
N ALA C 97 -0.42 -14.98 52.54
CA ALA C 97 -1.82 -14.82 52.23
C ALA C 97 -2.02 -14.61 50.75
N ARG C 98 -3.22 -14.94 50.27
CA ARG C 98 -3.58 -14.88 48.87
C ARG C 98 -4.51 -13.69 48.63
N TYR C 99 -4.72 -13.35 47.37
CA TYR C 99 -5.52 -12.19 47.00
C TYR C 99 -6.74 -12.62 46.21
N TYR C 100 -7.90 -12.19 46.66
CA TYR C 100 -9.20 -12.56 46.10
C TYR C 100 -9.60 -11.60 45.00
N ARG C 101 -10.48 -12.07 44.11
CA ARG C 101 -11.08 -11.15 43.15
C ARG C 101 -11.98 -10.18 43.88
N TYR C 102 -12.61 -9.30 43.11
CA TYR C 102 -13.52 -8.31 43.67
C TYR C 102 -12.84 -7.52 44.78
N GLU C 103 -11.53 -7.36 44.65
CA GLU C 103 -10.74 -6.45 45.49
C GLU C 103 -10.85 -6.81 46.97
N ALA C 104 -10.63 -8.08 47.27
CA ALA C 104 -10.44 -8.54 48.64
C ALA C 104 -8.98 -8.89 48.82
N TRP C 105 -8.37 -8.40 49.90
CA TRP C 105 -6.91 -8.43 49.98
C TRP C 105 -6.41 -9.79 50.43
N PHE C 106 -6.99 -10.34 51.49
CA PHE C 106 -6.53 -11.61 52.04
C PHE C 106 -7.67 -12.60 52.06
N ALA C 107 -7.66 -13.55 51.13
CA ALA C 107 -8.68 -14.58 51.06
C ALA C 107 -8.24 -15.86 51.74
N SER C 108 -7.11 -16.43 51.36
CA SER C 108 -6.60 -17.64 51.96
C SER C 108 -5.40 -17.27 52.79
N TRP C 109 -5.35 -17.76 54.02
CA TRP C 109 -4.19 -17.54 54.87
C TRP C 109 -3.45 -18.85 55.07
N GLY C 110 -2.18 -18.73 55.39
CA GLY C 110 -1.38 -19.88 55.75
C GLY C 110 -1.71 -20.37 57.15
N GLN C 111 -0.83 -21.21 57.67
CA GLN C 111 -0.95 -21.69 59.03
C GLN C 111 -0.24 -20.79 60.02
N GLY C 112 0.80 -20.09 59.59
CA GLY C 112 1.59 -19.27 60.46
C GLY C 112 2.90 -19.95 60.79
N THR C 113 4.01 -19.23 60.73
CA THR C 113 5.27 -19.75 61.25
C THR C 113 5.94 -18.66 62.08
N LEU C 114 6.47 -19.06 63.23
CA LEU C 114 6.94 -18.12 64.23
C LEU C 114 8.40 -17.77 63.99
N VAL C 115 8.79 -16.55 64.34
CA VAL C 115 10.15 -16.09 64.17
C VAL C 115 10.54 -15.29 65.40
N THR C 116 11.56 -15.77 66.10
CA THR C 116 12.06 -15.14 67.31
C THR C 116 13.45 -14.58 67.06
N VAL C 117 13.69 -13.35 67.53
CA VAL C 117 14.97 -12.69 67.36
C VAL C 117 15.45 -12.17 68.71
N SER C 118 16.52 -12.76 69.23
CA SER C 118 17.06 -12.37 70.52
C SER C 118 18.51 -12.79 70.67
N ALA C 119 18.98 -12.83 71.91
CA ALA C 119 20.35 -13.22 72.21
C ALA C 119 20.41 -14.36 73.22
N ALA C 120 19.34 -15.14 73.29
CA ALA C 120 19.29 -16.32 74.16
C ALA C 120 19.76 -17.57 73.43
N LYS C 121 19.83 -18.68 74.14
CA LYS C 121 20.27 -19.94 73.54
C LYS C 121 19.19 -21.02 73.61
N THR C 122 19.19 -21.91 72.62
CA THR C 122 18.23 -23.00 72.56
C THR C 122 18.25 -23.82 73.84
N THR C 123 17.06 -24.14 74.35
CA THR C 123 16.95 -24.93 75.58
C THR C 123 15.85 -25.97 75.45
N ALA C 124 16.23 -27.23 75.49
CA ALA C 124 15.26 -28.30 75.40
C ALA C 124 14.31 -28.28 76.60
N PRO C 125 13.11 -28.81 76.45
CA PRO C 125 12.15 -28.80 77.56
C PRO C 125 12.42 -29.95 78.53
N SER C 126 11.52 -30.07 79.50
CA SER C 126 11.56 -31.15 80.48
C SER C 126 10.14 -31.66 80.70
N VAL C 127 9.82 -32.80 80.10
CA VAL C 127 8.47 -33.32 80.09
C VAL C 127 8.24 -34.09 81.39
N TYR C 128 7.16 -33.77 82.09
CA TYR C 128 6.87 -34.48 83.32
C TYR C 128 5.50 -35.13 83.28
N PRO C 129 5.39 -36.38 83.71
CA PRO C 129 4.08 -37.01 83.79
C PRO C 129 3.27 -36.43 84.94
N LEU C 130 1.96 -36.55 84.83
CA LEU C 130 1.03 -36.09 85.86
C LEU C 130 -0.10 -37.09 85.94
N ALA C 131 -0.27 -37.69 87.10
CA ALA C 131 -1.33 -38.65 87.36
C ALA C 131 -1.79 -38.44 88.78
N PRO C 132 -3.06 -38.70 89.09
CA PRO C 132 -3.53 -38.57 90.46
C PRO C 132 -2.77 -39.52 91.37
N VAL C 133 -2.79 -39.19 92.67
CA VAL C 133 -2.02 -39.95 93.64
C VAL C 133 -2.52 -41.39 93.68
N CYS C 134 -1.61 -42.34 93.52
CA CYS C 134 -1.92 -43.77 93.58
C CYS C 134 -2.98 -44.17 92.55
N GLY C 135 -3.07 -43.43 91.45
CA GLY C 135 -4.08 -43.72 90.45
C GLY C 135 -5.51 -43.59 90.92
N ASP C 136 -5.75 -42.71 91.90
CA ASP C 136 -7.09 -42.52 92.43
C ASP C 136 -8.05 -42.08 91.33
N THR C 137 -9.25 -42.67 91.33
CA THR C 137 -10.24 -42.41 90.30
C THR C 137 -11.12 -41.23 90.69
N THR C 138 -11.69 -40.57 89.67
CA THR C 138 -12.60 -39.45 89.86
C THR C 138 -13.98 -39.84 89.35
N GLY C 139 -14.43 -41.03 89.76
CA GLY C 139 -15.70 -41.55 89.29
C GLY C 139 -15.56 -42.22 87.94
N SER C 140 -16.52 -41.98 87.07
CA SER C 140 -16.52 -42.57 85.74
C SER C 140 -15.49 -41.94 84.79
N SER C 141 -14.67 -41.03 85.26
CA SER C 141 -13.70 -40.38 84.38
C SER C 141 -12.42 -40.13 85.16
N VAL C 142 -11.32 -40.00 84.41
CA VAL C 142 -10.01 -39.73 84.97
C VAL C 142 -9.42 -38.58 84.18
N THR C 143 -8.69 -37.69 84.86
CA THR C 143 -8.01 -36.58 84.23
C THR C 143 -6.51 -36.71 84.42
N LEU C 144 -5.78 -36.80 83.31
CA LEU C 144 -4.33 -36.92 83.30
C LEU C 144 -3.72 -35.63 82.78
N GLY C 145 -2.49 -35.35 83.22
CA GLY C 145 -1.78 -34.15 82.83
C GLY C 145 -0.44 -34.47 82.21
N CYS C 146 0.32 -33.41 81.96
CA CYS C 146 1.64 -33.48 81.36
C CYS C 146 2.21 -32.08 81.43
N LEU C 147 3.49 -31.94 81.75
CA LEU C 147 4.05 -30.61 81.98
C LEU C 147 5.41 -30.50 81.31
N VAL C 148 5.53 -29.57 80.36
CA VAL C 148 6.81 -29.21 79.77
C VAL C 148 7.22 -27.89 80.38
N LYS C 149 8.52 -27.68 80.54
CA LYS C 149 9.01 -26.63 81.41
C LYS C 149 10.44 -26.28 81.07
N GLY C 150 10.73 -24.99 81.03
CA GLY C 150 12.06 -24.50 80.75
C GLY C 150 12.54 -24.77 79.33
N TYR C 151 11.83 -24.28 78.32
CA TYR C 151 12.27 -24.41 76.94
C TYR C 151 12.29 -23.04 76.28
N PHE C 152 12.97 -22.97 75.14
CA PHE C 152 13.13 -21.74 74.39
C PHE C 152 13.66 -22.08 73.00
N PRO C 153 13.08 -21.51 71.94
CA PRO C 153 11.95 -20.59 71.90
C PRO C 153 10.59 -21.26 71.92
N GLU C 154 9.54 -20.43 71.74
CA GLU C 154 8.16 -20.83 72.00
C GLU C 154 7.68 -22.08 71.28
N PRO C 155 7.91 -22.27 69.98
CA PRO C 155 7.16 -23.31 69.26
C PRO C 155 7.37 -24.68 69.87
N VAL C 156 6.30 -25.24 70.41
CA VAL C 156 6.31 -26.59 70.95
C VAL C 156 5.02 -27.27 70.51
N THR C 157 5.09 -28.58 70.30
CA THR C 157 3.94 -29.35 69.88
C THR C 157 3.67 -30.42 70.93
N LEU C 158 2.41 -30.53 71.34
CA LEU C 158 2.01 -31.51 72.34
C LEU C 158 0.77 -32.22 71.84
N THR C 159 0.82 -33.55 71.83
CA THR C 159 -0.35 -34.36 71.50
C THR C 159 -0.46 -35.50 72.49
N TRP C 160 -1.53 -36.27 72.36
CA TRP C 160 -1.72 -37.49 73.13
C TRP C 160 -1.95 -38.66 72.18
N ASN C 161 -1.10 -39.68 72.28
CA ASN C 161 -1.21 -40.86 71.44
C ASN C 161 -1.19 -40.48 69.96
N SER C 162 -0.18 -39.69 69.58
CA SER C 162 0.05 -39.28 68.20
C SER C 162 -1.15 -38.59 67.57
N GLY C 163 -2.07 -38.11 68.39
CA GLY C 163 -3.28 -37.50 67.89
C GLY C 163 -4.49 -38.40 67.89
N SER C 164 -4.41 -39.57 68.53
CA SER C 164 -5.61 -40.38 68.71
C SER C 164 -6.50 -39.76 69.79
N LEU C 165 -5.90 -39.32 70.88
CA LEU C 165 -6.62 -38.60 71.91
C LEU C 165 -6.75 -37.15 71.47
N SER C 166 -7.97 -36.72 71.18
CA SER C 166 -8.20 -35.34 70.79
C SER C 166 -9.47 -34.73 71.36
N SER C 167 -10.27 -35.48 72.12
CA SER C 167 -11.63 -35.05 72.41
C SER C 167 -11.70 -34.14 73.63
N GLY C 168 -11.22 -34.62 74.77
CA GLY C 168 -11.36 -33.86 76.01
C GLY C 168 -10.06 -33.25 76.50
N VAL C 169 -9.26 -32.73 75.58
CA VAL C 169 -7.94 -32.22 75.88
C VAL C 169 -8.04 -30.76 76.32
N HIS C 170 -7.03 -30.29 77.04
CA HIS C 170 -6.92 -28.88 77.44
C HIS C 170 -5.46 -28.48 77.45
N THR C 171 -4.97 -27.93 76.34
CA THR C 171 -3.62 -27.39 76.29
C THR C 171 -3.66 -25.92 76.73
N PHE C 172 -2.77 -25.55 77.62
CA PHE C 172 -2.77 -24.18 78.13
C PHE C 172 -1.65 -23.38 77.50
N PRO C 173 -1.90 -22.10 77.24
CA PRO C 173 -0.93 -21.31 76.47
C PRO C 173 0.31 -21.03 77.28
N ALA C 174 1.43 -20.91 76.56
CA ALA C 174 2.73 -20.85 77.21
C ALA C 174 2.93 -19.51 77.90
N VAL C 175 3.49 -19.56 79.09
CA VAL C 175 3.77 -18.37 79.89
C VAL C 175 5.27 -18.19 79.93
N LEU C 176 5.75 -17.00 79.57
CA LEU C 176 7.17 -16.73 79.56
C LEU C 176 7.62 -16.20 80.91
N GLN C 177 8.77 -16.68 81.37
CA GLN C 177 9.37 -16.20 82.61
C GLN C 177 10.84 -16.57 82.58
N SER C 178 11.69 -15.60 82.93
CA SER C 178 13.14 -15.82 83.02
C SER C 178 13.69 -16.42 81.74
N ASP C 179 13.21 -15.92 80.61
CA ASP C 179 13.63 -16.39 79.30
C ASP C 179 13.41 -17.90 79.17
N LEU C 180 12.32 -18.38 79.77
CA LEU C 180 11.97 -19.78 79.63
C LEU C 180 10.45 -19.88 79.55
N TYR C 181 9.97 -20.88 78.83
CA TYR C 181 8.55 -21.05 78.59
C TYR C 181 8.03 -22.25 79.38
N THR C 182 6.74 -22.21 79.70
CA THR C 182 6.12 -23.23 80.51
C THR C 182 4.73 -23.52 79.97
N LEU C 183 4.41 -24.80 79.81
CA LEU C 183 3.18 -25.20 79.16
C LEU C 183 2.70 -26.49 79.78
N SER C 184 1.37 -26.64 79.87
CA SER C 184 0.80 -27.84 80.44
C SER C 184 -0.45 -28.22 79.67
N SER C 185 -0.94 -29.42 79.94
CA SER C 185 -2.08 -29.94 79.20
C SER C 185 -2.79 -30.94 80.09
N SER C 186 -4.10 -31.08 79.90
CA SER C 186 -4.87 -32.10 80.58
C SER C 186 -5.72 -32.87 79.59
N VAL C 187 -5.98 -34.13 79.91
CA VAL C 187 -6.86 -34.98 79.13
C VAL C 187 -7.77 -35.70 80.13
N THR C 188 -9.02 -35.91 79.74
CA THR C 188 -9.99 -36.56 80.61
C THR C 188 -10.58 -37.75 79.88
N VAL C 189 -10.31 -38.95 80.41
CA VAL C 189 -10.75 -40.20 79.81
C VAL C 189 -11.52 -40.99 80.85
N THR C 190 -12.35 -41.93 80.38
CA THR C 190 -13.11 -42.76 81.30
C THR C 190 -12.16 -43.62 82.12
N SER C 191 -12.62 -43.98 83.32
CA SER C 191 -11.83 -44.84 84.19
C SER C 191 -11.44 -46.15 83.51
N SER C 192 -12.30 -46.64 82.61
CA SER C 192 -12.07 -47.89 81.88
C SER C 192 -11.08 -47.74 80.73
N THR C 193 -10.35 -46.63 80.64
CA THR C 193 -9.43 -46.40 79.55
C THR C 193 -7.98 -46.35 80.01
N TRP C 194 -7.64 -45.45 80.94
CA TRP C 194 -6.23 -45.21 81.23
C TRP C 194 -5.56 -46.36 81.95
N PRO C 195 -6.02 -46.79 83.14
CA PRO C 195 -5.40 -47.99 83.74
C PRO C 195 -5.50 -49.18 82.83
N SER C 196 -6.52 -49.22 81.97
CA SER C 196 -6.72 -50.32 81.04
C SER C 196 -5.71 -50.27 79.90
N GLN C 197 -5.55 -49.11 79.27
CA GLN C 197 -4.50 -48.89 78.28
C GLN C 197 -3.81 -47.57 78.57
N SER C 198 -2.48 -47.59 78.56
CA SER C 198 -1.71 -46.41 78.91
C SER C 198 -1.93 -45.28 77.92
N ILE C 199 -1.75 -44.05 78.39
CA ILE C 199 -1.86 -42.85 77.57
C ILE C 199 -0.49 -42.20 77.48
N THR C 200 -0.10 -41.84 76.26
CA THR C 200 1.22 -41.32 76.00
C THR C 200 1.14 -39.84 75.66
N CYS C 201 1.98 -39.04 76.31
CA CYS C 201 2.04 -37.60 76.10
C CYS C 201 3.17 -37.31 75.11
N ASN C 202 2.82 -37.03 73.86
CA ASN C 202 3.80 -36.79 72.84
C ASN C 202 4.18 -35.31 72.84
N VAL C 203 5.48 -35.03 72.89
CA VAL C 203 5.99 -33.67 72.96
C VAL C 203 7.12 -33.51 71.95
N ALA C 204 7.15 -32.38 71.26
CA ALA C 204 8.15 -32.14 70.25
C ALA C 204 8.57 -30.69 70.30
N HIS C 205 9.88 -30.47 70.42
CA HIS C 205 10.47 -29.14 70.37
C HIS C 205 11.39 -29.09 69.16
N PRO C 206 10.92 -28.60 68.03
CA PRO C 206 11.73 -28.67 66.81
C PRO C 206 13.00 -27.85 66.87
N ALA C 207 13.02 -26.78 67.68
CA ALA C 207 14.19 -25.92 67.74
C ALA C 207 15.42 -26.70 68.17
N SER C 208 15.28 -27.65 69.08
CA SER C 208 16.38 -28.45 69.58
C SER C 208 16.32 -29.88 69.07
N SER C 209 15.50 -30.14 68.06
CA SER C 209 15.30 -31.49 67.51
C SER C 209 14.84 -32.47 68.58
N THR C 210 14.35 -31.96 69.70
CA THR C 210 13.86 -32.80 70.78
C THR C 210 12.50 -33.38 70.42
N LYS C 211 12.30 -34.65 70.75
CA LYS C 211 11.01 -35.30 70.52
C LYS C 211 10.93 -36.46 71.50
N VAL C 212 9.97 -36.40 72.41
CA VAL C 212 9.86 -37.38 73.48
C VAL C 212 8.39 -37.73 73.68
N ASP C 213 8.13 -39.02 73.89
CA ASP C 213 6.79 -39.54 74.13
C ASP C 213 6.76 -40.08 75.55
N LYS C 214 6.12 -39.36 76.45
CA LYS C 214 6.08 -39.73 77.86
C LYS C 214 4.76 -40.43 78.15
N LYS C 215 4.85 -41.70 78.55
CA LYS C 215 3.66 -42.43 78.97
C LYS C 215 3.25 -42.00 80.37
N ILE C 216 1.95 -41.93 80.61
CA ILE C 216 1.42 -41.55 81.90
C ILE C 216 1.32 -42.79 82.77
N GLU C 217 1.91 -42.74 83.96
CA GLU C 217 1.96 -43.92 84.81
C GLU C 217 1.26 -43.67 86.14
N PRO C 218 0.43 -44.64 86.60
CA PRO C 218 -0.23 -44.52 87.90
C PRO C 218 0.77 -44.44 89.05
C1 CLR D . 8.87 -3.77 27.53
C2 CLR D . 8.97 -3.72 29.06
C3 CLR D . 8.23 -4.89 29.70
C4 CLR D . 8.83 -6.20 29.24
C5 CLR D . 8.87 -6.21 27.73
C6 CLR D . 8.36 -7.24 27.05
C7 CLR D . 9.01 -7.74 25.77
C8 CLR D . 9.71 -6.60 25.04
C9 CLR D . 9.21 -5.23 25.51
C10 CLR D . 9.49 -5.05 27.00
C11 CLR D . 9.81 -4.07 24.70
C12 CLR D . 9.80 -4.29 23.19
C13 CLR D . 10.40 -5.65 22.91
C14 CLR D . 9.50 -6.68 23.56
C15 CLR D . 9.83 -7.99 22.87
C16 CLR D . 10.28 -7.61 21.46
C17 CLR D . 10.49 -6.09 21.45
C18 CLR D . 11.79 -5.73 23.53
C19 CLR D . 10.99 -5.06 27.27
C20 CLR D . 11.82 -5.71 20.83
C21 CLR D . 12.11 -4.23 21.00
C22 CLR D . 11.85 -6.11 19.35
C23 CLR D . 12.59 -7.42 19.14
C24 CLR D . 12.26 -8.03 17.79
C25 CLR D . 13.20 -7.51 16.71
C26 CLR D . 13.00 -8.26 15.40
C27 CLR D . 13.04 -6.01 16.51
O1 CLR D . 8.33 -4.80 31.14
C1 CLR E . 3.70 -17.55 4.96
C2 CLR E . 4.44 -18.31 6.04
C3 CLR E . 4.84 -19.71 5.54
C4 CLR E . 5.79 -19.55 4.37
C5 CLR E . 5.13 -18.71 3.30
C6 CLR E . 5.13 -19.19 2.04
C7 CLR E . 4.51 -18.45 0.87
C8 CLR E . 4.26 -17.00 1.22
C9 CLR E . 3.60 -16.87 2.58
C10 CLR E . 4.52 -17.38 3.68
C11 CLR E . 3.14 -15.43 2.89
C12 CLR E . 2.35 -14.78 1.76
C13 CLR E . 3.18 -14.88 0.49
C14 CLR E . 3.36 -16.34 0.18
C15 CLR E . 3.80 -16.39 -1.27
C16 CLR E . 3.12 -15.18 -1.91
C17 CLR E . 2.55 -14.33 -0.78
C18 CLR E . 4.52 -14.20 0.71
C19 CLR E . 5.66 -16.40 3.92
C20 CLR E . 2.82 -12.84 -0.98
C21 CLR E . 2.38 -12.05 0.23
C22 CLR E . 2.12 -12.33 -2.24
C23 CLR E . 2.97 -12.52 -3.49
C24 CLR E . 2.10 -12.97 -4.66
C25 CLR E . 2.84 -12.86 -5.98
C26 CLR E . 2.96 -11.40 -6.41
C27 CLR E . 4.21 -13.53 -5.92
O1 CLR E . 5.49 -20.43 6.59
C1 CLR F . -9.00 -31.66 19.40
C2 CLR F . -9.35 -32.91 20.21
C3 CLR F . -10.39 -32.57 21.27
C4 CLR F . -11.67 -32.09 20.60
C5 CLR F . -11.37 -30.98 19.62
C6 CLR F . -12.17 -29.90 19.64
C7 CLR F . -12.01 -28.74 18.68
C8 CLR F . -11.14 -29.14 17.50
C9 CLR F . -9.87 -29.80 18.02
C10 CLR F . -10.22 -31.14 18.66
C11 CLR F . -8.77 -29.98 16.96
C12 CLR F . -8.57 -28.76 16.05
C13 CLR F . -9.93 -28.36 15.48
C14 CLR F . -10.78 -27.94 16.65
C15 CLR F . -11.92 -27.16 16.03
C16 CLR F . -11.33 -26.53 14.77
C17 CLR F . -9.96 -27.16 14.55
C18 CLR F . -10.55 -29.56 14.77
C19 CLR F . -10.65 -32.14 17.59
C20 CLR F . -9.72 -27.53 13.09
C21 CLR F . -8.41 -28.27 12.92
C22 CLR F . -9.75 -26.27 12.22
C23 CLR F . -9.40 -26.59 10.78
C24 CLR F . -9.19 -25.31 9.98
C25 CLR F . -8.23 -25.52 8.83
C26 CLR F . -8.04 -24.24 8.04
C27 CLR F . -6.89 -26.06 9.31
O1 CLR F . -10.67 -33.74 22.06
C1 CLR G . 2.37 8.02 29.91
C2 CLR G . 2.81 7.22 31.14
C3 CLR G . 2.52 8.01 32.40
C4 CLR G . 1.02 8.15 32.54
C5 CLR G . 0.39 8.72 31.29
C6 CLR G . -0.62 9.60 31.44
C7 CLR G . -1.37 10.22 30.29
C8 CLR G . -0.90 9.74 28.93
C9 CLR G . 0.59 9.42 28.94
C10 CLR G . 0.88 8.30 29.93
C11 CLR G . 1.13 9.07 27.55
C12 CLR G . 0.76 10.11 26.49
C13 CLR G . -0.75 10.29 26.51
C14 CLR G . -1.13 10.80 27.88
C15 CLR G . -2.56 11.30 27.70
C16 CLR G . -2.61 11.80 26.25
C17 CLR G . -1.32 11.34 25.59
C18 CLR G . -1.43 8.96 26.23
C19 CLR G . 0.13 7.04 29.51
C20 CLR G . -1.55 10.84 24.17
C21 CLR G . -0.27 10.30 23.56
C22 CLR G . -2.13 11.95 23.30
C23 CLR G . -2.65 11.41 21.98
C24 CLR G . -3.51 12.44 21.27
C25 CLR G . -3.24 12.43 19.77
C26 CLR G . -4.23 13.33 19.03
C27 CLR G . -1.80 12.83 19.47
O1 CLR G . 3.06 7.34 33.54
C1 CLR H . -8.35 13.45 29.16
C2 CLR H . -8.83 12.66 30.37
C3 CLR H . -10.11 13.26 30.92
C4 CLR H . -11.20 13.13 29.87
C5 CLR H . -10.74 13.78 28.57
C6 CLR H . -11.59 14.62 27.97
C7 CLR H . -11.28 15.34 26.67
C8 CLR H . -10.05 14.76 26.00
C9 CLR H . -8.94 14.48 27.00
C10 CLR H . -9.37 13.46 28.03
C11 CLR H . -7.63 14.05 26.32
C12 CLR H . -7.20 14.99 25.21
C13 CLR H . -8.34 15.14 24.23
C14 CLR H . -9.51 15.74 24.98
C15 CLR H . -10.45 16.23 23.89
C16 CLR H . -9.52 16.63 22.73
C17 CLR H . -8.14 16.11 23.07
C18 CLR H . -8.71 13.77 23.68
C19 CLR H . -9.43 12.07 27.39
C20 CLR H . -7.45 15.47 21.87
C21 CLR H . -6.12 14.86 22.27
C22 CLR H . -7.28 16.49 20.75
C23 CLR H . -5.86 16.48 20.20
C24 CLR H . -5.76 17.34 18.96
C25 CLR H . -4.32 17.76 18.70
C26 CLR H . -4.12 18.14 17.23
C27 CLR H . -3.92 18.92 19.61
O1 CLR H . -10.50 12.57 32.11
C1 CLR I . -18.43 13.98 28.74
C2 CLR I . -18.53 13.97 30.26
C3 CLR I . -17.26 13.40 30.86
C4 CLR I . -16.08 14.29 30.50
C5 CLR I . -16.03 14.48 29.01
C6 CLR I . -14.83 14.33 28.41
C7 CLR I . -14.62 14.51 26.92
C8 CLR I . -15.78 15.25 26.29
C9 CLR I . -17.10 14.64 26.76
C10 CLR I . -17.28 14.85 28.25
C11 CLR I . -18.32 15.18 25.98
C12 CLR I . -18.12 15.15 24.47
C13 CLR I . -16.85 15.92 24.15
C14 CLR I . -15.70 15.16 24.77
C15 CLR I . -14.46 15.71 24.10
C16 CLR I . -14.93 16.10 22.69
C17 CLR I . -16.45 16.01 22.68
C18 CLR I . -16.94 17.32 24.73
C19 CLR I . -17.59 16.32 28.55
C20 CLR I . -17.11 17.18 21.96
C21 CLR I . -18.63 17.12 22.08
C22 CLR I . -16.69 17.20 20.49
C23 CLR I . -17.22 18.44 19.78
C24 CLR I . -16.31 18.85 18.64
C25 CLR I . -16.60 20.28 18.20
C26 CLR I . -16.32 20.46 16.71
C27 CLR I . -18.03 20.67 18.53
O1 CLR I . -17.39 13.32 32.29
#